data_7OS0
#
_entry.id   7OS0
#
_cell.length_a   61.387
_cell.length_b   91.082
_cell.length_c   136.509
_cell.angle_alpha   89.990
_cell.angle_beta   103.690
_cell.angle_gamma   97.650
#
_symmetry.space_group_name_H-M   'P 1'
#
loop_
_entity.id
_entity.type
_entity.pdbx_description
1 polymer Cas13a
2 polymer crRNA
3 non-polymer 1,2-ETHANEDIOL
4 non-polymer BETA-MERCAPTOETHANOL
5 water water
#
loop_
_entity_poly.entity_id
_entity_poly.type
_entity_poly.pdbx_seq_one_letter_code
_entity_poly.pdbx_strand_id
1 'polypeptide(L)'
;MQIGKVQGRTISEFGDPAGGLKRKISTDGKNRKELPAHLSSDPKALIGQWISGIDKIYRKPDSRKSDGKAIHSPTPSKMQ
FDARDDLGEAFWKLVSEAGLAQDSDYDQFKRRLHPYGDKFQPADSGAKLKFEADPPEPQAFHGRWYGAMSKRGNDAKELA
AALYEHLHVDEKRIDGQPKRNPKTDKFAPGLVVARALGIESSVLPRGMARLARNWGEEEIQTYFVVDVAASVKEVAKAAV
SAAQAFDPPRQVSGRSLSPKVGFALAEHLERVTGSKRCSFDPAAGPSVLALHDEVKKTYKRLCARGKNAARAFPADKTEL
LALMRHTHENRVRNQMVRMGRVSEYRGQQAGDLAQSHYWTSAGQTEIKESEIFVRLWVGAFALAGRSMKAWIDPMGKIVN
TEKNDRDLTAAVNIRQVISNKEMVAEAMARRGIYFGETPELDRLGAEGNEGFVFALLRYLRGCRNQTFHLGARAGFLKEI
RKELEKTRWGKAKEAEHVVLTDKTVAAIRAIIDNDAKALGARLLADLSGAFVAHYASKEHFSTLYSEIVKAVKDAPEVSS
GLPRLKLLLKRADGVRGYVHGLRDTRKHAFATKLPPPPAPRELDDPATKARYIALLRLYDGPFRAYASGITGTALAGPAA
RAKEAATALAQSVNVTKAYSDVMEGRTSRLRPPNDGETLREYLSALTGETATEFRVQIGYESDSENARKQAEFIENYRRD
MLAFMFEDYIRAKGFDWILKIEPGATAMTRAPVLPEPIDTRGQYEHWQAALYLVMHFVPASDVSNLLHQLRKWEALQGKY
ELVQDGDATDQADARREALDLVKRFRDVLVLFLKTGEARFEGRAAPFDLKPFRALFANPATFDRLFMATPTTARPAEDDP
EGDGASEPELRVARTLRGLRQIARYNHMAVLSDLFAKHKVRDEEVARLAEIEDETQEKSQIVAAQELRTDLHDKVMKCHP
KTISPEERQSYAAAIKTIEEHRFLVGRVYLGDHLRLHRLMMDVIGRLIDYAGAYERDTGTFLINASKQLGAGADWAVTIA
GAANTDARTQTRKDLAHFNVLDRADGTPDLTALVNRAREMMAYDRKRKNAVPRSILDMLARLGLTLKWQMKDHLLQDATI
TQAAIKHLDKVRLTVGGPAAVTEARFSQDYLQMVAAVFNGSVQNPKPRRRDDGDAWHKPPKPATAQSQPDQKPPNKAPSA
GSRLPPPQVGEVYEGVVVKVIDTGSLGFLAVEGVAGNIGLHISRLRRIREDAIIVGRRYRFRVEIYVPPKSNTSKLNAAD
LVRIDENLYFQKLAAALEHHHHHH
;
A,C
2 'polyribonucleotide' GCCUCACAUCACCGCCAAGACGACGGCGGACUGAACCUUCAUUACCUCUGUUUG D,F
#
# COMPACT_ATOMS: atom_id res chain seq x y z
N MET A 1 -21.74 36.57 27.80
CA MET A 1 -20.79 37.56 28.38
C MET A 1 -21.32 38.15 29.68
N GLN A 2 -20.39 38.73 30.46
CA GLN A 2 -20.67 39.20 31.81
C GLN A 2 -20.94 40.70 31.84
N ILE A 3 -20.29 41.44 30.95
CA ILE A 3 -20.27 42.91 30.94
C ILE A 3 -21.67 43.55 30.94
N GLY A 4 -22.01 44.22 32.05
CA GLY A 4 -23.30 44.87 32.23
C GLY A 4 -24.50 43.92 32.28
N LYS A 5 -24.20 42.61 32.40
CA LYS A 5 -25.18 41.53 32.26
C LYS A 5 -25.94 41.61 30.93
N VAL A 6 -25.26 42.13 29.89
CA VAL A 6 -25.83 42.23 28.56
C VAL A 6 -26.20 40.83 28.05
N GLN A 7 -27.32 40.74 27.34
CA GLN A 7 -27.80 39.48 26.79
C GLN A 7 -27.27 39.29 25.38
N GLY A 8 -27.06 38.01 25.01
CA GLY A 8 -26.56 37.61 23.71
C GLY A 8 -25.22 36.89 23.77
N ARG A 9 -24.76 36.46 22.58
CA ARG A 9 -23.48 35.75 22.37
C ARG A 9 -22.54 36.65 21.57
N THR A 10 -21.23 36.36 21.60
CA THR A 10 -20.31 37.02 20.71
C THR A 10 -19.92 36.08 19.59
N ILE A 11 -19.80 36.66 18.39
CA ILE A 11 -19.40 35.98 17.16
C ILE A 11 -18.14 36.67 16.68
N SER A 12 -17.21 35.90 16.11
CA SER A 12 -16.06 36.45 15.38
C SER A 12 -16.15 36.07 13.90
N GLU A 13 -16.11 37.09 13.02
CA GLU A 13 -16.14 36.91 11.56
C GLU A 13 -15.11 37.78 10.89
N PHE A 14 -14.86 37.47 9.61
CA PHE A 14 -14.17 38.36 8.68
C PHE A 14 -15.19 39.30 8.07
N GLY A 15 -14.70 40.28 7.31
CA GLY A 15 -15.54 41.29 6.68
C GLY A 15 -14.95 42.68 6.79
N ASP A 16 -14.14 42.89 7.83
CA ASP A 16 -13.41 44.13 8.01
C ASP A 16 -12.49 44.36 6.83
N PRO A 17 -12.39 45.61 6.31
CA PRO A 17 -11.52 45.90 5.16
C PRO A 17 -10.03 45.62 5.39
N ALA A 18 -9.59 45.55 6.66
CA ALA A 18 -8.21 45.17 7.01
C ALA A 18 -7.91 43.69 6.78
N GLY A 19 -8.96 42.88 6.57
CA GLY A 19 -8.85 41.46 6.31
C GLY A 19 -8.58 40.63 7.55
N GLY A 20 -9.14 41.08 8.68
CA GLY A 20 -8.95 40.45 9.98
C GLY A 20 -10.26 40.10 10.66
N LEU A 21 -10.16 39.30 11.72
CA LEU A 21 -11.31 38.90 12.51
C LEU A 21 -11.76 40.09 13.34
N LYS A 22 -13.09 40.24 13.47
CA LYS A 22 -13.70 41.21 14.37
C LYS A 22 -14.80 40.49 15.15
N ARG A 23 -14.90 40.82 16.44
CA ARG A 23 -15.92 40.27 17.36
C ARG A 23 -17.13 41.21 17.37
N LYS A 24 -18.32 40.65 17.20
CA LYS A 24 -19.60 41.33 17.25
C LYS A 24 -20.50 40.61 18.25
N ILE A 25 -21.61 41.25 18.60
CA ILE A 25 -22.62 40.66 19.47
C ILE A 25 -23.87 40.33 18.65
N SER A 26 -24.45 39.15 18.91
CA SER A 26 -25.68 38.68 18.26
C SER A 26 -26.70 38.35 19.33
N THR A 27 -27.91 38.91 19.21
CA THR A 27 -28.97 38.73 20.21
C THR A 27 -29.96 37.62 19.89
N ASP A 28 -30.12 37.31 18.60
CA ASP A 28 -31.09 36.29 18.16
C ASP A 28 -30.47 35.13 17.39
N GLY A 29 -29.13 35.03 17.41
CA GLY A 29 -28.39 34.04 16.66
C GLY A 29 -28.13 34.38 15.19
N LYS A 30 -28.83 35.40 14.67
CA LYS A 30 -28.75 35.78 13.26
C LYS A 30 -28.11 37.15 13.05
N ASN A 31 -28.57 38.14 13.83
CA ASN A 31 -28.09 39.51 13.69
C ASN A 31 -26.63 39.69 14.14
N ARG A 32 -26.03 40.80 13.73
CA ARG A 32 -24.64 41.20 14.07
C ARG A 32 -24.66 42.67 14.51
N LYS A 33 -24.20 42.95 15.73
CA LYS A 33 -24.18 44.30 16.27
C LYS A 33 -22.76 44.65 16.72
N GLU A 34 -22.33 45.88 16.42
CA GLU A 34 -21.00 46.36 16.78
C GLU A 34 -20.97 46.60 18.29
N LEU A 35 -19.89 46.16 18.94
CA LEU A 35 -19.77 46.23 20.40
C LEU A 35 -19.84 47.64 20.96
N PRO A 36 -19.07 48.62 20.44
CA PRO A 36 -19.14 50.00 20.94
C PRO A 36 -20.56 50.57 20.87
N ALA A 37 -21.21 50.44 19.71
CA ALA A 37 -22.58 50.93 19.51
C ALA A 37 -23.55 50.29 20.50
N HIS A 38 -23.51 48.96 20.58
CA HIS A 38 -24.42 48.19 21.43
C HIS A 38 -24.24 48.47 22.92
N LEU A 39 -22.99 48.42 23.38
CA LEU A 39 -22.69 48.59 24.80
C LEU A 39 -22.86 50.04 25.27
N SER A 40 -23.04 50.96 24.31
CA SER A 40 -23.32 52.38 24.57
C SER A 40 -24.80 52.78 24.50
N SER A 41 -25.65 51.85 24.07
CA SER A 41 -27.07 52.13 23.79
C SER A 41 -28.09 51.15 24.37
N ASP A 42 -27.71 49.87 24.50
CA ASP A 42 -28.59 48.84 25.04
C ASP A 42 -28.97 49.20 26.48
N PRO A 43 -30.28 49.31 26.80
CA PRO A 43 -30.73 49.65 28.15
C PRO A 43 -30.10 48.78 29.27
N LYS A 44 -30.18 47.45 29.12
CA LYS A 44 -29.72 46.53 30.12
C LYS A 44 -28.21 46.65 30.35
N ALA A 45 -27.45 46.72 29.24
CA ALA A 45 -26.00 46.80 29.29
C ALA A 45 -25.52 48.13 29.89
N LEU A 46 -26.20 49.22 29.53
CA LEU A 46 -25.90 50.55 30.06
C LEU A 46 -26.10 50.58 31.57
N ILE A 47 -27.31 50.19 32.00
CA ILE A 47 -27.65 50.16 33.42
C ILE A 47 -26.66 49.30 34.20
N GLY A 48 -26.35 48.11 33.67
CA GLY A 48 -25.36 47.22 34.25
C GLY A 48 -24.02 47.87 34.48
N GLN A 49 -23.51 48.56 33.45
CA GLN A 49 -22.22 49.26 33.51
C GLN A 49 -22.27 50.48 34.44
N TRP A 50 -23.44 51.15 34.50
CA TRP A 50 -23.65 52.27 35.39
C TRP A 50 -23.62 51.85 36.86
N ILE A 51 -24.35 50.78 37.18
CA ILE A 51 -24.42 50.27 38.55
C ILE A 51 -23.07 49.70 38.99
N SER A 52 -22.36 49.06 38.05
CA SER A 52 -21.03 48.54 38.29
C SER A 52 -20.08 49.70 38.61
N GLY A 53 -20.23 50.81 37.88
CA GLY A 53 -19.51 52.04 38.15
C GLY A 53 -19.80 52.63 39.52
N ILE A 54 -21.07 52.59 39.92
CA ILE A 54 -21.51 53.10 41.23
C ILE A 54 -21.01 52.21 42.36
N ASP A 55 -21.08 50.88 42.15
CA ASP A 55 -20.63 49.88 43.13
C ASP A 55 -19.16 50.02 43.52
N LYS A 56 -18.35 50.59 42.63
CA LYS A 56 -16.93 50.82 42.88
C LYS A 56 -16.62 52.16 43.57
N ILE A 57 -17.64 53.03 43.69
CA ILE A 57 -17.53 54.26 44.47
C ILE A 57 -18.03 53.99 45.89
N TYR A 58 -19.31 53.60 45.99
CA TYR A 58 -19.95 53.11 47.24
C TYR A 58 -20.30 51.62 47.05
N ARG A 59 -19.67 50.75 47.84
CA ARG A 59 -19.88 49.27 47.80
C ARG A 59 -21.29 48.95 48.28
N LYS A 60 -21.86 47.84 47.76
CA LYS A 60 -23.07 47.24 48.31
C LYS A 60 -22.63 46.14 49.27
N PRO A 61 -23.51 45.60 50.17
CA PRO A 61 -23.07 44.61 51.16
C PRO A 61 -22.54 43.33 50.52
N ASP A 62 -21.52 42.72 51.13
CA ASP A 62 -20.89 41.51 50.54
C ASP A 62 -21.85 40.34 50.54
N SER A 63 -21.87 39.54 49.47
CA SER A 63 -22.86 38.44 49.36
C SER A 63 -22.15 37.08 49.42
N ARG A 64 -20.85 37.05 49.11
CA ARG A 64 -20.07 35.77 49.10
C ARG A 64 -20.42 34.97 50.37
N PRO A 74 -27.63 39.74 52.22
CA PRO A 74 -27.01 41.06 52.45
C PRO A 74 -27.98 42.03 53.12
N THR A 75 -27.48 43.06 53.80
CA THR A 75 -28.35 44.11 54.40
C THR A 75 -27.52 45.39 54.57
N PRO A 76 -27.82 46.55 53.93
CA PRO A 76 -26.96 47.72 54.10
C PRO A 76 -27.27 48.52 55.37
N SER A 77 -26.39 49.47 55.70
CA SER A 77 -26.66 50.51 56.68
C SER A 77 -27.45 51.60 55.99
N LYS A 78 -28.16 52.42 56.78
CA LYS A 78 -28.92 53.55 56.27
C LYS A 78 -27.99 54.54 55.55
N MET A 79 -26.82 54.77 56.14
CA MET A 79 -25.78 55.64 55.58
C MET A 79 -25.36 55.12 54.20
N GLN A 80 -25.01 53.83 54.15
CA GLN A 80 -24.65 53.14 52.91
C GLN A 80 -25.77 53.24 51.88
N PHE A 81 -27.00 52.94 52.33
CA PHE A 81 -28.18 52.97 51.46
C PHE A 81 -28.39 54.36 50.86
N ASP A 82 -28.44 55.37 51.73
CA ASP A 82 -28.68 56.76 51.31
C ASP A 82 -27.59 57.26 50.36
N ALA A 83 -26.33 56.91 50.66
CA ALA A 83 -25.18 57.25 49.82
C ALA A 83 -25.37 56.71 48.40
N ARG A 84 -25.65 55.41 48.29
CA ARG A 84 -25.90 54.73 46.99
C ARG A 84 -27.09 55.38 46.28
N ASP A 85 -28.15 55.69 47.03
CA ASP A 85 -29.37 56.28 46.49
C ASP A 85 -29.15 57.69 45.92
N ASP A 86 -28.45 58.54 46.70
CA ASP A 86 -28.11 59.90 46.30
C ASP A 86 -27.30 59.90 45.01
N LEU A 87 -26.26 59.06 44.98
CA LEU A 87 -25.40 58.92 43.82
C LEU A 87 -26.17 58.40 42.62
N GLY A 88 -27.02 57.40 42.86
CA GLY A 88 -27.87 56.83 41.83
C GLY A 88 -28.76 57.85 41.19
N GLU A 89 -29.47 58.62 42.02
CA GLU A 89 -30.42 59.65 41.57
C GLU A 89 -29.74 60.74 40.74
N ALA A 90 -28.61 61.26 41.26
CA ALA A 90 -27.82 62.28 40.58
C ALA A 90 -27.30 61.81 39.23
N PHE A 91 -26.73 60.60 39.21
CA PHE A 91 -26.21 60.01 37.97
C PHE A 91 -27.33 59.74 36.96
N TRP A 92 -28.48 59.28 37.45
CA TRP A 92 -29.66 59.07 36.61
C TRP A 92 -30.05 60.36 35.89
N LYS A 93 -30.13 61.45 36.66
CA LYS A 93 -30.46 62.77 36.12
C LYS A 93 -29.53 63.17 34.95
N LEU A 94 -28.22 62.92 35.12
CA LEU A 94 -27.21 63.21 34.09
C LEU A 94 -27.46 62.43 32.79
N VAL A 95 -27.46 61.08 32.90
CA VAL A 95 -27.64 60.21 31.74
C VAL A 95 -29.02 60.34 31.09
N SER A 96 -30.03 60.68 31.91
CA SER A 96 -31.37 61.00 31.44
C SER A 96 -31.30 62.18 30.46
N GLU A 97 -30.69 63.28 30.93
CA GLU A 97 -30.52 64.49 30.13
C GLU A 97 -29.50 64.32 29.00
N ALA A 98 -28.60 63.34 29.15
CA ALA A 98 -27.66 62.96 28.10
C ALA A 98 -28.35 62.25 26.93
N GLY A 99 -29.58 61.77 27.17
CA GLY A 99 -30.36 61.05 26.17
C GLY A 99 -29.86 59.63 25.98
N LEU A 100 -29.26 59.07 27.05
CA LEU A 100 -28.84 57.67 27.08
C LEU A 100 -29.85 56.79 27.83
N ALA A 101 -30.70 57.42 28.65
CA ALA A 101 -31.61 56.74 29.56
C ALA A 101 -33.06 57.19 29.40
N GLN A 102 -33.94 56.23 29.14
CA GLN A 102 -35.38 56.43 29.03
C GLN A 102 -36.04 56.36 30.41
N ASP A 103 -37.15 57.07 30.57
CA ASP A 103 -37.92 57.09 31.83
C ASP A 103 -38.47 55.70 32.15
N SER A 104 -38.81 54.96 31.09
CA SER A 104 -39.30 53.57 31.16
C SER A 104 -38.39 52.67 32.02
N ASP A 105 -37.08 52.84 31.86
CA ASP A 105 -36.07 51.98 32.48
C ASP A 105 -35.61 52.43 33.88
N TYR A 106 -36.17 53.54 34.38
CA TYR A 106 -35.82 54.14 35.70
C TYR A 106 -36.01 53.09 36.81
N ASP A 107 -37.14 52.37 36.81
CA ASP A 107 -37.43 51.37 37.83
C ASP A 107 -36.40 50.24 37.83
N GLN A 108 -36.04 49.75 36.63
CA GLN A 108 -34.98 48.74 36.49
C GLN A 108 -33.66 49.24 37.09
N PHE A 109 -33.28 50.48 36.73
CA PHE A 109 -32.07 51.12 37.24
C PHE A 109 -32.05 51.12 38.78
N LYS A 110 -33.18 51.50 39.39
CA LYS A 110 -33.31 51.56 40.85
C LYS A 110 -33.32 50.20 41.52
N ARG A 111 -34.00 49.22 40.89
CA ARG A 111 -34.03 47.81 41.36
C ARG A 111 -32.59 47.28 41.41
N ARG A 112 -31.79 47.57 40.39
CA ARG A 112 -30.39 47.08 40.25
C ARG A 112 -29.43 47.94 41.09
N LEU A 113 -29.79 49.19 41.38
CA LEU A 113 -29.03 50.03 42.31
C LEU A 113 -29.17 49.48 43.73
N HIS A 114 -30.36 48.97 44.04
CA HIS A 114 -30.71 48.44 45.36
C HIS A 114 -31.18 46.99 45.29
N PRO A 115 -30.30 46.02 44.89
CA PRO A 115 -30.71 44.63 44.72
C PRO A 115 -31.13 43.97 46.04
N TYR A 116 -30.60 44.49 47.16
CA TYR A 116 -30.89 44.07 48.56
C TYR A 116 -32.34 44.45 48.94
N GLY A 117 -32.99 45.32 48.16
CA GLY A 117 -34.33 45.82 48.46
C GLY A 117 -34.31 47.33 48.65
N ASP A 118 -35.48 47.97 48.64
CA ASP A 118 -35.60 49.42 48.73
C ASP A 118 -36.52 49.91 49.87
N LYS A 119 -36.77 49.04 50.84
CA LYS A 119 -37.69 49.32 51.94
C LYS A 119 -37.21 48.68 53.25
N PHE A 120 -36.63 49.50 54.13
CA PHE A 120 -36.10 49.07 55.42
C PHE A 120 -36.50 50.03 56.53
N GLN A 121 -36.79 49.49 57.71
CA GLN A 121 -37.06 50.28 58.92
C GLN A 121 -35.72 50.62 59.56
N PRO A 122 -35.68 51.60 60.51
CA PRO A 122 -34.45 51.94 61.23
C PRO A 122 -33.76 50.73 61.90
N ALA A 123 -32.47 50.86 62.21
CA ALA A 123 -31.64 49.75 62.68
C ALA A 123 -31.84 49.29 64.13
N ASP A 124 -32.39 50.16 64.99
CA ASP A 124 -32.73 49.84 66.39
C ASP A 124 -34.24 49.59 66.59
N SER A 125 -34.98 49.53 65.49
CA SER A 125 -36.44 49.36 65.47
C SER A 125 -36.88 48.00 66.00
N GLY A 126 -36.34 46.94 65.40
CA GLY A 126 -36.73 45.57 65.69
C GLY A 126 -37.84 45.06 64.77
N ALA A 127 -37.85 45.57 63.53
CA ALA A 127 -38.83 45.17 62.51
C ALA A 127 -38.28 44.02 61.67
N LYS A 128 -39.14 43.46 60.81
CA LYS A 128 -38.80 42.31 59.96
C LYS A 128 -37.70 42.68 58.96
N LEU A 129 -37.95 43.73 58.16
CA LEU A 129 -36.93 44.31 57.29
C LEU A 129 -36.29 45.51 58.00
N LYS A 130 -35.00 45.39 58.30
CA LYS A 130 -34.29 46.33 59.17
C LYS A 130 -32.88 46.64 58.65
N PHE A 131 -32.51 47.92 58.62
CA PHE A 131 -31.15 48.35 58.29
C PHE A 131 -30.14 47.74 59.25
N GLU A 132 -28.89 47.62 58.80
CA GLU A 132 -27.76 47.38 59.68
C GLU A 132 -27.40 48.70 60.37
N ALA A 133 -26.83 48.61 61.58
CA ALA A 133 -26.32 49.78 62.29
C ALA A 133 -25.22 50.41 61.43
N ASP A 134 -25.22 51.74 61.36
CA ASP A 134 -24.23 52.50 60.59
C ASP A 134 -22.83 52.15 61.07
N PRO A 135 -21.82 52.07 60.15
CA PRO A 135 -20.45 51.79 60.55
C PRO A 135 -19.82 53.01 61.23
N PRO A 136 -18.77 52.83 62.07
CA PRO A 136 -18.09 53.96 62.71
C PRO A 136 -17.52 54.99 61.72
N GLU A 137 -17.08 54.52 60.55
CA GLU A 137 -16.59 55.38 59.46
C GLU A 137 -17.35 55.09 58.17
N PRO A 138 -17.74 56.13 57.39
CA PRO A 138 -18.26 55.93 56.04
C PRO A 138 -17.30 55.18 55.09
N GLN A 139 -15.99 55.30 55.34
CA GLN A 139 -14.95 54.61 54.56
C GLN A 139 -15.12 53.09 54.52
N ALA A 140 -15.84 52.54 55.51
CA ALA A 140 -16.23 51.13 55.54
C ALA A 140 -16.78 50.63 54.21
N PHE A 141 -17.65 51.44 53.57
CA PHE A 141 -18.25 51.08 52.28
C PHE A 141 -17.76 51.91 51.07
N HIS A 142 -16.59 52.56 51.21
CA HIS A 142 -15.90 53.19 50.09
C HIS A 142 -15.29 52.08 49.24
N GLY A 143 -15.44 52.19 47.92
CA GLY A 143 -14.82 51.27 46.97
C GLY A 143 -13.49 51.79 46.46
N ARG A 144 -12.81 50.95 45.67
CA ARG A 144 -11.45 51.22 45.12
C ARG A 144 -11.43 52.49 44.26
N TRP A 145 -12.58 52.91 43.73
CA TRP A 145 -12.68 54.04 42.79
C TRP A 145 -13.22 55.33 43.39
N TYR A 146 -13.52 55.32 44.70
CA TYR A 146 -14.03 56.49 45.45
C TYR A 146 -13.03 57.64 45.35
N GLY A 147 -11.74 57.34 45.55
CA GLY A 147 -10.66 58.31 45.48
C GLY A 147 -10.62 59.01 44.13
N ALA A 148 -10.64 58.23 43.05
CA ALA A 148 -10.57 58.73 41.69
C ALA A 148 -11.76 59.59 41.32
N MET A 149 -12.96 59.15 41.72
CA MET A 149 -14.20 59.82 41.36
C MET A 149 -14.53 61.03 42.24
N SER A 150 -13.75 61.24 43.31
CA SER A 150 -14.01 62.31 44.28
C SER A 150 -12.97 63.44 44.23
N LYS A 151 -12.14 63.44 43.17
CA LYS A 151 -11.13 64.47 42.98
C LYS A 151 -11.68 65.89 42.83
N ARG A 152 -12.84 66.04 42.18
CA ARG A 152 -13.55 67.33 41.97
C ARG A 152 -14.70 67.44 42.97
N GLY A 153 -14.53 66.89 44.18
CA GLY A 153 -15.55 66.96 45.22
C GLY A 153 -16.22 65.64 45.64
N ASN A 154 -16.97 65.72 46.74
CA ASN A 154 -17.48 64.58 47.48
C ASN A 154 -19.00 64.36 47.40
N ASP A 155 -19.73 65.41 47.03
CA ASP A 155 -21.20 65.35 46.95
C ASP A 155 -21.64 64.38 45.86
N ALA A 156 -22.88 63.90 45.98
CA ALA A 156 -23.48 62.95 45.04
C ALA A 156 -23.41 63.49 43.61
N LYS A 157 -23.81 64.75 43.44
CA LYS A 157 -23.77 65.44 42.15
C LYS A 157 -22.39 65.37 41.50
N GLU A 158 -21.35 65.57 42.32
CA GLU A 158 -19.96 65.61 41.87
C GLU A 158 -19.40 64.22 41.57
N LEU A 159 -19.72 63.24 42.42
CA LEU A 159 -19.37 61.84 42.19
C LEU A 159 -20.00 61.32 40.90
N ALA A 160 -21.28 61.66 40.69
CA ALA A 160 -22.03 61.26 39.51
C ALA A 160 -21.45 61.88 38.23
N ALA A 161 -21.06 63.16 38.31
CA ALA A 161 -20.47 63.89 37.20
C ALA A 161 -19.16 63.26 36.76
N ALA A 162 -18.31 62.91 37.74
CA ALA A 162 -17.04 62.24 37.49
C ALA A 162 -17.22 60.85 36.88
N LEU A 163 -18.18 60.08 37.41
CA LEU A 163 -18.49 58.74 36.90
C LEU A 163 -18.91 58.81 35.43
N TYR A 164 -19.83 59.74 35.10
CA TYR A 164 -20.36 59.94 33.74
C TYR A 164 -19.22 60.26 32.76
N GLU A 165 -18.35 61.21 33.14
CA GLU A 165 -17.22 61.60 32.29
C GLU A 165 -16.31 60.41 32.03
N HIS A 166 -15.99 59.68 33.12
CA HIS A 166 -15.15 58.48 33.07
C HIS A 166 -15.71 57.39 32.13
N LEU A 167 -17.01 57.11 32.24
CA LEU A 167 -17.68 56.09 31.42
C LEU A 167 -17.91 56.48 29.96
N HIS A 168 -18.32 57.73 29.72
CA HIS A 168 -18.80 58.15 28.39
C HIS A 168 -18.03 59.24 27.63
N VAL A 169 -17.07 59.88 28.29
CA VAL A 169 -16.33 61.00 27.68
C VAL A 169 -14.82 60.80 27.63
N ASP A 170 -14.23 60.48 28.79
CA ASP A 170 -12.79 60.43 28.94
C ASP A 170 -12.39 59.51 30.09
N GLU A 171 -11.88 58.31 29.74
CA GLU A 171 -11.51 57.29 30.71
C GLU A 171 -10.39 57.77 31.64
N LYS A 172 -10.59 57.53 32.94
CA LYS A 172 -9.62 57.79 33.99
C LYS A 172 -8.98 56.49 34.45
N ARG A 173 -7.76 56.60 34.98
CA ARG A 173 -7.11 55.53 35.77
C ARG A 173 -7.69 55.55 37.18
N ILE A 174 -7.37 54.53 37.99
CA ILE A 174 -7.88 54.39 39.35
C ILE A 174 -7.32 55.46 40.31
N ASP A 175 -6.29 56.20 39.87
CA ASP A 175 -5.74 57.35 40.60
C ASP A 175 -6.44 58.67 40.26
N GLY A 176 -7.35 58.64 39.28
CA GLY A 176 -8.15 59.79 38.91
C GLY A 176 -7.64 60.58 37.71
N GLN A 177 -6.45 60.22 37.22
CA GLN A 177 -5.85 60.83 36.04
C GLN A 177 -6.51 60.29 34.77
N PRO A 178 -6.61 61.10 33.69
CA PRO A 178 -7.02 60.57 32.38
C PRO A 178 -6.06 59.44 31.98
N LYS A 179 -6.56 58.38 31.32
CA LYS A 179 -5.70 57.29 30.88
C LYS A 179 -4.96 57.66 29.60
N ARG A 180 -5.68 58.36 28.72
CA ARG A 180 -5.18 58.77 27.38
C ARG A 180 -5.18 60.30 27.27
N ASN A 181 -4.09 60.87 26.76
CA ASN A 181 -3.99 62.31 26.47
C ASN A 181 -3.49 62.45 25.04
N PRO A 182 -4.29 62.07 24.02
CA PRO A 182 -3.83 62.12 22.63
C PRO A 182 -3.72 63.57 22.13
N LYS A 183 -2.80 63.80 21.19
CA LYS A 183 -2.59 65.12 20.58
C LYS A 183 -3.19 65.23 19.18
N THR A 184 -3.73 64.12 18.66
CA THR A 184 -4.26 63.98 17.31
C THR A 184 -5.60 64.72 17.12
N ASP A 185 -6.23 64.52 15.97
CA ASP A 185 -7.59 64.98 15.69
C ASP A 185 -8.66 64.29 16.55
N LYS A 186 -8.39 63.03 16.97
CA LYS A 186 -9.35 62.21 17.70
C LYS A 186 -9.27 62.40 19.23
N PHE A 187 -10.42 62.68 19.85
CA PHE A 187 -10.54 62.69 21.31
C PHE A 187 -10.45 61.26 21.86
N ALA A 188 -9.98 61.14 23.09
CA ALA A 188 -9.83 59.86 23.77
C ALA A 188 -11.19 59.41 24.29
N PRO A 189 -11.51 58.10 24.23
CA PRO A 189 -12.84 57.61 24.59
C PRO A 189 -13.04 57.49 26.11
N GLY A 190 -14.30 57.36 26.53
CA GLY A 190 -14.65 56.93 27.88
C GLY A 190 -14.43 55.42 28.00
N LEU A 191 -14.59 54.91 29.21
CA LEU A 191 -14.39 53.48 29.50
C LEU A 191 -15.29 52.56 28.67
N VAL A 192 -16.57 52.92 28.52
CA VAL A 192 -17.55 52.05 27.85
C VAL A 192 -17.08 51.69 26.44
N VAL A 193 -16.74 52.71 25.65
CA VAL A 193 -16.27 52.55 24.27
C VAL A 193 -14.91 51.86 24.20
N ALA A 194 -13.97 52.29 25.07
CA ALA A 194 -12.61 51.76 25.09
C ALA A 194 -12.63 50.25 25.30
N ARG A 195 -13.38 49.83 26.32
CA ARG A 195 -13.54 48.40 26.72
C ARG A 195 -14.24 47.64 25.58
N ALA A 196 -15.27 48.24 24.96
CA ALA A 196 -15.99 47.65 23.85
C ALA A 196 -15.09 47.40 22.64
N LEU A 197 -14.19 48.36 22.36
CA LEU A 197 -13.19 48.21 21.30
C LEU A 197 -12.22 47.07 21.64
N GLY A 198 -11.89 46.95 22.94
CA GLY A 198 -11.07 45.86 23.44
C GLY A 198 -11.68 44.48 23.24
N ILE A 199 -13.02 44.41 23.36
CA ILE A 199 -13.77 43.17 23.08
C ILE A 199 -13.78 42.89 21.59
N GLU A 200 -14.01 43.95 20.80
CA GLU A 200 -14.08 43.89 19.33
C GLU A 200 -12.84 43.24 18.70
N SER A 201 -11.67 43.46 19.31
CA SER A 201 -10.40 42.93 18.84
C SER A 201 -9.89 41.72 19.62
N SER A 202 -10.71 41.18 20.54
CA SER A 202 -10.43 39.91 21.20
C SER A 202 -10.75 38.76 20.23
N VAL A 203 -9.79 38.48 19.35
CA VAL A 203 -9.90 37.46 18.32
C VAL A 203 -8.63 36.62 18.29
N LEU A 204 -8.74 35.41 17.72
CA LEU A 204 -7.62 34.47 17.68
C LEU A 204 -6.44 35.05 16.89
N PRO A 205 -5.20 34.98 17.42
CA PRO A 205 -4.01 35.30 16.64
C PRO A 205 -3.79 34.26 15.52
N ARG A 206 -3.49 34.75 14.31
CA ARG A 206 -3.37 33.92 13.08
C ARG A 206 -1.89 33.67 12.77
N GLY A 207 -0.96 34.31 13.49
CA GLY A 207 0.47 34.19 13.24
C GLY A 207 1.31 34.16 14.51
N MET A 208 2.64 34.25 14.34
CA MET A 208 3.62 34.13 15.41
C MET A 208 4.21 35.45 15.90
N ALA A 209 3.72 36.58 15.35
CA ALA A 209 4.32 37.90 15.56
C ALA A 209 4.60 38.22 17.03
N ARG A 210 3.57 38.09 17.88
CA ARG A 210 3.58 38.54 19.29
C ARG A 210 4.12 37.44 20.22
N LEU A 211 4.79 36.41 19.69
CA LEU A 211 5.32 35.33 20.49
C LEU A 211 6.84 35.34 20.60
N ALA A 212 7.50 36.12 19.73
CA ALA A 212 8.94 36.38 19.84
C ALA A 212 9.24 37.02 21.20
N ARG A 213 10.31 36.55 21.83
CA ARG A 213 10.79 37.08 23.14
C ARG A 213 11.72 38.25 22.87
N ASN A 214 11.34 39.45 23.33
CA ASN A 214 12.04 40.70 23.00
C ASN A 214 12.99 41.14 24.11
N TRP A 215 13.77 40.17 24.62
CA TRP A 215 14.79 40.40 25.66
C TRP A 215 15.58 39.12 25.87
N GLY A 216 16.77 39.24 26.47
CA GLY A 216 17.65 38.11 26.72
C GLY A 216 18.57 38.33 27.89
N GLU A 217 19.72 37.66 27.87
CA GLU A 217 20.68 37.62 28.97
C GLU A 217 21.17 39.01 29.37
N GLU A 218 21.38 39.89 28.37
CA GLU A 218 21.83 41.25 28.62
C GLU A 218 20.83 42.04 29.46
N GLU A 219 19.52 41.85 29.19
CA GLU A 219 18.46 42.53 29.93
C GLU A 219 18.31 41.95 31.34
N ILE A 220 18.51 40.65 31.45
CA ILE A 220 18.42 39.93 32.72
C ILE A 220 19.47 40.43 33.72
N GLN A 221 20.68 40.68 33.21
CA GLN A 221 21.80 41.17 34.02
C GLN A 221 21.49 42.50 34.70
N THR A 222 20.87 43.42 33.96
CA THR A 222 20.54 44.77 34.44
C THR A 222 19.38 44.74 35.40
N TYR A 223 18.34 43.98 35.04
CA TYR A 223 17.01 43.98 35.71
C TYR A 223 17.07 43.21 37.03
N PHE A 224 17.88 42.15 37.10
CA PHE A 224 17.93 41.27 38.28
C PHE A 224 19.17 41.45 39.15
N VAL A 225 19.76 42.65 39.14
CA VAL A 225 20.86 42.98 40.05
C VAL A 225 20.35 42.76 41.48
N VAL A 226 19.12 43.23 41.74
CA VAL A 226 18.36 42.90 42.95
C VAL A 226 17.22 41.97 42.54
N ASP A 227 16.95 40.95 43.37
CA ASP A 227 15.99 39.89 43.03
C ASP A 227 14.54 40.31 43.31
N VAL A 228 13.92 40.93 42.30
CA VAL A 228 12.52 41.38 42.38
C VAL A 228 11.54 40.25 42.77
N ALA A 229 11.82 39.02 42.34
CA ALA A 229 10.94 37.89 42.58
C ALA A 229 10.85 37.52 44.07
N ALA A 230 12.01 37.51 44.73
CA ALA A 230 12.10 37.25 46.16
C ALA A 230 11.40 38.32 47.01
N SER A 231 11.46 39.58 46.58
CA SER A 231 10.83 40.68 47.31
C SER A 231 9.31 40.68 47.08
N VAL A 232 8.90 40.41 45.83
CA VAL A 232 7.48 40.21 45.53
C VAL A 232 6.93 39.01 46.32
N LYS A 233 7.76 37.96 46.47
CA LYS A 233 7.42 36.80 47.29
C LYS A 233 7.16 37.19 48.74
N GLU A 234 7.96 38.13 49.26
CA GLU A 234 7.80 38.65 50.62
C GLU A 234 6.54 39.49 50.79
N VAL A 235 6.16 40.21 49.73
CA VAL A 235 4.88 40.92 49.69
C VAL A 235 3.73 39.91 49.88
N ALA A 236 3.80 38.80 49.14
CA ALA A 236 2.80 37.73 49.20
C ALA A 236 2.68 37.14 50.61
N LYS A 237 3.84 36.85 51.23
CA LYS A 237 3.89 36.30 52.59
C LYS A 237 3.32 37.26 53.62
N ALA A 238 3.65 38.55 53.47
CA ALA A 238 3.16 39.61 54.37
C ALA A 238 1.65 39.81 54.22
N ALA A 239 1.15 39.63 52.99
CA ALA A 239 -0.28 39.67 52.71
C ALA A 239 -0.99 38.48 53.36
N VAL A 240 -0.38 37.29 53.23
CA VAL A 240 -0.89 36.05 53.83
C VAL A 240 -1.00 36.20 55.35
N SER A 241 0.12 36.55 56.00
CA SER A 241 0.21 36.69 57.46
C SER A 241 -0.88 37.61 58.02
N ALA A 242 -1.03 38.80 57.43
CA ALA A 242 -2.00 39.80 57.85
C ALA A 242 -3.44 39.29 57.82
N ALA A 243 -3.79 38.58 56.73
CA ALA A 243 -5.11 37.98 56.56
C ALA A 243 -5.32 36.78 57.48
N GLN A 244 -4.24 36.05 57.76
CA GLN A 244 -4.24 34.89 58.66
C GLN A 244 -4.27 35.27 60.14
N ALA A 245 -4.04 36.56 60.43
CA ALA A 245 -4.02 37.10 61.79
C ALA A 245 -5.42 37.31 62.39
N PHE A 246 -6.44 37.41 61.54
CA PHE A 246 -7.83 37.53 61.96
C PHE A 246 -8.32 36.22 62.58
N ASP A 247 -9.22 36.31 63.56
CA ASP A 247 -9.74 35.12 64.29
C ASP A 247 -10.46 34.15 63.35
N PRO A 248 -11.38 34.63 62.49
CA PRO A 248 -11.75 33.89 61.28
C PRO A 248 -10.63 34.01 60.25
N PRO A 249 -9.88 32.92 59.93
CA PRO A 249 -8.72 33.02 59.05
C PRO A 249 -9.12 33.38 57.60
N ARG A 250 -8.97 34.65 57.25
CA ARG A 250 -9.29 35.21 55.90
C ARG A 250 -8.22 34.79 54.90
N GLN A 251 -8.64 34.26 53.73
CA GLN A 251 -7.74 33.84 52.66
C GLN A 251 -7.56 35.02 51.69
N VAL A 252 -6.30 35.28 51.31
CA VAL A 252 -5.97 36.35 50.37
C VAL A 252 -6.16 35.89 48.93
N SER A 253 -6.91 36.68 48.15
CA SER A 253 -7.12 36.44 46.74
C SER A 253 -6.02 37.13 45.93
N GLY A 254 -5.84 36.68 44.68
CA GLY A 254 -4.88 37.26 43.76
C GLY A 254 -5.22 38.69 43.38
N ARG A 255 -6.51 39.02 43.36
CA ARG A 255 -7.05 40.35 42.99
C ARG A 255 -6.69 41.38 44.06
N SER A 256 -6.58 40.96 45.32
CA SER A 256 -6.16 41.83 46.43
C SER A 256 -4.63 42.02 46.47
N LEU A 257 -3.90 40.97 46.06
CA LEU A 257 -2.45 41.00 45.91
C LEU A 257 -1.99 41.90 44.74
N SER A 258 -2.81 41.94 43.69
CA SER A 258 -2.48 42.60 42.42
C SER A 258 -1.90 43.99 42.60
N PRO A 259 -2.56 44.92 43.32
CA PRO A 259 -2.04 46.28 43.53
C PRO A 259 -0.73 46.30 44.34
N LYS A 260 -0.58 45.39 45.30
CA LYS A 260 0.64 45.32 46.11
C LYS A 260 1.84 44.86 45.27
N VAL A 261 1.61 43.90 44.36
CA VAL A 261 2.65 43.43 43.46
C VAL A 261 3.00 44.52 42.43
N GLY A 262 1.98 45.21 41.94
CA GLY A 262 2.14 46.26 40.96
C GLY A 262 3.02 47.39 41.46
N PHE A 263 2.79 47.80 42.72
CA PHE A 263 3.57 48.83 43.39
C PHE A 263 5.02 48.36 43.53
N ALA A 264 5.20 47.15 44.08
CA ALA A 264 6.51 46.52 44.24
C ALA A 264 7.29 46.44 42.93
N LEU A 265 6.60 46.09 41.83
CA LEU A 265 7.22 46.00 40.52
C LEU A 265 7.61 47.38 39.95
N ALA A 266 6.77 48.39 40.23
CA ALA A 266 7.06 49.77 39.85
C ALA A 266 8.29 50.33 40.59
N GLU A 267 8.36 50.06 41.90
CA GLU A 267 9.51 50.45 42.72
C GLU A 267 10.78 49.77 42.23
N HIS A 268 10.64 48.53 41.74
CA HIS A 268 11.76 47.80 41.18
C HIS A 268 12.26 48.44 39.88
N LEU A 269 11.33 48.75 38.97
CA LEU A 269 11.65 49.42 37.71
C LEU A 269 12.42 50.72 37.98
N GLU A 270 11.93 51.49 38.95
CA GLU A 270 12.58 52.73 39.39
C GLU A 270 14.02 52.50 39.81
N ARG A 271 14.27 51.41 40.55
CA ARG A 271 15.62 50.98 41.00
C ARG A 271 16.51 50.69 39.78
N VAL A 272 15.93 50.10 38.73
CA VAL A 272 16.68 49.67 37.56
C VAL A 272 16.93 50.80 36.57
N THR A 273 15.93 51.69 36.41
CA THR A 273 15.92 52.70 35.35
C THR A 273 15.88 54.17 35.80
N GLY A 274 15.56 54.41 37.08
CA GLY A 274 15.33 55.75 37.62
C GLY A 274 13.95 56.33 37.34
N SER A 275 13.04 55.50 36.79
CA SER A 275 11.69 55.91 36.43
C SER A 275 10.68 54.77 36.55
N LYS A 276 9.41 55.12 36.76
CA LYS A 276 8.30 54.16 36.80
C LYS A 276 7.51 54.10 35.50
N ARG A 277 7.91 54.91 34.51
CA ARG A 277 7.30 54.91 33.15
C ARG A 277 7.63 53.60 32.45
N CYS A 278 6.59 52.83 32.08
CA CYS A 278 6.72 51.51 31.46
C CYS A 278 6.72 51.52 29.94
N SER A 279 6.14 52.58 29.36
CA SER A 279 6.02 52.72 27.92
C SER A 279 7.36 52.47 27.23
N PHE A 280 7.35 51.58 26.24
CA PHE A 280 8.55 51.19 25.51
C PHE A 280 8.26 50.99 24.03
N ASP A 281 9.32 50.67 23.27
CA ASP A 281 9.29 50.59 21.82
C ASP A 281 9.60 49.16 21.39
N PRO A 282 8.58 48.28 21.26
CA PRO A 282 8.82 46.87 20.94
C PRO A 282 9.57 46.68 19.61
N ALA A 283 9.23 47.48 18.59
CA ALA A 283 9.80 47.37 17.26
C ALA A 283 11.30 47.70 17.21
N ALA A 284 11.79 48.46 18.20
CA ALA A 284 13.18 48.90 18.26
C ALA A 284 14.18 47.80 18.64
N GLY A 285 13.68 46.68 19.14
CA GLY A 285 14.49 45.53 19.50
C GLY A 285 14.43 45.19 20.99
N PRO A 286 15.30 44.28 21.47
CA PRO A 286 15.30 43.89 22.88
C PRO A 286 15.48 45.08 23.82
N SER A 287 14.87 45.01 25.02
CA SER A 287 14.94 46.09 26.00
C SER A 287 14.58 45.59 27.39
N VAL A 288 15.08 46.32 28.40
CA VAL A 288 14.78 46.07 29.80
C VAL A 288 13.29 46.25 30.11
N LEU A 289 12.65 47.21 29.42
CA LEU A 289 11.22 47.46 29.60
C LEU A 289 10.31 46.41 28.94
N ALA A 290 10.81 45.74 27.90
CA ALA A 290 10.11 44.59 27.31
C ALA A 290 10.09 43.44 28.33
N LEU A 291 11.24 43.19 28.95
CA LEU A 291 11.37 42.21 30.03
C LEU A 291 10.42 42.56 31.18
N HIS A 292 10.42 43.85 31.58
CA HIS A 292 9.55 44.30 32.65
C HIS A 292 8.08 44.10 32.30
N ASP A 293 7.70 44.47 31.09
CA ASP A 293 6.33 44.28 30.61
C ASP A 293 5.91 42.81 30.75
N GLU A 294 6.82 41.88 30.42
CA GLU A 294 6.56 40.44 30.54
C GLU A 294 6.54 39.96 31.99
N VAL A 295 7.34 40.62 32.84
CA VAL A 295 7.31 40.34 34.27
C VAL A 295 5.95 40.76 34.84
N LYS A 296 5.47 41.95 34.47
CA LYS A 296 4.16 42.44 34.89
C LYS A 296 3.05 41.48 34.43
N LYS A 297 3.10 41.07 33.16
CA LYS A 297 2.14 40.12 32.59
C LYS A 297 2.14 38.79 33.34
N THR A 298 3.34 38.35 33.75
CA THR A 298 3.51 37.09 34.47
C THR A 298 2.78 37.12 35.81
N TYR A 299 2.95 38.22 36.57
CA TYR A 299 2.31 38.41 37.90
C TYR A 299 0.83 38.74 37.74
N LYS A 300 0.43 39.34 36.60
CA LYS A 300 -0.98 39.53 36.25
C LYS A 300 -1.71 38.17 36.15
N ARG A 301 -1.07 37.20 35.50
CA ARG A 301 -1.56 35.79 35.37
C ARG A 301 -1.66 35.17 36.76
N LEU A 302 -0.57 35.20 37.54
CA LEU A 302 -0.56 34.65 38.89
C LEU A 302 -1.67 35.23 39.78
N CYS A 303 -1.93 36.54 39.62
CA CYS A 303 -2.92 37.26 40.42
C CYS A 303 -4.37 37.09 39.92
N ALA A 304 -4.54 36.46 38.74
CA ALA A 304 -5.86 36.13 38.22
C ALA A 304 -6.37 34.77 38.72
N ARG A 305 -5.56 34.05 39.50
CA ARG A 305 -5.90 32.72 40.08
C ARG A 305 -6.92 32.90 41.21
N GLY A 306 -7.94 32.04 41.25
CA GLY A 306 -8.91 31.98 42.31
C GLY A 306 -8.38 31.30 43.56
N LYS A 307 -7.66 30.18 43.37
CA LYS A 307 -7.14 29.35 44.45
C LYS A 307 -5.65 29.55 44.69
N ASN A 308 -5.28 29.87 45.93
CA ASN A 308 -3.89 29.89 46.39
C ASN A 308 -2.95 30.65 45.45
N ALA A 309 -3.34 31.88 45.09
CA ALA A 309 -2.53 32.73 44.21
C ALA A 309 -1.14 32.95 44.80
N ALA A 310 -1.09 33.30 46.08
CA ALA A 310 0.14 33.62 46.79
C ALA A 310 1.14 32.46 46.76
N ARG A 311 0.64 31.24 46.98
CA ARG A 311 1.45 30.00 47.05
C ARG A 311 2.18 29.77 45.72
N ALA A 312 1.57 30.16 44.59
CA ALA A 312 2.15 29.97 43.27
C ALA A 312 3.27 30.95 42.91
N PHE A 313 3.36 32.07 43.64
CA PHE A 313 4.38 33.10 43.39
C PHE A 313 5.76 32.46 43.48
N PRO A 314 6.66 32.69 42.49
CA PRO A 314 8.02 32.15 42.58
C PRO A 314 8.80 32.83 43.71
N ALA A 315 9.74 32.11 44.31
CA ALA A 315 10.47 32.55 45.51
C ALA A 315 11.84 33.16 45.21
N ASP A 316 12.16 33.28 43.92
CA ASP A 316 13.54 33.32 43.43
C ASP A 316 13.53 33.85 42.00
N LYS A 317 14.62 34.52 41.59
CA LYS A 317 14.77 34.94 40.20
C LYS A 317 14.88 33.73 39.26
N THR A 318 15.54 32.67 39.73
CA THR A 318 15.71 31.44 38.97
C THR A 318 14.33 30.84 38.65
N GLU A 319 13.48 30.72 39.68
CA GLU A 319 12.12 30.21 39.54
C GLU A 319 11.28 31.08 38.61
N LEU A 320 11.43 32.41 38.76
CA LEU A 320 10.67 33.36 37.95
C LEU A 320 10.98 33.21 36.48
N LEU A 321 12.28 33.13 36.15
CA LEU A 321 12.73 32.99 34.77
C LEU A 321 12.32 31.63 34.16
N ALA A 322 12.27 30.60 35.01
CA ALA A 322 11.79 29.28 34.59
C ALA A 322 10.30 29.31 34.28
N LEU A 323 9.51 29.98 35.13
CA LEU A 323 8.08 30.17 34.91
C LEU A 323 7.83 30.92 33.60
N MET A 324 8.55 32.03 33.41
CA MET A 324 8.44 32.86 32.21
C MET A 324 8.79 32.07 30.93
N ARG A 325 9.84 31.26 31.01
CA ARG A 325 10.32 30.37 29.90
C ARG A 325 9.25 29.32 29.58
N HIS A 326 8.77 28.58 30.59
CA HIS A 326 7.76 27.52 30.40
C HIS A 326 6.44 28.07 29.87
N THR A 327 6.00 29.19 30.43
CA THR A 327 4.83 29.90 29.95
C THR A 327 4.99 30.33 28.48
N HIS A 328 6.14 30.90 28.13
CA HIS A 328 6.44 31.24 26.75
C HIS A 328 6.38 30.02 25.82
N GLU A 329 6.99 28.91 26.27
CA GLU A 329 7.00 27.64 25.55
C GLU A 329 5.57 27.12 25.33
N ASN A 330 4.74 27.24 26.37
CA ASN A 330 3.35 26.84 26.33
C ASN A 330 2.53 27.63 25.31
N ARG A 331 2.68 28.95 25.34
CA ARG A 331 1.93 29.90 24.47
C ARG A 331 2.29 29.64 23.00
N VAL A 332 3.56 29.31 22.74
CA VAL A 332 4.02 29.02 21.38
C VAL A 332 3.32 27.76 20.86
N ARG A 333 3.27 26.71 21.69
CA ARG A 333 2.66 25.40 21.35
C ARG A 333 1.15 25.54 21.24
N ASN A 334 0.51 26.34 22.11
CA ASN A 334 -0.92 26.62 21.97
C ASN A 334 -1.24 27.32 20.66
N GLN A 335 -0.40 28.28 20.27
CA GLN A 335 -0.56 28.99 19.00
C GLN A 335 -0.30 28.08 17.80
N MET A 336 0.73 27.22 17.90
CA MET A 336 1.06 26.29 16.81
C MET A 336 0.02 25.18 16.64
N VAL A 337 -0.54 24.67 17.74
CA VAL A 337 -1.63 23.69 17.67
C VAL A 337 -2.86 24.33 17.01
N ARG A 338 -3.17 25.57 17.43
CA ARG A 338 -4.30 26.39 16.89
C ARG A 338 -4.14 26.53 15.38
N MET A 339 -2.96 26.98 14.92
CA MET A 339 -2.66 27.17 13.49
C MET A 339 -2.71 25.86 12.69
N GLY A 340 -2.11 24.81 13.23
CA GLY A 340 -2.00 23.53 12.57
C GLY A 340 -3.36 22.82 12.43
N ARG A 341 -4.23 23.03 13.42
CA ARG A 341 -5.63 22.53 13.45
C ARG A 341 -6.47 23.25 12.39
N VAL A 342 -6.39 24.58 12.35
CA VAL A 342 -7.10 25.37 11.34
C VAL A 342 -6.73 24.88 9.94
N SER A 343 -5.42 24.80 9.67
CA SER A 343 -4.90 24.34 8.39
C SER A 343 -5.38 22.94 8.01
N GLU A 344 -5.39 22.02 8.99
CA GLU A 344 -5.82 20.64 8.80
C GLU A 344 -7.29 20.54 8.36
N TYR A 345 -8.15 21.35 8.98
CA TYR A 345 -9.61 21.41 8.69
C TYR A 345 -9.86 22.17 7.39
N ARG A 346 -9.02 23.17 7.08
CA ARG A 346 -9.11 23.96 5.83
C ARG A 346 -8.82 23.06 4.63
N GLY A 347 -7.79 22.20 4.74
CA GLY A 347 -7.36 21.32 3.69
C GLY A 347 -6.80 22.04 2.47
N GLN A 348 -7.57 22.02 1.37
N GLN A 348 -7.56 22.00 1.37
CA GLN A 348 -7.20 22.54 0.03
CA GLN A 348 -7.31 22.77 0.15
C GLN A 348 -6.16 23.66 -0.03
C GLN A 348 -8.43 23.81 0.09
N GLN A 349 -4.90 23.28 -0.29
N GLN A 349 -9.67 23.31 -0.07
CA GLN A 349 -3.80 24.20 -0.44
CA GLN A 349 -10.90 24.11 -0.03
C GLN A 349 -4.06 25.20 -1.58
C GLN A 349 -10.96 25.18 -1.12
N ALA A 350 -5.31 25.69 -1.65
N ALA A 350 -10.45 26.37 -0.80
CA ALA A 350 -5.69 26.75 -2.57
CA ALA A 350 -10.51 27.56 -1.65
C ALA A 350 -4.85 27.99 -2.28
C ALA A 350 -10.35 28.78 -0.74
N GLY A 351 -5.43 28.93 -1.52
N GLY A 351 -9.14 29.37 -0.72
CA GLY A 351 -4.72 30.10 -1.06
CA GLY A 351 -8.83 30.54 0.09
C GLY A 351 -5.47 30.93 -0.02
C GLY A 351 -7.49 30.39 0.79
N ASP A 352 -4.72 31.40 0.98
N ASP A 352 -6.83 31.54 1.03
CA ASP A 352 -5.21 32.33 2.02
CA ASP A 352 -5.53 31.61 1.74
C ASP A 352 -5.71 31.62 3.26
C ASP A 352 -5.79 31.44 3.23
N LEU A 353 -4.76 31.03 3.99
CA LEU A 353 -4.97 30.44 5.32
C LEU A 353 -5.52 31.46 6.33
N ALA A 354 -5.05 32.70 6.22
CA ALA A 354 -5.42 33.78 7.12
C ALA A 354 -6.92 34.13 7.09
N GLN A 355 -7.58 33.86 5.97
CA GLN A 355 -9.01 34.13 5.79
C GLN A 355 -9.91 32.90 5.98
N SER A 356 -9.36 31.83 6.55
CA SER A 356 -10.08 30.56 6.66
C SER A 356 -11.24 30.66 7.64
N HIS A 357 -12.37 30.04 7.26
CA HIS A 357 -13.58 29.95 8.06
C HIS A 357 -13.34 29.37 9.46
N TYR A 358 -12.31 28.54 9.59
CA TYR A 358 -11.97 27.78 10.83
C TYR A 358 -11.26 28.68 11.86
N TRP A 359 -10.89 29.91 11.48
CA TRP A 359 -10.43 30.92 12.44
C TRP A 359 -11.61 31.48 13.22
N THR A 360 -12.81 31.48 12.59
CA THR A 360 -14.01 32.12 13.15
C THR A 360 -14.57 31.31 14.30
N SER A 361 -15.50 31.93 15.05
CA SER A 361 -16.13 31.27 16.18
C SER A 361 -16.98 30.07 15.71
N ALA A 362 -17.76 30.26 14.64
CA ALA A 362 -18.55 29.17 14.05
C ALA A 362 -17.65 28.00 13.64
N GLY A 363 -16.52 28.31 12.98
CA GLY A 363 -15.57 27.30 12.54
C GLY A 363 -14.86 26.55 13.68
N GLN A 364 -14.60 27.25 14.78
CA GLN A 364 -13.99 26.66 15.95
C GLN A 364 -14.97 25.73 16.67
N THR A 365 -16.24 26.13 16.71
CA THR A 365 -17.31 25.26 17.21
C THR A 365 -17.41 23.97 16.35
N GLU A 366 -17.27 24.11 15.03
CA GLU A 366 -17.27 22.97 14.10
C GLU A 366 -16.09 22.05 14.41
N ILE A 367 -14.91 22.64 14.59
CA ILE A 367 -13.72 21.88 14.94
C ILE A 367 -13.96 21.10 16.24
N LYS A 368 -14.48 21.79 17.26
CA LYS A 368 -14.71 21.21 18.58
C LYS A 368 -15.55 19.92 18.54
N GLU A 369 -16.69 19.95 17.86
CA GLU A 369 -17.58 18.79 17.80
C GLU A 369 -16.99 17.64 16.98
N SER A 370 -16.26 17.98 15.91
CA SER A 370 -15.49 17.00 15.14
C SER A 370 -14.46 16.32 16.02
N GLU A 371 -13.64 17.13 16.70
CA GLU A 371 -12.58 16.63 17.58
C GLU A 371 -13.12 15.68 18.64
N ILE A 372 -14.28 16.01 19.21
CA ILE A 372 -14.93 15.17 20.21
C ILE A 372 -15.40 13.83 19.62
N PHE A 373 -15.94 13.86 18.40
CA PHE A 373 -16.25 12.62 17.68
C PHE A 373 -15.01 11.77 17.51
N VAL A 374 -13.91 12.38 17.05
CA VAL A 374 -12.64 11.67 16.86
C VAL A 374 -12.21 10.96 18.15
N ARG A 375 -12.22 11.70 19.27
CA ARG A 375 -11.90 11.16 20.62
C ARG A 375 -12.76 9.93 20.91
N LEU A 376 -14.08 10.02 20.71
CA LEU A 376 -15.00 8.90 20.97
C LEU A 376 -14.71 7.71 20.05
N TRP A 377 -14.40 8.01 18.78
CA TRP A 377 -14.01 7.00 17.78
C TRP A 377 -12.74 6.28 18.15
N VAL A 378 -11.67 7.04 18.38
CA VAL A 378 -10.38 6.51 18.82
C VAL A 378 -10.57 5.67 20.09
N GLY A 379 -11.40 6.18 21.02
CA GLY A 379 -11.70 5.50 22.27
C GLY A 379 -12.46 4.18 22.13
N ALA A 380 -13.47 4.15 21.25
CA ALA A 380 -14.27 2.94 21.03
C ALA A 380 -13.41 1.81 20.46
N PHE A 381 -12.48 2.16 19.57
CA PHE A 381 -11.66 1.18 18.89
C PHE A 381 -10.39 0.76 19.64
N ALA A 382 -10.05 1.53 20.69
CA ALA A 382 -9.09 1.07 21.70
C ALA A 382 -9.69 -0.11 22.49
N LEU A 383 -10.98 0.02 22.85
CA LEU A 383 -11.71 -1.04 23.52
C LEU A 383 -11.89 -2.27 22.62
N ALA A 384 -12.17 -2.02 21.34
CA ALA A 384 -12.24 -3.06 20.30
C ALA A 384 -10.93 -3.82 20.19
N GLY A 385 -9.81 -3.08 20.17
CA GLY A 385 -8.48 -3.66 20.15
C GLY A 385 -8.26 -4.61 21.31
N ARG A 386 -8.62 -4.14 22.51
CA ARG A 386 -8.52 -4.91 23.77
C ARG A 386 -9.40 -6.16 23.67
N SER A 387 -10.61 -6.03 23.11
CA SER A 387 -11.53 -7.15 22.90
C SER A 387 -10.98 -8.20 21.94
N MET A 388 -10.44 -7.74 20.79
CA MET A 388 -9.85 -8.64 19.79
C MET A 388 -8.61 -9.36 20.30
N LYS A 389 -7.84 -8.69 21.16
CA LYS A 389 -6.69 -9.29 21.82
C LYS A 389 -7.13 -10.52 22.59
N ALA A 390 -8.14 -10.35 23.45
CA ALA A 390 -8.66 -11.42 24.29
C ALA A 390 -9.29 -12.55 23.47
N TRP A 391 -9.92 -12.18 22.34
CA TRP A 391 -10.57 -13.11 21.43
C TRP A 391 -9.55 -14.05 20.81
N ILE A 392 -8.44 -13.48 20.32
CA ILE A 392 -7.49 -14.15 19.44
C ILE A 392 -6.27 -14.69 20.18
N ASP A 393 -5.70 -13.88 21.08
CA ASP A 393 -4.46 -14.22 21.77
C ASP A 393 -4.56 -13.91 23.26
N PRO A 394 -5.45 -14.60 24.01
CA PRO A 394 -5.70 -14.27 25.40
C PRO A 394 -4.45 -14.38 26.29
N MET A 395 -3.58 -15.36 25.99
CA MET A 395 -2.40 -15.66 26.80
C MET A 395 -1.10 -15.06 26.27
N GLY A 396 -1.22 -14.10 25.34
CA GLY A 396 -0.11 -13.30 24.86
C GLY A 396 1.06 -14.08 24.27
N LYS A 397 0.73 -15.09 23.46
CA LYS A 397 1.71 -15.93 22.79
C LYS A 397 2.44 -15.22 21.64
N ILE A 398 1.85 -14.13 21.13
CA ILE A 398 2.41 -13.35 20.03
C ILE A 398 3.39 -12.30 20.55
N ASN A 404 9.10 -3.56 20.05
CA ASN A 404 8.19 -4.46 20.75
C ASN A 404 6.74 -4.02 20.57
N ASP A 405 6.22 -4.24 19.36
CA ASP A 405 4.89 -3.79 18.96
C ASP A 405 3.81 -4.66 19.60
N ARG A 406 2.89 -4.02 20.32
CA ARG A 406 1.81 -4.69 21.10
C ARG A 406 0.46 -4.49 20.39
N ASP A 407 0.49 -4.41 19.05
CA ASP A 407 -0.70 -4.22 18.22
C ASP A 407 -0.87 -5.46 17.35
N LEU A 408 -1.97 -6.18 17.58
CA LEU A 408 -2.23 -7.46 16.94
C LEU A 408 -2.49 -7.29 15.43
N THR A 409 -2.90 -6.08 15.03
CA THR A 409 -3.19 -5.76 13.63
C THR A 409 -1.94 -5.40 12.80
N ALA A 410 -0.83 -5.14 13.49
CA ALA A 410 0.46 -4.88 12.84
C ALA A 410 0.91 -6.10 12.04
N ALA A 411 1.50 -5.84 10.86
CA ALA A 411 1.88 -6.86 9.91
C ALA A 411 2.67 -8.01 10.56
N VAL A 412 3.65 -7.64 11.38
CA VAL A 412 4.53 -8.61 12.06
C VAL A 412 3.75 -9.57 12.96
N ASN A 413 2.69 -9.07 13.62
CA ASN A 413 1.88 -9.87 14.53
C ASN A 413 0.72 -10.63 13.89
N ILE A 414 0.07 -10.01 12.90
CA ILE A 414 -1.06 -10.62 12.20
C ILE A 414 -0.61 -11.83 11.37
N ARG A 415 0.62 -11.77 10.83
CA ARG A 415 1.32 -12.88 10.15
C ARG A 415 1.42 -14.09 11.10
N GLN A 416 1.78 -13.86 12.36
CA GLN A 416 1.90 -14.93 13.35
C GLN A 416 0.54 -15.56 13.69
N VAL A 417 -0.51 -14.74 13.72
CA VAL A 417 -1.87 -15.19 14.04
C VAL A 417 -2.36 -16.23 13.04
N ILE A 418 -2.32 -15.88 11.74
CA ILE A 418 -2.85 -16.74 10.68
C ILE A 418 -2.05 -18.03 10.49
N SER A 419 -0.73 -17.95 10.69
CA SER A 419 0.16 -19.11 10.65
C SER A 419 -0.13 -20.12 11.77
N ASN A 420 -0.67 -19.63 12.90
CA ASN A 420 -1.03 -20.48 14.04
C ASN A 420 -2.47 -21.00 13.89
N LYS A 421 -2.59 -22.28 13.54
CA LYS A 421 -3.86 -22.91 13.19
C LYS A 421 -4.77 -23.15 14.39
N GLU A 422 -4.18 -23.62 15.49
CA GLU A 422 -4.90 -23.86 16.75
C GLU A 422 -5.46 -22.55 17.34
N MET A 423 -4.65 -21.49 17.28
CA MET A 423 -5.04 -20.16 17.73
C MET A 423 -6.32 -19.69 17.04
N VAL A 424 -6.31 -19.74 15.71
CA VAL A 424 -7.47 -19.37 14.89
C VAL A 424 -8.69 -20.21 15.24
N ALA A 425 -8.51 -21.53 15.33
CA ALA A 425 -9.59 -22.46 15.65
C ALA A 425 -10.17 -22.18 17.04
N GLU A 426 -9.30 -21.96 18.02
CA GLU A 426 -9.71 -21.65 19.39
C GLU A 426 -10.47 -20.32 19.47
N ALA A 427 -10.06 -19.35 18.64
CA ALA A 427 -10.73 -18.06 18.51
C ALA A 427 -12.15 -18.24 17.98
N MET A 428 -12.28 -19.01 16.90
CA MET A 428 -13.58 -19.30 16.30
C MET A 428 -14.52 -20.00 17.26
N ALA A 429 -13.96 -20.84 18.14
CA ALA A 429 -14.74 -21.57 19.16
C ALA A 429 -15.20 -20.67 20.32
N ARG A 430 -14.46 -19.59 20.58
CA ARG A 430 -14.72 -18.62 21.69
C ARG A 430 -15.62 -17.47 21.21
N ARG A 431 -15.85 -17.34 19.90
CA ARG A 431 -16.39 -16.13 19.23
C ARG A 431 -17.77 -15.75 19.79
N GLY A 432 -18.52 -16.72 20.33
CA GLY A 432 -19.85 -16.50 20.87
C GLY A 432 -20.00 -15.41 21.91
N ILE A 433 -18.93 -15.16 22.67
CA ILE A 433 -18.93 -14.13 23.70
C ILE A 433 -19.08 -12.74 23.09
N TYR A 434 -18.57 -12.55 21.87
CA TYR A 434 -18.60 -11.26 21.12
C TYR A 434 -19.78 -11.21 20.14
N PHE A 435 -19.99 -12.28 19.38
CA PHE A 435 -21.00 -12.28 18.32
C PHE A 435 -22.37 -12.79 18.77
N GLY A 436 -22.40 -13.63 19.81
CA GLY A 436 -23.57 -14.41 20.14
C GLY A 436 -23.62 -15.64 19.23
N GLU A 437 -24.75 -16.34 19.23
CA GLU A 437 -24.94 -17.51 18.37
C GLU A 437 -24.87 -17.04 16.91
N THR A 438 -23.92 -17.62 16.15
CA THR A 438 -23.68 -17.26 14.76
C THR A 438 -23.59 -18.48 13.86
N PRO A 439 -24.74 -19.10 13.50
CA PRO A 439 -24.74 -20.20 12.52
C PRO A 439 -24.07 -19.78 11.20
N GLU A 440 -24.13 -18.49 10.86
CA GLU A 440 -23.54 -17.94 9.64
C GLU A 440 -22.04 -18.23 9.49
N LEU A 441 -21.33 -18.34 10.63
CA LEU A 441 -19.88 -18.54 10.65
C LEU A 441 -19.42 -19.97 10.97
N ASP A 442 -20.37 -20.91 11.00
CA ASP A 442 -20.10 -22.28 11.44
C ASP A 442 -19.27 -23.16 10.50
N ARG A 443 -19.42 -22.98 9.18
CA ARG A 443 -18.93 -23.96 8.17
C ARG A 443 -18.03 -23.26 7.13
N LEU A 444 -17.11 -22.42 7.60
CA LEU A 444 -16.19 -21.72 6.71
C LEU A 444 -15.02 -22.61 6.32
N GLY A 445 -14.69 -23.57 7.19
CA GLY A 445 -13.48 -24.39 7.08
C GLY A 445 -12.31 -23.66 7.71
N ALA A 446 -11.23 -24.40 7.98
CA ALA A 446 -10.02 -23.87 8.63
C ALA A 446 -9.39 -22.69 7.87
N GLU A 447 -9.32 -22.82 6.54
CA GLU A 447 -8.82 -21.76 5.67
C GLU A 447 -9.74 -20.54 5.69
N GLY A 448 -11.05 -20.80 5.63
CA GLY A 448 -12.08 -19.79 5.73
C GLY A 448 -12.03 -19.02 7.04
N ASN A 449 -11.82 -19.75 8.15
CA ASN A 449 -11.67 -19.20 9.49
C ASN A 449 -10.49 -18.26 9.60
N GLU A 450 -9.38 -18.65 8.96
CA GLU A 450 -8.15 -17.86 8.98
C GLU A 450 -8.37 -16.52 8.28
N GLY A 451 -9.00 -16.58 7.09
CA GLY A 451 -9.44 -15.41 6.38
C GLY A 451 -10.31 -14.48 7.22
N PHE A 452 -11.25 -15.07 7.96
CA PHE A 452 -12.21 -14.33 8.78
C PHE A 452 -11.56 -13.58 9.94
N VAL A 453 -10.66 -14.26 10.67
CA VAL A 453 -9.90 -13.67 11.77
C VAL A 453 -8.98 -12.58 11.24
N PHE A 454 -8.36 -12.84 10.08
CA PHE A 454 -7.49 -11.87 9.42
C PHE A 454 -8.27 -10.60 9.07
N ALA A 455 -9.42 -10.77 8.40
CA ALA A 455 -10.28 -9.67 7.96
C ALA A 455 -10.72 -8.73 9.08
N LEU A 456 -11.09 -9.31 10.22
CA LEU A 456 -11.56 -8.51 11.35
C LEU A 456 -10.43 -7.70 11.99
N LEU A 457 -9.22 -8.27 12.00
CA LEU A 457 -8.02 -7.54 12.44
C LEU A 457 -7.73 -6.37 11.48
N ARG A 458 -7.88 -6.61 10.17
CA ARG A 458 -7.66 -5.58 9.12
C ARG A 458 -8.78 -4.53 9.16
N TYR A 459 -10.03 -4.94 9.42
CA TYR A 459 -11.18 -4.02 9.58
C TYR A 459 -10.98 -3.15 10.83
N LEU A 460 -10.48 -3.73 11.93
CA LEU A 460 -10.11 -2.97 13.12
C LEU A 460 -9.06 -1.91 12.77
N ARG A 461 -7.98 -2.34 12.12
CA ARG A 461 -6.85 -1.47 11.69
C ARG A 461 -7.38 -0.36 10.79
N GLY A 462 -8.30 -0.70 9.87
CA GLY A 462 -8.92 0.27 8.99
C GLY A 462 -9.75 1.33 9.70
N CYS A 463 -10.29 1.00 10.87
CA CYS A 463 -11.00 1.96 11.72
C CYS A 463 -10.03 2.75 12.60
N ARG A 464 -8.99 2.07 13.10
CA ARG A 464 -8.11 2.55 14.19
CA ARG A 464 -8.10 2.55 14.19
C ARG A 464 -7.00 3.44 13.63
N ASN A 465 -6.39 3.05 12.50
CA ASN A 465 -5.28 3.79 11.89
C ASN A 465 -5.73 4.89 10.92
N GLN A 466 -6.66 5.73 11.37
CA GLN A 466 -7.15 6.89 10.65
C GLN A 466 -6.79 8.15 11.42
N THR A 467 -6.11 9.08 10.74
CA THR A 467 -6.06 10.47 11.17
C THR A 467 -7.07 11.16 10.30
N PHE A 468 -8.17 11.59 10.91
CA PHE A 468 -9.30 12.15 10.18
C PHE A 468 -10.01 13.20 11.01
N HIS A 469 -10.94 13.90 10.35
CA HIS A 469 -11.87 14.80 11.00
C HIS A 469 -13.20 14.70 10.27
N LEU A 470 -14.27 15.18 10.91
CA LEU A 470 -15.55 15.33 10.27
C LEU A 470 -15.56 16.56 9.39
N GLY A 471 -16.35 16.49 8.32
CA GLY A 471 -16.48 17.55 7.33
C GLY A 471 -17.61 17.23 6.36
N ALA A 472 -18.09 18.27 5.66
CA ALA A 472 -19.26 18.19 4.78
C ALA A 472 -19.17 17.13 3.68
N ARG A 473 -17.92 16.81 3.27
CA ARG A 473 -17.63 15.80 2.21
C ARG A 473 -17.76 14.38 2.77
N ALA A 474 -17.73 14.21 4.10
CA ALA A 474 -17.73 12.89 4.75
C ALA A 474 -16.55 12.03 4.26
N GLY A 475 -15.37 12.67 4.15
CA GLY A 475 -14.14 12.00 3.74
C GLY A 475 -13.72 10.90 4.71
N PHE A 476 -14.02 11.11 5.99
CA PHE A 476 -13.82 10.11 7.04
C PHE A 476 -14.52 8.76 6.71
N LEU A 477 -15.82 8.82 6.40
CA LEU A 477 -16.58 7.61 6.05
C LEU A 477 -16.05 6.97 4.75
N LYS A 478 -15.53 7.80 3.85
CA LYS A 478 -14.89 7.33 2.62
C LYS A 478 -13.62 6.52 2.89
N GLU A 479 -12.82 6.99 3.85
CA GLU A 479 -11.63 6.26 4.31
C GLU A 479 -12.00 4.93 4.98
N ILE A 480 -13.07 4.96 5.80
CA ILE A 480 -13.59 3.77 6.45
C ILE A 480 -14.04 2.75 5.41
N ARG A 481 -14.78 3.22 4.40
CA ARG A 481 -15.33 2.39 3.30
C ARG A 481 -14.19 1.76 2.49
N LYS A 482 -13.13 2.55 2.21
CA LYS A 482 -11.98 2.09 1.44
C LYS A 482 -11.33 0.84 2.05
N GLU A 483 -11.23 0.82 3.38
CA GLU A 483 -10.64 -0.31 4.10
C GLU A 483 -11.65 -1.45 4.33
N LEU A 484 -12.90 -1.09 4.65
CA LEU A 484 -13.87 -2.07 5.11
C LEU A 484 -14.68 -2.76 3.99
N GLU A 485 -14.58 -2.25 2.76
CA GLU A 485 -15.18 -2.87 1.57
CA GLU A 485 -15.19 -2.87 1.58
C GLU A 485 -14.30 -4.00 1.02
N LYS A 486 -13.05 -4.06 1.51
CA LYS A 486 -12.08 -5.06 1.07
C LYS A 486 -12.43 -6.49 1.52
N THR A 487 -12.29 -7.43 0.57
CA THR A 487 -12.40 -8.87 0.85
C THR A 487 -11.14 -9.61 0.41
N ARG A 488 -10.08 -8.85 0.08
CA ARG A 488 -8.74 -9.38 -0.30
C ARG A 488 -7.66 -8.38 0.11
N TRP A 489 -6.49 -8.87 0.55
CA TRP A 489 -5.37 -8.04 0.97
C TRP A 489 -4.05 -8.59 0.45
N GLY A 490 -3.15 -7.68 0.06
CA GLY A 490 -1.78 -8.01 -0.29
C GLY A 490 -1.62 -8.58 -1.69
N LYS A 491 -0.53 -9.32 -1.89
CA LYS A 491 -0.14 -9.87 -3.20
C LYS A 491 0.38 -11.30 -3.05
N ALA A 492 0.23 -12.08 -4.12
CA ALA A 492 0.66 -13.48 -4.15
C ALA A 492 2.17 -13.65 -4.06
N LYS A 493 2.92 -12.73 -4.70
CA LYS A 493 4.40 -12.87 -4.76
C LYS A 493 5.01 -12.44 -3.43
N GLU A 494 4.21 -11.81 -2.57
CA GLU A 494 4.78 -11.24 -1.32
C GLU A 494 4.03 -11.76 -0.09
N ALA A 495 4.50 -11.42 1.10
CA ALA A 495 3.89 -11.89 2.36
C ALA A 495 2.45 -11.40 2.52
N GLU A 496 1.65 -12.11 3.31
CA GLU A 496 0.28 -11.74 3.66
C GLU A 496 -0.62 -11.56 2.44
N HIS A 497 -0.78 -12.63 1.66
CA HIS A 497 -1.80 -12.69 0.63
C HIS A 497 -2.99 -13.37 1.24
N VAL A 498 -4.08 -12.63 1.42
CA VAL A 498 -5.32 -13.18 1.95
C VAL A 498 -6.48 -12.81 1.02
N VAL A 499 -7.20 -13.85 0.57
CA VAL A 499 -8.42 -13.71 -0.22
C VAL A 499 -9.51 -14.39 0.59
N LEU A 500 -10.56 -13.63 0.92
CA LEU A 500 -11.71 -14.19 1.60
C LEU A 500 -12.47 -15.14 0.64
N THR A 501 -12.83 -16.32 1.14
CA THR A 501 -13.62 -17.29 0.39
C THR A 501 -15.03 -16.77 0.26
N ASP A 502 -15.71 -17.20 -0.80
CA ASP A 502 -17.08 -16.77 -1.09
C ASP A 502 -17.99 -16.96 0.11
N LYS A 503 -17.83 -18.09 0.81
CA LYS A 503 -18.60 -18.43 1.99
C LYS A 503 -18.33 -17.45 3.13
N THR A 504 -17.05 -17.15 3.37
CA THR A 504 -16.66 -16.21 4.41
C THR A 504 -17.29 -14.85 4.15
N VAL A 505 -17.26 -14.41 2.89
CA VAL A 505 -17.87 -13.15 2.48
C VAL A 505 -19.38 -13.16 2.74
N ALA A 506 -20.04 -14.25 2.32
CA ALA A 506 -21.49 -14.40 2.50
C ALA A 506 -21.85 -14.41 3.98
N ALA A 507 -21.00 -15.02 4.80
CA ALA A 507 -21.20 -15.08 6.25
C ALA A 507 -21.14 -13.69 6.89
N ILE A 508 -20.19 -12.87 6.43
CA ILE A 508 -20.05 -11.50 6.92
C ILE A 508 -21.28 -10.70 6.54
N ARG A 509 -21.66 -10.74 5.26
CA ARG A 509 -22.84 -10.01 4.72
C ARG A 509 -24.13 -10.53 5.35
N ALA A 510 -24.21 -11.83 5.68
CA ALA A 510 -25.42 -12.45 6.24
C ALA A 510 -25.78 -11.99 7.66
N ILE A 511 -24.76 -11.76 8.50
CA ILE A 511 -24.98 -11.39 9.90
C ILE A 511 -25.80 -10.10 10.03
N ILE A 512 -25.36 -9.02 9.38
CA ILE A 512 -26.10 -7.76 9.40
C ILE A 512 -27.46 -7.89 8.69
N ASP A 513 -27.49 -8.64 7.60
CA ASP A 513 -28.71 -8.95 6.84
C ASP A 513 -29.78 -9.62 7.71
N ASN A 514 -29.37 -10.66 8.44
CA ASN A 514 -30.27 -11.44 9.31
C ASN A 514 -30.74 -10.67 10.52
N ASP A 515 -29.84 -9.88 11.12
CA ASP A 515 -30.19 -9.00 12.23
C ASP A 515 -31.24 -7.97 11.79
N ALA A 516 -31.06 -7.42 10.58
CA ALA A 516 -32.03 -6.51 9.98
C ALA A 516 -33.37 -7.21 9.71
N LYS A 517 -33.32 -8.37 9.04
CA LYS A 517 -34.50 -9.18 8.76
C LYS A 517 -35.28 -9.47 10.05
N ALA A 518 -34.55 -9.77 11.13
CA ALA A 518 -35.13 -10.15 12.42
C ALA A 518 -35.70 -8.98 13.23
N LEU A 519 -35.38 -7.74 12.83
CA LEU A 519 -35.68 -6.55 13.64
C LEU A 519 -37.16 -6.37 13.89
N GLY A 520 -37.97 -6.51 12.84
CA GLY A 520 -39.41 -6.28 12.90
C GLY A 520 -40.08 -7.07 14.01
N ALA A 521 -39.78 -8.36 14.09
CA ALA A 521 -40.35 -9.26 15.09
C ALA A 521 -39.78 -9.02 16.49
N ARG A 522 -38.51 -8.61 16.57
CA ARG A 522 -37.86 -8.26 17.86
C ARG A 522 -38.59 -7.05 18.47
N LEU A 523 -38.86 -6.03 17.64
CA LEU A 523 -39.55 -4.82 18.07
C LEU A 523 -40.98 -5.10 18.53
N LEU A 524 -41.64 -6.05 17.85
CA LEU A 524 -42.96 -6.51 18.22
C LEU A 524 -42.92 -7.23 19.57
N ALA A 525 -41.96 -8.16 19.69
CA ALA A 525 -41.77 -8.97 20.91
C ALA A 525 -41.43 -8.11 22.11
N ASP A 526 -40.62 -7.07 21.88
CA ASP A 526 -40.26 -6.08 22.91
C ASP A 526 -41.51 -5.47 23.54
N LEU A 527 -42.39 -4.92 22.70
CA LEU A 527 -43.68 -4.37 23.14
C LEU A 527 -44.60 -5.43 23.78
N SER A 528 -44.68 -6.59 23.13
CA SER A 528 -45.52 -7.71 23.59
C SER A 528 -45.09 -8.18 24.98
N GLY A 529 -43.79 -8.41 25.16
CA GLY A 529 -43.19 -8.85 26.40
C GLY A 529 -43.32 -7.85 27.55
N ALA A 530 -43.48 -6.57 27.22
CA ALA A 530 -43.71 -5.52 28.21
C ALA A 530 -45.22 -5.28 28.48
N PHE A 531 -46.06 -6.19 27.99
CA PHE A 531 -47.52 -6.21 28.20
C PHE A 531 -48.29 -5.11 27.48
N VAL A 532 -47.64 -4.47 26.49
CA VAL A 532 -48.21 -3.27 25.87
C VAL A 532 -49.52 -3.61 25.14
N ALA A 533 -49.56 -4.77 24.48
CA ALA A 533 -50.73 -5.24 23.75
C ALA A 533 -51.91 -5.63 24.66
N HIS A 534 -51.61 -5.88 25.94
CA HIS A 534 -52.61 -6.15 26.97
C HIS A 534 -53.36 -4.89 27.48
N TYR A 535 -52.79 -3.70 27.24
CA TYR A 535 -53.31 -2.42 27.79
C TYR A 535 -53.65 -1.44 26.66
N ALA A 536 -53.86 -1.95 25.45
CA ALA A 536 -54.19 -1.13 24.29
C ALA A 536 -55.11 -1.87 23.34
N SER A 537 -56.07 -1.14 22.74
CA SER A 537 -56.93 -1.66 21.70
C SER A 537 -56.03 -2.14 20.56
N LYS A 538 -56.54 -3.06 19.75
CA LYS A 538 -55.77 -3.65 18.67
C LYS A 538 -55.37 -2.60 17.65
N GLU A 539 -56.25 -1.62 17.43
CA GLU A 539 -56.02 -0.52 16.50
C GLU A 539 -54.90 0.38 17.04
N HIS A 540 -54.99 0.72 18.34
CA HIS A 540 -53.98 1.56 18.99
C HIS A 540 -52.62 0.90 18.99
N PHE A 541 -52.56 -0.37 19.39
CA PHE A 541 -51.30 -1.13 19.45
C PHE A 541 -50.66 -1.23 18.07
N SER A 542 -51.48 -1.51 17.06
CA SER A 542 -51.03 -1.63 15.69
C SER A 542 -50.38 -0.33 15.19
N THR A 543 -51.06 0.79 15.41
CA THR A 543 -50.54 2.13 15.06
C THR A 543 -49.21 2.44 15.77
N LEU A 544 -49.13 2.11 17.07
CA LEU A 544 -47.90 2.30 17.84
C LEU A 544 -46.75 1.50 17.24
N TYR A 545 -46.99 0.21 17.01
CA TYR A 545 -45.98 -0.73 16.47
C TYR A 545 -45.50 -0.24 15.09
N SER A 546 -46.45 0.11 14.21
CA SER A 546 -46.14 0.57 12.87
C SER A 546 -45.21 1.79 12.90
N GLU A 547 -45.55 2.79 13.72
CA GLU A 547 -44.74 4.00 13.86
C GLU A 547 -43.32 3.71 14.33
N ILE A 548 -43.19 2.83 15.32
CA ILE A 548 -41.85 2.44 15.86
C ILE A 548 -41.00 1.87 14.72
N VAL A 549 -41.52 0.88 13.99
CA VAL A 549 -40.73 0.21 12.92
C VAL A 549 -40.38 1.24 11.84
N LYS A 550 -41.33 2.12 11.51
CA LYS A 550 -41.11 3.11 10.42
C LYS A 550 -39.94 4.01 10.80
N ALA A 551 -39.87 4.43 12.07
CA ALA A 551 -38.79 5.32 12.53
C ALA A 551 -37.43 4.63 12.41
N VAL A 552 -37.33 3.37 12.81
CA VAL A 552 -36.04 2.62 12.67
C VAL A 552 -35.72 2.34 11.20
N LYS A 553 -36.70 1.91 10.41
CA LYS A 553 -36.42 1.49 9.00
C LYS A 553 -36.03 2.68 8.11
N ASP A 554 -36.80 3.76 8.13
CA ASP A 554 -36.50 4.90 7.23
C ASP A 554 -36.43 6.16 8.08
N ALA A 555 -35.24 6.78 8.15
CA ALA A 555 -35.11 7.93 9.06
C ALA A 555 -34.10 8.94 8.53
N PRO A 556 -34.25 10.24 8.86
CA PRO A 556 -33.23 11.23 8.53
C PRO A 556 -32.40 11.37 9.82
N GLU A 557 -31.33 12.17 9.81
CA GLU A 557 -30.45 12.26 11.01
C GLU A 557 -31.19 13.05 12.09
N VAL A 558 -31.56 12.40 13.19
CA VAL A 558 -32.41 13.07 14.22
C VAL A 558 -31.58 13.78 15.28
N SER A 559 -32.25 14.46 16.22
CA SER A 559 -31.55 15.24 17.27
C SER A 559 -31.24 14.35 18.48
N SER A 560 -29.99 14.37 18.93
CA SER A 560 -29.62 13.63 20.17
C SER A 560 -29.80 14.59 21.34
N GLY A 561 -30.19 15.83 21.06
CA GLY A 561 -30.31 16.86 22.11
C GLY A 561 -31.40 16.51 23.09
N LEU A 562 -32.26 15.55 22.72
CA LEU A 562 -33.37 15.13 23.61
C LEU A 562 -32.78 14.58 24.92
N PRO A 563 -33.36 14.92 26.08
CA PRO A 563 -32.91 14.38 27.37
C PRO A 563 -33.35 12.91 27.51
N ARG A 564 -32.90 12.24 28.58
CA ARG A 564 -33.34 10.85 28.81
C ARG A 564 -34.76 10.93 29.34
N LEU A 565 -35.65 10.07 28.83
CA LEU A 565 -37.06 10.15 29.19
C LEU A 565 -37.26 10.22 30.71
N LYS A 566 -36.55 9.37 31.45
CA LYS A 566 -36.60 9.33 32.93
C LYS A 566 -36.39 10.71 33.55
N LEU A 567 -35.36 11.41 33.08
CA LEU A 567 -35.02 12.74 33.59
C LEU A 567 -36.06 13.76 33.17
N LEU A 568 -36.51 13.69 31.92
CA LEU A 568 -37.61 14.52 31.45
C LEU A 568 -38.85 14.33 32.34
N LEU A 569 -39.18 13.07 32.63
CA LEU A 569 -40.33 12.71 33.44
C LEU A 569 -40.16 13.15 34.89
N LYS A 570 -38.95 13.01 35.42
CA LYS A 570 -38.61 13.49 36.77
C LYS A 570 -38.91 14.98 36.91
N ARG A 571 -38.40 15.77 35.97
CA ARG A 571 -38.56 17.26 35.94
C ARG A 571 -40.05 17.61 35.87
N ALA A 572 -40.77 17.00 34.92
CA ALA A 572 -42.22 17.19 34.78
C ALA A 572 -42.96 16.83 36.08
N ASP A 573 -42.52 15.76 36.75
CA ASP A 573 -43.10 15.35 38.02
C ASP A 573 -42.85 16.38 39.12
N GLY A 574 -41.63 16.94 39.14
CA GLY A 574 -41.23 17.93 40.13
C GLY A 574 -41.95 19.26 40.00
N VAL A 575 -42.21 19.66 38.75
CA VAL A 575 -42.89 20.90 38.44
C VAL A 575 -44.39 20.74 38.72
N ARG A 576 -44.95 19.62 38.27
CA ARG A 576 -46.37 19.24 38.55
C ARG A 576 -46.61 19.29 40.07
N GLY A 577 -45.74 18.64 40.84
CA GLY A 577 -45.86 18.54 42.28
C GLY A 577 -45.90 19.90 42.96
N TYR A 578 -45.07 20.83 42.50
CA TYR A 578 -44.98 22.19 43.09
C TYR A 578 -46.25 22.99 42.75
N VAL A 579 -46.57 23.13 41.47
CA VAL A 579 -47.74 23.95 41.07
C VAL A 579 -49.06 23.43 41.65
N HIS A 580 -49.21 22.10 41.76
CA HIS A 580 -50.40 21.48 42.35
C HIS A 580 -50.53 21.72 43.86
N GLY A 581 -49.43 22.15 44.49
CA GLY A 581 -49.43 22.56 45.89
C GLY A 581 -49.78 24.03 46.11
N LEU A 582 -49.97 24.78 45.02
CA LEU A 582 -50.31 26.21 45.07
C LEU A 582 -51.82 26.42 44.97
N ARG A 583 -52.29 27.47 45.65
CA ARG A 583 -53.73 27.87 45.72
C ARG A 583 -54.13 28.48 44.37
N ASP A 584 -53.24 29.27 43.76
CA ASP A 584 -53.43 29.85 42.44
C ASP A 584 -53.51 28.73 41.40
N THR A 585 -54.73 28.48 40.89
CA THR A 585 -54.99 27.41 39.94
C THR A 585 -54.47 27.70 38.52
N ARG A 586 -54.27 28.98 38.20
CA ARG A 586 -53.68 29.44 36.91
C ARG A 586 -52.35 28.72 36.67
N LYS A 587 -51.56 28.53 37.73
CA LYS A 587 -50.24 27.89 37.65
C LYS A 587 -50.29 26.38 37.43
N HIS A 588 -51.45 25.76 37.67
CA HIS A 588 -51.65 24.33 37.40
C HIS A 588 -51.51 24.02 35.91
N ALA A 589 -51.74 25.03 35.06
CA ALA A 589 -51.58 24.93 33.61
C ALA A 589 -50.21 24.42 33.15
N PHE A 590 -49.17 24.65 33.96
CA PHE A 590 -47.80 24.23 33.67
C PHE A 590 -47.50 22.74 33.98
N ALA A 591 -48.46 22.05 34.61
CA ALA A 591 -48.39 20.62 34.84
C ALA A 591 -48.79 19.85 33.57
N THR A 592 -48.09 18.75 33.30
CA THR A 592 -48.46 17.81 32.25
C THR A 592 -49.17 16.62 32.89
N LYS A 593 -49.78 15.78 32.03
CA LYS A 593 -50.32 14.49 32.43
C LYS A 593 -49.35 13.33 32.11
N LEU A 594 -48.09 13.68 31.83
CA LEU A 594 -47.04 12.70 31.66
C LEU A 594 -46.87 11.96 32.98
N PRO A 595 -46.58 10.63 32.95
CA PRO A 595 -46.46 9.85 34.17
C PRO A 595 -45.14 10.14 34.88
N PRO A 596 -45.04 9.88 36.21
CA PRO A 596 -43.76 10.01 36.91
C PRO A 596 -42.78 8.96 36.38
N PRO A 597 -41.46 9.13 36.63
CA PRO A 597 -40.51 8.09 36.26
C PRO A 597 -40.74 6.86 37.14
N PRO A 598 -40.75 5.64 36.60
CA PRO A 598 -40.92 4.43 37.41
C PRO A 598 -39.63 4.11 38.20
N ALA A 599 -39.78 3.73 39.47
CA ALA A 599 -38.70 3.10 40.22
C ALA A 599 -38.63 1.64 39.76
N PRO A 600 -37.44 1.01 39.76
CA PRO A 600 -37.30 -0.35 39.21
C PRO A 600 -38.35 -1.35 39.71
N ARG A 601 -38.64 -1.33 41.02
CA ARG A 601 -39.63 -2.24 41.68
C ARG A 601 -41.03 -2.03 41.07
N GLU A 602 -41.36 -0.79 40.67
CA GLU A 602 -42.67 -0.46 40.11
C GLU A 602 -42.93 -1.08 38.73
N LEU A 603 -41.85 -1.45 38.03
CA LEU A 603 -41.95 -2.10 36.73
C LEU A 603 -42.42 -3.56 36.83
N ASP A 604 -42.44 -4.12 38.05
CA ASP A 604 -43.04 -5.43 38.29
C ASP A 604 -44.54 -5.41 37.99
N ASP A 605 -45.17 -4.24 38.14
CA ASP A 605 -46.58 -4.05 37.85
C ASP A 605 -46.80 -3.99 36.35
N PRO A 606 -47.57 -4.93 35.74
CA PRO A 606 -47.73 -4.99 34.29
C PRO A 606 -48.14 -3.65 33.63
N ALA A 607 -49.16 -2.98 34.19
CA ALA A 607 -49.67 -1.73 33.64
C ALA A 607 -48.56 -0.67 33.57
N THR A 608 -47.79 -0.58 34.65
CA THR A 608 -46.70 0.39 34.78
C THR A 608 -45.63 0.13 33.73
N LYS A 609 -45.24 -1.14 33.58
CA LYS A 609 -44.28 -1.56 32.56
C LYS A 609 -44.77 -1.17 31.16
N ALA A 610 -45.99 -1.61 30.84
CA ALA A 610 -46.62 -1.33 29.55
C ALA A 610 -46.58 0.15 29.19
N ARG A 611 -47.01 1.00 30.12
CA ARG A 611 -47.06 2.48 29.94
C ARG A 611 -45.65 3.02 29.68
N TYR A 612 -44.68 2.66 30.52
CA TYR A 612 -43.29 3.20 30.45
C TYR A 612 -42.61 2.76 29.16
N ILE A 613 -42.67 1.46 28.82
CA ILE A 613 -42.04 0.94 27.62
C ILE A 613 -42.66 1.56 26.37
N ALA A 614 -44.00 1.57 26.29
CA ALA A 614 -44.69 2.22 25.19
C ALA A 614 -44.16 3.67 25.04
N LEU A 615 -44.14 4.39 26.16
CA LEU A 615 -43.67 5.77 26.19
C LEU A 615 -42.20 5.91 25.77
N LEU A 616 -41.36 5.01 26.29
CA LEU A 616 -39.92 5.01 26.01
C LEU A 616 -39.62 4.79 24.52
N ARG A 617 -40.24 3.77 23.92
CA ARG A 617 -40.05 3.44 22.49
C ARG A 617 -40.61 4.57 21.61
N LEU A 618 -41.78 5.11 21.99
CA LEU A 618 -42.39 6.22 21.29
C LEU A 618 -41.46 7.42 21.26
N TYR A 619 -40.91 7.75 22.43
CA TYR A 619 -40.01 8.92 22.66
C TYR A 619 -38.76 8.82 21.80
N ASP A 620 -38.04 7.68 21.92
CA ASP A 620 -36.75 7.47 21.26
C ASP A 620 -36.81 7.39 19.73
N GLY A 621 -37.93 6.85 19.21
CA GLY A 621 -38.12 6.63 17.79
C GLY A 621 -39.04 7.65 17.13
N PRO A 622 -40.37 7.38 17.06
CA PRO A 622 -41.30 8.26 16.34
C PRO A 622 -41.31 9.72 16.82
N PHE A 623 -41.32 9.96 18.13
CA PHE A 623 -41.30 11.33 18.64
C PHE A 623 -40.01 12.04 18.21
N ARG A 624 -38.87 11.38 18.43
CA ARG A 624 -37.53 11.95 18.10
C ARG A 624 -37.48 12.32 16.61
N ALA A 625 -37.93 11.41 15.74
CA ALA A 625 -37.99 11.67 14.29
C ALA A 625 -38.84 12.91 13.98
N TYR A 626 -40.03 12.98 14.58
CA TYR A 626 -41.02 14.07 14.37
C TYR A 626 -40.45 15.39 14.94
N ALA A 627 -40.09 15.39 16.22
CA ALA A 627 -39.70 16.61 16.95
C ALA A 627 -38.49 17.33 16.35
N SER A 628 -37.53 16.54 15.83
CA SER A 628 -36.23 17.05 15.41
C SER A 628 -36.29 18.14 14.35
N GLY A 629 -37.14 17.93 13.34
CA GLY A 629 -37.33 18.86 12.24
C GLY A 629 -38.46 19.87 12.43
N ILE A 630 -39.16 19.79 13.58
CA ILE A 630 -40.26 20.71 13.90
C ILE A 630 -39.81 22.17 13.99
N THR A 631 -40.68 23.06 13.50
CA THR A 631 -40.49 24.51 13.50
C THR A 631 -41.80 25.18 13.88
N GLY A 632 -41.76 26.51 14.06
CA GLY A 632 -42.94 27.33 14.20
C GLY A 632 -43.63 27.16 15.54
N THR A 633 -44.96 27.16 15.51
CA THR A 633 -45.79 27.15 16.71
C THR A 633 -45.56 25.92 17.59
N ALA A 634 -45.26 24.79 16.96
CA ALA A 634 -45.01 23.53 17.65
C ALA A 634 -43.72 23.57 18.47
N LEU A 635 -42.76 24.42 18.06
CA LEU A 635 -41.51 24.65 18.79
C LEU A 635 -41.65 25.83 19.75
N ALA A 636 -42.08 26.97 19.20
CA ALA A 636 -42.17 28.25 19.93
C ALA A 636 -43.16 28.19 21.10
N GLY A 637 -44.26 27.44 20.92
CA GLY A 637 -45.28 27.30 21.95
C GLY A 637 -44.70 26.68 23.23
N PRO A 638 -44.15 25.45 23.15
CA PRO A 638 -43.46 24.83 24.29
C PRO A 638 -42.28 25.63 24.87
N ALA A 639 -41.50 26.30 24.01
CA ALA A 639 -40.37 27.12 24.48
C ALA A 639 -40.86 28.24 25.39
N ALA A 640 -41.86 29.00 24.90
CA ALA A 640 -42.46 30.10 25.64
C ALA A 640 -43.06 29.61 26.95
N ARG A 641 -43.80 28.51 26.88
CA ARG A 641 -44.51 27.90 28.04
C ARG A 641 -43.49 27.49 29.10
N ALA A 642 -42.36 26.91 28.68
CA ALA A 642 -41.27 26.54 29.57
C ALA A 642 -40.71 27.77 30.31
N LYS A 643 -40.60 28.90 29.60
CA LYS A 643 -40.15 30.17 30.18
C LYS A 643 -41.18 30.73 31.15
N GLU A 644 -42.45 30.72 30.74
CA GLU A 644 -43.56 31.17 31.60
C GLU A 644 -43.59 30.37 32.91
N ALA A 645 -43.39 29.05 32.79
CA ALA A 645 -43.37 28.14 33.93
C ALA A 645 -42.26 28.50 34.91
N ALA A 646 -41.03 28.66 34.41
CA ALA A 646 -39.87 29.04 35.22
C ALA A 646 -40.07 30.38 35.94
N THR A 647 -40.67 31.35 35.23
CA THR A 647 -41.02 32.65 35.80
C THR A 647 -42.07 32.49 36.91
N ALA A 648 -43.11 31.68 36.65
CA ALA A 648 -44.16 31.39 37.63
C ALA A 648 -43.60 30.70 38.87
N LEU A 649 -42.68 29.75 38.67
CA LEU A 649 -42.03 29.03 39.75
C LEU A 649 -41.18 29.97 40.61
N ALA A 650 -40.37 30.80 39.96
CA ALA A 650 -39.47 31.74 40.64
C ALA A 650 -40.26 32.71 41.53
N GLN A 651 -41.33 33.29 40.98
CA GLN A 651 -42.17 34.26 41.69
C GLN A 651 -42.90 33.67 42.89
N SER A 652 -43.28 32.39 42.78
CA SER A 652 -43.95 31.67 43.86
C SER A 652 -43.01 31.37 45.01
N VAL A 653 -41.79 30.89 44.68
CA VAL A 653 -40.80 30.49 45.67
C VAL A 653 -40.25 31.68 46.46
N ASN A 654 -39.98 32.79 45.76
CA ASN A 654 -39.33 33.97 46.31
C ASN A 654 -40.29 35.16 46.46
N VAL A 655 -41.57 34.87 46.66
CA VAL A 655 -42.64 35.86 46.73
C VAL A 655 -42.40 36.91 47.83
N THR A 656 -41.80 36.48 48.95
CA THR A 656 -41.51 37.37 50.08
C THR A 656 -40.36 38.33 49.78
N LYS A 657 -39.40 37.89 48.95
CA LYS A 657 -38.22 38.67 48.59
C LYS A 657 -38.53 39.91 47.74
N ALA A 658 -37.54 40.80 47.64
CA ALA A 658 -37.67 42.08 46.97
C ALA A 658 -37.89 41.94 45.47
N TYR A 659 -38.80 42.75 44.93
CA TYR A 659 -39.10 42.90 43.48
C TYR A 659 -39.64 41.58 42.91
N SER A 660 -40.37 40.81 43.73
CA SER A 660 -40.85 39.48 43.33
C SER A 660 -41.85 39.51 42.17
N ASP A 661 -42.61 40.62 42.05
CA ASP A 661 -43.58 40.76 40.97
C ASP A 661 -42.98 40.97 39.57
N VAL A 662 -41.68 41.28 39.49
CA VAL A 662 -40.97 41.39 38.21
C VAL A 662 -39.91 40.31 37.98
N MET A 663 -39.78 39.38 38.92
CA MET A 663 -38.85 38.27 38.80
C MET A 663 -39.18 37.39 37.60
N GLU A 664 -38.13 36.97 36.89
CA GLU A 664 -38.24 36.01 35.79
C GLU A 664 -37.32 34.84 36.10
N GLY A 665 -37.62 33.68 35.51
CA GLY A 665 -36.74 32.52 35.59
C GLY A 665 -35.47 32.87 34.85
N ARG A 666 -34.36 32.26 35.25
CA ARG A 666 -33.03 32.46 34.61
C ARG A 666 -33.08 32.00 33.15
N THR A 667 -34.00 31.07 32.84
CA THR A 667 -34.30 30.67 31.48
C THR A 667 -34.65 31.84 30.56
N SER A 668 -35.26 32.89 31.12
CA SER A 668 -35.64 34.09 30.34
C SER A 668 -34.50 34.85 29.67
N ARG A 669 -33.26 34.65 30.14
CA ARG A 669 -32.02 35.18 29.51
C ARG A 669 -31.78 34.49 28.15
N LEU A 670 -32.21 33.23 28.01
CA LEU A 670 -32.04 32.48 26.76
C LEU A 670 -32.94 33.04 25.68
N ARG A 671 -32.44 33.09 24.44
CA ARG A 671 -33.19 33.62 23.28
C ARG A 671 -34.24 32.61 22.87
N PRO A 672 -35.42 33.05 22.37
CA PRO A 672 -36.44 32.13 21.87
C PRO A 672 -36.00 31.53 20.54
N PRO A 673 -36.66 30.44 20.08
CA PRO A 673 -36.35 29.88 18.77
C PRO A 673 -36.63 30.92 17.67
N ASN A 674 -35.76 30.99 16.65
CA ASN A 674 -36.00 31.80 15.46
C ASN A 674 -37.06 31.14 14.58
N ASP A 675 -37.74 31.95 13.76
CA ASP A 675 -38.70 31.46 12.78
C ASP A 675 -37.94 30.70 11.69
N GLY A 676 -38.30 29.42 11.52
CA GLY A 676 -37.62 28.54 10.58
C GLY A 676 -36.55 27.66 11.20
N GLU A 677 -36.16 27.98 12.44
CA GLU A 677 -35.20 27.18 13.19
C GLU A 677 -35.89 25.90 13.65
N THR A 678 -35.21 24.77 13.48
CA THR A 678 -35.71 23.48 13.91
C THR A 678 -35.31 23.22 15.35
N LEU A 679 -36.06 22.34 16.03
CA LEU A 679 -35.76 21.92 17.40
C LEU A 679 -34.31 21.45 17.48
N ARG A 680 -33.89 20.64 16.50
CA ARG A 680 -32.51 20.11 16.41
C ARG A 680 -31.52 21.29 16.46
N GLU A 681 -31.79 22.34 15.70
CA GLU A 681 -30.92 23.51 15.65
C GLU A 681 -30.92 24.30 16.96
N TYR A 682 -32.10 24.46 17.56
CA TYR A 682 -32.24 25.25 18.81
C TYR A 682 -31.60 24.50 19.98
N LEU A 683 -31.74 23.16 20.00
CA LEU A 683 -31.11 22.33 21.06
C LEU A 683 -29.58 22.43 20.96
N SER A 684 -29.07 22.57 19.74
CA SER A 684 -27.59 22.58 19.55
C SER A 684 -27.10 23.95 20.01
N ALA A 685 -27.83 25.01 19.67
CA ALA A 685 -27.47 26.34 20.16
C ALA A 685 -27.45 26.40 21.68
N LEU A 686 -28.43 25.74 22.31
CA LEU A 686 -28.52 25.70 23.77
C LEU A 686 -27.27 25.10 24.42
N THR A 687 -26.67 24.11 23.74
CA THR A 687 -25.44 23.47 24.22
C THR A 687 -24.29 24.47 24.37
N GLY A 688 -24.27 25.47 23.48
CA GLY A 688 -23.32 26.57 23.54
C GLY A 688 -23.49 27.36 24.83
N GLU A 689 -24.75 27.61 25.20
CA GLU A 689 -25.10 28.34 26.42
C GLU A 689 -24.62 27.60 27.66
N THR A 690 -24.73 26.26 27.63
CA THR A 690 -24.33 25.41 28.73
C THR A 690 -22.83 25.44 28.97
N ALA A 691 -22.05 25.26 27.89
CA ALA A 691 -20.60 25.40 27.95
C ALA A 691 -20.19 26.70 28.65
N THR A 692 -20.85 27.80 28.26
CA THR A 692 -20.61 29.13 28.81
C THR A 692 -21.03 29.24 30.27
N GLU A 693 -22.19 28.67 30.61
CA GLU A 693 -22.72 28.76 31.95
C GLU A 693 -21.87 27.99 32.96
N PHE A 694 -21.36 26.81 32.57
CA PHE A 694 -20.51 26.01 33.46
C PHE A 694 -19.22 26.73 33.83
N ARG A 695 -18.56 27.33 32.85
CA ARG A 695 -17.35 28.16 33.05
C ARG A 695 -17.67 29.31 34.02
N VAL A 696 -18.77 30.03 33.78
CA VAL A 696 -19.20 31.11 34.65
C VAL A 696 -19.40 30.63 36.08
N GLN A 697 -20.07 29.47 36.25
CA GLN A 697 -20.32 28.93 37.59
C GLN A 697 -19.05 28.46 38.30
N ILE A 698 -18.15 27.80 37.55
CA ILE A 698 -16.83 27.40 38.06
C ILE A 698 -16.07 28.61 38.57
N GLY A 699 -16.29 29.78 37.96
CA GLY A 699 -15.67 31.02 38.47
C GLY A 699 -16.24 31.40 39.83
N TYR A 700 -17.56 31.45 39.97
CA TYR A 700 -18.20 31.78 41.27
C TYR A 700 -17.86 30.73 42.33
N GLU A 701 -17.89 29.44 41.98
CA GLU A 701 -17.52 28.35 42.94
C GLU A 701 -16.79 27.26 42.15
N SER A 702 -15.63 26.82 42.62
CA SER A 702 -14.83 25.89 41.82
C SER A 702 -15.22 24.42 41.97
N ASP A 703 -16.20 24.14 42.82
CA ASP A 703 -16.74 22.80 43.00
C ASP A 703 -17.57 22.41 41.78
N SER A 704 -17.13 21.38 41.05
CA SER A 704 -17.78 20.95 39.80
C SER A 704 -19.25 20.54 39.97
N GLU A 705 -19.59 19.94 41.12
CA GLU A 705 -20.94 19.46 41.38
C GLU A 705 -21.90 20.62 41.73
N ASN A 706 -21.42 21.59 42.52
CA ASN A 706 -22.19 22.81 42.83
C ASN A 706 -22.34 23.72 41.61
N ALA A 707 -21.32 23.73 40.75
CA ALA A 707 -21.35 24.44 39.49
C ALA A 707 -22.46 23.86 38.61
N ARG A 708 -22.54 22.53 38.54
CA ARG A 708 -23.56 21.79 37.77
C ARG A 708 -24.97 22.16 38.26
N LYS A 709 -25.15 22.28 39.58
CA LYS A 709 -26.47 22.62 40.14
C LYS A 709 -26.92 24.02 39.74
N GLN A 710 -25.99 24.98 39.82
CA GLN A 710 -26.28 26.36 39.47
C GLN A 710 -26.47 26.59 37.96
N ALA A 711 -25.86 25.71 37.15
CA ALA A 711 -25.98 25.76 35.69
C ALA A 711 -27.13 24.90 35.15
N GLU A 712 -27.76 24.12 36.04
CA GLU A 712 -28.78 23.15 35.64
C GLU A 712 -30.03 23.78 35.02
N PHE A 713 -30.30 25.06 35.30
CA PHE A 713 -31.49 25.74 34.78
C PHE A 713 -31.65 25.63 33.26
N ILE A 714 -30.53 25.57 32.54
CA ILE A 714 -30.55 25.42 31.09
C ILE A 714 -31.08 24.03 30.73
N GLU A 715 -30.54 23.00 31.39
CA GLU A 715 -30.98 21.62 31.16
C GLU A 715 -32.45 21.43 31.58
N ASN A 716 -32.86 22.12 32.66
CA ASN A 716 -34.25 22.08 33.10
C ASN A 716 -35.23 22.79 32.15
N TYR A 717 -34.72 23.80 31.43
CA TYR A 717 -35.54 24.50 30.39
C TYR A 717 -35.79 23.50 29.26
N ARG A 718 -34.73 22.81 28.83
CA ARG A 718 -34.83 21.83 27.73
C ARG A 718 -35.80 20.71 28.14
N ARG A 719 -35.72 20.25 29.38
CA ARG A 719 -36.61 19.19 29.88
C ARG A 719 -38.06 19.69 29.86
N ASP A 720 -38.33 20.87 30.42
CA ASP A 720 -39.67 21.45 30.43
C ASP A 720 -40.21 21.62 29.01
N MET A 721 -39.38 22.20 28.14
CA MET A 721 -39.75 22.45 26.76
C MET A 721 -40.13 21.14 26.07
N LEU A 722 -39.26 20.13 26.22
CA LEU A 722 -39.46 18.84 25.58
C LEU A 722 -40.61 18.05 26.21
N ALA A 723 -40.84 18.24 27.51
CA ALA A 723 -41.98 17.65 28.19
C ALA A 723 -43.31 18.12 27.57
N PHE A 724 -43.42 19.45 27.37
CA PHE A 724 -44.59 20.06 26.75
C PHE A 724 -44.76 19.58 25.29
N MET A 725 -43.65 19.55 24.54
CA MET A 725 -43.65 19.05 23.16
C MET A 725 -44.09 17.60 23.09
N PHE A 726 -43.55 16.77 24.00
CA PHE A 726 -43.85 15.35 24.04
C PHE A 726 -45.33 15.10 24.36
N GLU A 727 -45.86 15.80 25.38
CA GLU A 727 -47.28 15.76 25.67
C GLU A 727 -48.13 16.20 24.46
N ASP A 728 -47.78 17.35 23.87
CA ASP A 728 -48.46 17.89 22.68
C ASP A 728 -48.51 16.86 21.57
N TYR A 729 -47.37 16.23 21.29
CA TYR A 729 -47.18 15.19 20.25
C TYR A 729 -48.09 14.00 20.54
N ILE A 730 -48.09 13.51 21.78
CA ILE A 730 -48.91 12.38 22.20
C ILE A 730 -50.40 12.62 21.89
N ARG A 731 -50.88 13.84 22.19
CA ARG A 731 -52.28 14.27 21.95
C ARG A 731 -52.54 14.44 20.45
N ALA A 732 -51.57 15.01 19.72
CA ALA A 732 -51.72 15.30 18.30
C ALA A 732 -51.76 14.05 17.42
N LYS A 733 -51.04 13.00 17.80
CA LYS A 733 -50.92 11.76 17.01
C LYS A 733 -51.73 10.57 17.55
N GLY A 734 -52.59 10.83 18.53
CA GLY A 734 -53.52 9.85 19.07
C GLY A 734 -52.92 8.76 19.95
N PHE A 735 -51.94 9.14 20.78
CA PHE A 735 -51.31 8.22 21.73
C PHE A 735 -51.74 8.49 23.17
N ASP A 736 -52.81 9.27 23.34
CA ASP A 736 -53.36 9.62 24.65
C ASP A 736 -53.51 8.40 25.55
N TRP A 737 -53.97 7.28 24.96
CA TRP A 737 -54.24 6.04 25.69
C TRP A 737 -53.07 5.60 26.58
N ILE A 738 -51.84 5.80 26.10
CA ILE A 738 -50.64 5.48 26.86
C ILE A 738 -50.63 6.19 28.22
N LEU A 739 -50.96 7.48 28.21
CA LEU A 739 -51.02 8.31 29.42
C LEU A 739 -52.13 7.90 30.39
N LYS A 740 -53.19 7.25 29.85
CA LYS A 740 -54.36 6.84 30.62
C LYS A 740 -54.24 5.48 31.31
N ILE A 741 -53.18 4.73 31.01
CA ILE A 741 -52.90 3.46 31.69
C ILE A 741 -52.50 3.76 33.14
N GLU A 742 -53.25 3.22 34.09
CA GLU A 742 -53.02 3.45 35.52
C GLU A 742 -52.30 2.26 36.15
N PRO A 743 -51.30 2.50 37.04
CA PRO A 743 -50.65 1.41 37.78
C PRO A 743 -51.66 0.46 38.44
N GLY A 744 -51.34 -0.83 38.49
CA GLY A 744 -52.20 -1.81 39.16
C GLY A 744 -53.49 -2.15 38.42
N ALA A 745 -53.77 -1.48 37.30
CA ALA A 745 -54.89 -1.84 36.43
C ALA A 745 -54.70 -3.25 35.84
N THR A 746 -55.79 -4.02 35.78
CA THR A 746 -55.81 -5.33 35.14
C THR A 746 -55.89 -5.12 33.64
N ALA A 747 -55.44 -6.12 32.88
CA ALA A 747 -55.33 -6.06 31.43
C ALA A 747 -56.66 -5.74 30.77
N MET A 748 -56.60 -5.00 29.65
CA MET A 748 -57.75 -4.77 28.77
C MET A 748 -58.10 -6.08 28.06
N THR A 749 -57.08 -6.75 27.51
CA THR A 749 -57.20 -8.10 26.94
C THR A 749 -56.18 -9.02 27.61
N ARG A 750 -56.66 -10.18 28.09
CA ARG A 750 -55.86 -11.16 28.87
C ARG A 750 -54.90 -11.89 27.93
N ALA A 751 -55.35 -12.20 26.71
CA ALA A 751 -54.51 -12.83 25.67
C ALA A 751 -54.75 -12.16 24.32
N PRO A 752 -54.08 -11.03 24.02
CA PRO A 752 -54.34 -10.28 22.78
C PRO A 752 -53.73 -10.93 21.54
N VAL A 753 -54.42 -10.81 20.40
CA VAL A 753 -53.88 -11.18 19.10
C VAL A 753 -53.03 -10.03 18.58
N LEU A 754 -51.72 -10.28 18.44
CA LEU A 754 -50.75 -9.30 17.95
C LEU A 754 -50.91 -9.12 16.44
N PRO A 755 -50.46 -7.99 15.86
CA PRO A 755 -50.47 -7.81 14.41
C PRO A 755 -49.30 -8.56 13.76
N GLU A 756 -49.30 -8.67 12.43
CA GLU A 756 -48.21 -9.31 11.72
C GLU A 756 -46.92 -8.52 11.93
N PRO A 757 -45.72 -9.15 12.04
CA PRO A 757 -44.47 -8.37 12.09
C PRO A 757 -44.16 -7.66 10.77
N ILE A 758 -43.74 -6.39 10.84
CA ILE A 758 -43.44 -5.58 9.62
C ILE A 758 -42.06 -5.95 9.07
N ASP A 759 -41.92 -5.98 7.74
CA ASP A 759 -40.63 -6.33 7.09
C ASP A 759 -39.60 -5.24 7.44
N THR A 760 -38.43 -5.65 7.90
CA THR A 760 -37.37 -4.69 8.31
C THR A 760 -36.09 -4.96 7.52
N ARG A 761 -36.20 -5.67 6.40
CA ARG A 761 -34.99 -6.03 5.61
C ARG A 761 -34.31 -4.77 5.07
N GLY A 762 -32.99 -4.76 4.99
CA GLY A 762 -32.25 -3.62 4.48
C GLY A 762 -31.35 -4.04 3.34
N GLN A 763 -30.80 -3.03 2.66
CA GLN A 763 -29.82 -3.22 1.60
C GLN A 763 -28.50 -2.63 2.11
N TYR A 764 -27.59 -3.52 2.54
CA TYR A 764 -26.31 -3.17 3.21
C TYR A 764 -25.13 -3.46 2.27
N GLU A 765 -24.21 -2.50 2.17
CA GLU A 765 -22.93 -2.67 1.48
C GLU A 765 -22.03 -3.52 2.37
N HIS A 766 -20.99 -4.11 1.78
CA HIS A 766 -20.05 -4.94 2.52
C HIS A 766 -19.41 -4.17 3.68
N TRP A 767 -19.02 -2.91 3.44
CA TRP A 767 -18.36 -2.09 4.45
C TRP A 767 -19.20 -1.89 5.70
N GLN A 768 -20.53 -1.82 5.53
CA GLN A 768 -21.48 -1.78 6.65
C GLN A 768 -21.47 -3.06 7.47
N ALA A 769 -21.52 -4.21 6.77
CA ALA A 769 -21.46 -5.53 7.39
C ALA A 769 -20.15 -5.71 8.16
N ALA A 770 -19.05 -5.27 7.54
CA ALA A 770 -17.72 -5.31 8.13
C ALA A 770 -17.65 -4.48 9.40
N LEU A 771 -18.07 -3.22 9.29
CA LEU A 771 -18.13 -2.29 10.43
C LEU A 771 -19.00 -2.86 11.54
N TYR A 772 -20.15 -3.44 11.16
CA TYR A 772 -21.13 -4.07 12.08
C TYR A 772 -20.43 -5.15 12.92
N LEU A 773 -19.57 -5.96 12.30
CA LEU A 773 -18.88 -7.05 12.99
C LEU A 773 -17.80 -6.53 13.92
N VAL A 774 -17.09 -5.48 13.50
CA VAL A 774 -16.12 -4.84 14.38
C VAL A 774 -16.81 -4.24 15.60
N MET A 775 -18.04 -3.73 15.43
CA MET A 775 -18.81 -3.15 16.54
C MET A 775 -19.13 -4.19 17.64
N HIS A 776 -19.08 -5.48 17.31
CA HIS A 776 -19.29 -6.55 18.28
C HIS A 776 -18.15 -6.72 19.27
N PHE A 777 -17.09 -5.93 19.09
CA PHE A 777 -15.96 -5.85 20.02
C PHE A 777 -15.94 -4.53 20.82
N VAL A 778 -17.02 -3.75 20.69
CA VAL A 778 -17.19 -2.47 21.36
C VAL A 778 -18.45 -2.55 22.22
N PRO A 779 -18.40 -2.18 23.52
CA PRO A 779 -19.60 -2.16 24.35
C PRO A 779 -20.71 -1.27 23.76
N ALA A 780 -21.97 -1.65 23.98
CA ALA A 780 -23.13 -0.95 23.45
C ALA A 780 -23.15 0.53 23.85
N SER A 781 -22.77 0.84 25.08
CA SER A 781 -22.76 2.22 25.58
C SER A 781 -21.88 3.12 24.71
N ASP A 782 -20.71 2.61 24.32
CA ASP A 782 -19.76 3.34 23.49
C ASP A 782 -20.26 3.49 22.05
N VAL A 783 -20.99 2.49 21.56
CA VAL A 783 -21.65 2.59 20.27
C VAL A 783 -22.68 3.70 20.32
N SER A 784 -23.48 3.72 21.39
CA SER A 784 -24.50 4.74 21.60
C SER A 784 -23.91 6.15 21.65
N ASN A 785 -22.76 6.30 22.33
CA ASN A 785 -22.08 7.60 22.44
C ASN A 785 -21.62 8.11 21.08
N LEU A 786 -21.18 7.19 20.21
CA LEU A 786 -20.79 7.55 18.84
C LEU A 786 -21.96 8.11 18.06
N LEU A 787 -23.12 7.46 18.18
CA LEU A 787 -24.33 7.96 17.47
C LEU A 787 -24.75 9.31 18.05
N HIS A 788 -24.64 9.47 19.37
CA HIS A 788 -25.05 10.74 20.04
C HIS A 788 -24.19 11.90 19.52
N GLN A 789 -22.88 11.67 19.36
CA GLN A 789 -21.97 12.73 18.89
C GLN A 789 -22.19 12.96 17.39
N LEU A 790 -22.36 11.88 16.62
CA LEU A 790 -22.66 12.03 15.21
C LEU A 790 -23.88 12.96 15.04
N ARG A 791 -24.94 12.69 15.81
CA ARG A 791 -26.17 13.52 15.83
C ARG A 791 -25.84 14.97 16.20
N LYS A 792 -25.00 15.18 17.23
CA LYS A 792 -24.62 16.53 17.65
C LYS A 792 -23.92 17.26 16.53
N TRP A 793 -22.96 16.61 15.88
CA TRP A 793 -22.25 17.19 14.74
C TRP A 793 -23.15 17.51 13.54
N GLU A 794 -24.12 16.64 13.26
CA GLU A 794 -25.05 16.83 12.14
C GLU A 794 -26.01 18.00 12.42
N ALA A 795 -26.33 18.20 13.70
CA ALA A 795 -27.22 19.26 14.16
C ALA A 795 -26.61 20.68 14.11
N LEU A 796 -25.27 20.75 14.00
CA LEU A 796 -24.54 22.01 14.05
C LEU A 796 -24.82 22.95 12.88
N GLN A 797 -25.26 24.18 13.20
CA GLN A 797 -25.41 25.26 12.23
C GLN A 797 -24.05 25.95 12.01
N GLY A 798 -23.92 26.64 10.87
CA GLY A 798 -22.74 27.44 10.55
C GLY A 798 -21.50 26.67 10.14
N LYS A 799 -21.66 25.40 9.76
CA LYS A 799 -20.56 24.56 9.28
C LYS A 799 -20.21 24.93 7.85
N TYR A 800 -18.93 24.75 7.51
CA TYR A 800 -18.37 24.90 6.14
C TYR A 800 -19.07 23.90 5.21
N GLU A 801 -19.58 24.38 4.07
CA GLU A 801 -20.30 23.57 3.09
C GLU A 801 -19.77 23.79 1.68
N LEU A 802 -20.35 23.08 0.70
CA LEU A 802 -19.93 23.11 -0.68
C LEU A 802 -20.74 24.18 -1.46
N VAL A 803 -20.10 25.34 -1.69
CA VAL A 803 -20.73 26.52 -2.31
C VAL A 803 -21.99 26.92 -1.54
N GLN A 811 -20.17 20.18 -8.10
CA GLN A 811 -20.22 19.62 -6.75
C GLN A 811 -21.65 19.49 -6.21
N ALA A 812 -22.60 19.19 -7.12
CA ALA A 812 -24.01 19.11 -6.79
C ALA A 812 -24.33 17.84 -6.00
N ASP A 813 -23.86 16.70 -6.53
CA ASP A 813 -24.09 15.37 -5.95
C ASP A 813 -23.09 15.02 -4.84
N ALA A 814 -22.16 15.94 -4.55
CA ALA A 814 -21.18 15.76 -3.49
C ALA A 814 -21.85 15.53 -2.14
N ARG A 815 -22.94 16.28 -1.89
CA ARG A 815 -23.70 16.26 -0.61
C ARG A 815 -24.64 15.05 -0.58
N ARG A 816 -25.14 14.63 -1.75
CA ARG A 816 -26.00 13.42 -1.90
C ARG A 816 -25.18 12.18 -1.52
N GLU A 817 -23.92 12.09 -1.98
CA GLU A 817 -23.04 10.98 -1.62
C GLU A 817 -22.68 11.05 -0.13
N ALA A 818 -22.37 12.26 0.34
CA ALA A 818 -22.03 12.50 1.75
C ALA A 818 -23.17 12.06 2.65
N LEU A 819 -24.39 12.45 2.29
CA LEU A 819 -25.59 12.11 3.06
C LEU A 819 -25.89 10.60 3.04
N ASP A 820 -25.60 9.94 1.92
CA ASP A 820 -25.76 8.48 1.81
C ASP A 820 -24.80 7.74 2.76
N LEU A 821 -23.53 8.17 2.78
CA LEU A 821 -22.53 7.58 3.67
C LEU A 821 -22.92 7.70 5.14
N VAL A 822 -23.33 8.91 5.54
CA VAL A 822 -23.72 9.21 6.92
C VAL A 822 -24.94 8.41 7.35
N LYS A 823 -25.93 8.30 6.46
CA LYS A 823 -27.16 7.51 6.70
C LYS A 823 -26.82 6.04 6.88
N ARG A 824 -25.94 5.50 6.02
CA ARG A 824 -25.50 4.07 6.07
C ARG A 824 -24.72 3.84 7.38
N PHE A 825 -23.83 4.77 7.73
CA PHE A 825 -23.11 4.70 9.00
C PHE A 825 -24.07 4.64 10.20
N ARG A 826 -25.03 5.57 10.24
CA ARG A 826 -26.08 5.64 11.30
C ARG A 826 -26.84 4.31 11.36
N ASP A 827 -27.25 3.77 10.20
CA ASP A 827 -28.01 2.53 10.18
C ASP A 827 -27.26 1.38 10.87
N VAL A 828 -25.94 1.32 10.68
CA VAL A 828 -25.09 0.31 11.32
C VAL A 828 -25.17 0.44 12.84
N LEU A 829 -25.07 1.67 13.34
CA LEU A 829 -25.08 1.93 14.78
C LEU A 829 -26.44 1.60 15.37
N VAL A 830 -27.51 2.07 14.73
CA VAL A 830 -28.87 1.87 15.21
C VAL A 830 -29.21 0.38 15.26
N LEU A 831 -28.95 -0.34 14.16
CA LEU A 831 -29.23 -1.77 14.07
C LEU A 831 -28.53 -2.51 15.21
N PHE A 832 -27.24 -2.20 15.43
CA PHE A 832 -26.47 -2.79 16.51
C PHE A 832 -27.16 -2.58 17.86
N LEU A 833 -27.62 -1.36 18.11
CA LEU A 833 -28.25 -1.01 19.38
C LEU A 833 -29.63 -1.67 19.55
N LYS A 834 -30.45 -1.66 18.50
CA LYS A 834 -31.80 -2.23 18.57
C LYS A 834 -31.82 -3.75 18.63
N THR A 835 -30.75 -4.38 18.11
CA THR A 835 -30.57 -5.83 18.16
C THR A 835 -30.20 -6.29 19.57
N GLY A 836 -29.35 -5.48 20.24
CA GLY A 836 -28.98 -5.70 21.63
C GLY A 836 -28.52 -7.12 21.92
N GLU A 837 -29.28 -7.84 22.75
CA GLU A 837 -28.94 -9.18 23.22
C GLU A 837 -29.61 -10.33 22.44
N ALA A 838 -30.15 -10.03 21.25
CA ALA A 838 -30.96 -11.00 20.47
C ALA A 838 -30.27 -12.35 20.29
N ARG A 839 -28.95 -12.33 20.08
CA ARG A 839 -28.13 -13.55 19.79
C ARG A 839 -27.56 -14.13 21.09
N PHE A 840 -27.91 -13.55 22.24
CA PHE A 840 -27.47 -14.01 23.56
C PHE A 840 -28.62 -14.54 24.42
N GLU A 841 -29.76 -13.84 24.40
CA GLU A 841 -30.96 -14.15 25.20
C GLU A 841 -31.36 -15.63 25.17
N GLY A 842 -31.68 -16.18 26.35
CA GLY A 842 -32.20 -17.53 26.50
C GLY A 842 -31.26 -18.64 26.09
N ARG A 843 -29.95 -18.35 26.13
CA ARG A 843 -28.85 -19.30 25.81
C ARG A 843 -27.87 -19.33 26.99
N ALA A 844 -27.07 -20.39 27.09
CA ALA A 844 -26.07 -20.53 28.15
C ALA A 844 -25.02 -19.42 28.03
N ALA A 845 -24.29 -19.17 29.12
CA ALA A 845 -23.22 -18.19 29.14
C ALA A 845 -22.17 -18.58 28.10
N PRO A 846 -21.89 -17.72 27.11
CA PRO A 846 -20.97 -18.08 26.01
C PRO A 846 -19.49 -17.91 26.40
N PHE A 847 -19.15 -18.25 27.64
CA PHE A 847 -17.79 -18.13 28.16
C PHE A 847 -17.66 -18.97 29.42
N ASP A 848 -16.42 -19.24 29.83
CA ASP A 848 -16.13 -20.09 30.98
C ASP A 848 -16.43 -19.33 32.26
N LEU A 849 -17.39 -19.83 33.03
CA LEU A 849 -17.76 -19.27 34.34
C LEU A 849 -16.89 -19.76 35.50
N LYS A 850 -16.16 -20.86 35.28
CA LYS A 850 -15.35 -21.51 36.31
C LYS A 850 -14.29 -20.62 36.95
N PRO A 851 -13.56 -19.78 36.18
CA PRO A 851 -12.59 -18.85 36.76
C PRO A 851 -13.20 -17.88 37.79
N PHE A 852 -14.50 -17.55 37.64
CA PHE A 852 -15.19 -16.61 38.53
C PHE A 852 -15.62 -17.20 39.88
N ARG A 853 -15.43 -18.51 40.07
CA ARG A 853 -15.59 -19.21 41.37
C ARG A 853 -14.65 -18.61 42.42
N ALA A 854 -13.46 -18.15 42.00
CA ALA A 854 -12.47 -17.52 42.88
C ALA A 854 -13.00 -16.30 43.68
N LEU A 855 -14.07 -15.68 43.17
CA LEU A 855 -14.76 -14.57 43.84
C LEU A 855 -15.61 -14.97 45.05
N PHE A 856 -15.72 -16.28 45.30
CA PHE A 856 -16.43 -16.80 46.47
C PHE A 856 -15.49 -17.66 47.30
N ALA A 857 -15.71 -17.66 48.61
CA ALA A 857 -14.99 -18.51 49.55
C ALA A 857 -15.31 -19.97 49.26
N ASN A 858 -16.60 -20.25 49.01
CA ASN A 858 -17.09 -21.57 48.67
C ASN A 858 -17.45 -21.63 47.19
N PRO A 859 -16.68 -22.36 46.36
CA PRO A 859 -16.96 -22.45 44.91
C PRO A 859 -18.35 -23.04 44.59
N ALA A 860 -18.85 -23.94 45.44
CA ALA A 860 -20.18 -24.56 45.26
C ALA A 860 -21.29 -23.51 45.33
N THR A 861 -21.09 -22.49 46.17
CA THR A 861 -22.05 -21.40 46.34
C THR A 861 -22.15 -20.56 45.06
N PHE A 862 -21.01 -20.28 44.43
CA PHE A 862 -20.98 -19.60 43.14
C PHE A 862 -21.76 -20.40 42.09
N ASP A 863 -21.47 -21.70 42.01
CA ASP A 863 -22.13 -22.62 41.08
C ASP A 863 -23.65 -22.57 41.25
N ARG A 864 -24.11 -22.69 42.50
CA ARG A 864 -25.54 -22.71 42.89
C ARG A 864 -26.23 -21.42 42.40
N LEU A 865 -25.55 -20.28 42.51
CA LEU A 865 -26.14 -18.98 42.18
C LEU A 865 -26.09 -18.64 40.69
N PHE A 866 -24.97 -18.94 40.03
CA PHE A 866 -24.70 -18.44 38.68
C PHE A 866 -24.49 -19.46 37.57
N MET A 867 -24.49 -20.75 37.90
CA MET A 867 -24.40 -21.81 36.90
C MET A 867 -25.69 -22.63 36.85
N ALA A 868 -26.50 -22.35 35.83
CA ALA A 868 -27.80 -22.99 35.61
C ALA A 868 -27.70 -24.52 35.67
N THR A 869 -28.75 -25.15 36.21
CA THR A 869 -28.80 -26.59 36.45
C THR A 869 -29.02 -27.36 35.15
N ALA A 885 -37.49 -14.52 34.10
CA ALA A 885 -38.68 -13.68 34.14
C ALA A 885 -38.78 -12.90 35.44
N SER A 886 -38.68 -13.61 36.58
CA SER A 886 -38.81 -13.04 37.92
C SER A 886 -37.65 -12.11 38.27
N GLU A 887 -37.80 -11.36 39.38
CA GLU A 887 -36.84 -10.34 39.79
C GLU A 887 -35.48 -10.94 40.18
N PRO A 888 -35.44 -12.05 40.97
CA PRO A 888 -34.17 -12.74 41.23
C PRO A 888 -33.47 -13.22 39.95
N GLU A 889 -34.24 -13.66 38.96
CA GLU A 889 -33.72 -14.11 37.66
C GLU A 889 -33.06 -12.97 36.86
N LEU A 890 -33.72 -11.80 36.83
CA LEU A 890 -33.18 -10.60 36.16
C LEU A 890 -31.84 -10.20 36.74
N ARG A 891 -31.70 -10.35 38.06
CA ARG A 891 -30.51 -9.99 38.86
C ARG A 891 -29.33 -10.91 38.49
N VAL A 892 -29.58 -12.23 38.37
CA VAL A 892 -28.56 -13.20 37.96
C VAL A 892 -28.08 -12.90 36.53
N ALA A 893 -29.02 -12.58 35.63
CA ALA A 893 -28.72 -12.25 34.24
C ALA A 893 -27.82 -11.01 34.15
N ARG A 894 -28.13 -9.99 34.95
CA ARG A 894 -27.34 -8.74 35.05
C ARG A 894 -25.90 -9.10 35.44
N THR A 895 -25.72 -9.87 36.52
CA THR A 895 -24.41 -10.29 37.00
C THR A 895 -23.59 -11.01 35.92
N LEU A 896 -24.23 -11.98 35.24
CA LEU A 896 -23.58 -12.76 34.20
C LEU A 896 -23.11 -11.89 33.01
N ARG A 897 -23.93 -10.91 32.63
CA ARG A 897 -23.59 -9.90 31.58
C ARG A 897 -22.39 -9.07 32.04
N GLY A 898 -22.34 -8.73 33.34
CA GLY A 898 -21.20 -8.06 33.92
C GLY A 898 -19.92 -8.87 33.79
N LEU A 899 -19.99 -10.15 34.19
CA LEU A 899 -18.86 -11.07 34.13
C LEU A 899 -18.40 -11.28 32.67
N ARG A 900 -19.37 -11.40 31.77
CA ARG A 900 -19.13 -11.50 30.30
C ARG A 900 -18.21 -10.36 29.85
N GLN A 901 -18.51 -9.12 30.23
CA GLN A 901 -17.73 -7.97 29.79
C GLN A 901 -16.27 -8.05 30.31
N ILE A 902 -16.10 -8.58 31.53
CA ILE A 902 -14.76 -8.87 32.06
C ILE A 902 -14.06 -9.95 31.24
N ALA A 903 -14.79 -11.04 30.94
CA ALA A 903 -14.25 -12.11 30.12
C ALA A 903 -13.94 -11.65 28.68
N ARG A 904 -14.78 -10.74 28.15
CA ARG A 904 -14.61 -10.18 26.78
C ARG A 904 -13.23 -9.52 26.65
N TYR A 905 -12.75 -8.86 27.70
CA TYR A 905 -11.42 -8.19 27.74
C TYR A 905 -10.34 -9.12 28.32
N ASN A 906 -10.74 -10.27 28.86
CA ASN A 906 -9.86 -11.21 29.55
C ASN A 906 -9.19 -10.56 30.77
N HIS A 907 -10.00 -9.88 31.59
CA HIS A 907 -9.54 -9.08 32.70
C HIS A 907 -9.58 -9.76 34.06
N MET A 908 -9.83 -11.07 34.08
CA MET A 908 -9.74 -11.78 35.37
C MET A 908 -8.26 -11.84 35.74
N ALA A 909 -7.39 -11.89 34.75
CA ALA A 909 -5.93 -11.92 35.01
C ALA A 909 -5.51 -10.64 35.74
N VAL A 910 -6.04 -9.50 35.32
CA VAL A 910 -5.72 -8.18 35.96
C VAL A 910 -6.27 -8.06 37.38
N LEU A 911 -7.53 -8.47 37.62
CA LEU A 911 -8.18 -8.21 38.94
C LEU A 911 -8.52 -9.47 39.73
N SER A 912 -7.98 -10.63 39.35
CA SER A 912 -8.23 -11.88 40.11
C SER A 912 -7.78 -11.77 41.56
N ASP A 913 -6.57 -11.24 41.77
CA ASP A 913 -5.98 -11.11 43.09
C ASP A 913 -6.85 -10.26 44.00
N LEU A 914 -7.20 -9.06 43.53
CA LEU A 914 -8.03 -8.12 44.29
C LEU A 914 -9.41 -8.71 44.60
N PHE A 915 -10.06 -9.27 43.58
CA PHE A 915 -11.37 -9.91 43.72
C PHE A 915 -11.35 -11.06 44.73
N ALA A 916 -10.31 -11.90 44.63
CA ALA A 916 -10.13 -13.04 45.55
C ALA A 916 -9.78 -12.58 46.97
N LYS A 917 -9.19 -11.39 47.09
CA LYS A 917 -8.94 -10.77 48.41
C LYS A 917 -10.27 -10.43 49.08
N HIS A 918 -11.26 -10.05 48.26
CA HIS A 918 -12.60 -9.69 48.74
C HIS A 918 -13.65 -10.76 48.42
N LYS A 919 -13.31 -12.03 48.68
CA LYS A 919 -14.18 -13.19 48.49
C LYS A 919 -15.51 -13.03 49.21
N VAL A 920 -16.60 -13.41 48.52
CA VAL A 920 -17.94 -13.45 49.10
C VAL A 920 -18.06 -14.73 49.92
N ARG A 921 -18.48 -14.59 51.18
CA ARG A 921 -18.57 -15.70 52.17
C ARG A 921 -20.03 -16.17 52.26
N ASP A 922 -20.24 -17.42 52.67
CA ASP A 922 -21.57 -18.01 52.77
C ASP A 922 -22.50 -17.32 53.76
N GLU A 923 -21.93 -16.78 54.85
CA GLU A 923 -22.72 -16.05 55.84
C GLU A 923 -23.38 -14.82 55.24
N GLU A 924 -22.67 -14.16 54.32
CA GLU A 924 -23.19 -13.01 53.59
C GLU A 924 -24.35 -13.40 52.67
N VAL A 925 -24.23 -14.56 52.03
CA VAL A 925 -25.27 -15.11 51.19
C VAL A 925 -26.51 -15.43 52.03
N ALA A 926 -26.28 -16.09 53.17
CA ALA A 926 -27.36 -16.49 54.07
C ALA A 926 -28.09 -15.28 54.64
N ARG A 927 -27.31 -14.29 55.08
CA ARG A 927 -27.83 -13.02 55.66
C ARG A 927 -28.72 -12.33 54.62
N LEU A 928 -28.28 -12.27 53.36
CA LEU A 928 -29.05 -11.64 52.29
C LEU A 928 -30.37 -12.34 52.11
N ALA A 929 -30.36 -13.67 52.17
CA ALA A 929 -31.54 -14.50 51.99
C ALA A 929 -32.60 -14.19 53.05
N GLU A 930 -32.19 -14.12 54.31
CA GLU A 930 -33.13 -13.88 55.40
C GLU A 930 -33.70 -12.46 55.40
N ILE A 931 -32.92 -11.50 54.89
CA ILE A 931 -33.37 -10.12 54.73
C ILE A 931 -34.45 -10.04 53.64
N GLU A 932 -34.29 -10.84 52.59
CA GLU A 932 -35.20 -10.87 51.44
C GLU A 932 -36.30 -11.93 51.56
N ASP A 933 -36.21 -12.77 52.59
CA ASP A 933 -37.18 -13.85 52.82
C ASP A 933 -38.61 -13.32 52.86
N GLU A 934 -39.36 -13.62 51.80
CA GLU A 934 -40.70 -13.12 51.55
C GLU A 934 -41.79 -14.20 51.68
N THR A 935 -41.39 -15.42 52.02
CA THR A 935 -42.27 -16.60 51.99
C THR A 935 -43.26 -16.65 53.16
N GLN A 936 -42.80 -16.22 54.35
CA GLN A 936 -43.62 -16.21 55.56
C GLN A 936 -44.41 -14.91 55.75
N GLU A 937 -43.77 -13.78 55.43
CA GLU A 937 -44.35 -12.47 55.69
C GLU A 937 -43.61 -11.36 54.94
N LYS A 938 -44.07 -10.12 55.13
CA LYS A 938 -43.38 -8.96 54.63
C LYS A 938 -41.91 -9.06 55.04
N SER A 939 -41.03 -9.16 54.04
CA SER A 939 -39.59 -9.34 54.25
C SER A 939 -38.99 -8.11 54.93
N GLN A 940 -37.85 -8.31 55.58
CA GLN A 940 -37.16 -7.25 56.31
C GLN A 940 -36.94 -6.01 55.45
N ILE A 941 -36.43 -6.22 54.23
CA ILE A 941 -36.11 -5.12 53.32
C ILE A 941 -37.36 -4.36 52.85
N VAL A 942 -38.41 -5.10 52.48
CA VAL A 942 -39.64 -4.48 51.98
C VAL A 942 -40.28 -3.61 53.08
N ALA A 943 -40.30 -4.14 54.31
CA ALA A 943 -40.81 -3.42 55.48
C ALA A 943 -40.04 -2.12 55.73
N ALA A 944 -38.70 -2.22 55.60
CA ALA A 944 -37.82 -1.09 55.79
C ALA A 944 -38.05 -0.02 54.72
N GLN A 945 -38.14 -0.44 53.46
CA GLN A 945 -38.33 0.48 52.33
C GLN A 945 -39.63 1.25 52.47
N GLU A 946 -40.71 0.54 52.84
CA GLU A 946 -42.04 1.11 52.95
C GLU A 946 -42.18 2.04 54.17
N LEU A 947 -41.53 1.67 55.29
CA LEU A 947 -41.48 2.54 56.47
C LEU A 947 -40.77 3.87 56.17
N ARG A 948 -39.67 3.78 55.41
CA ARG A 948 -38.80 4.93 55.03
C ARG A 948 -39.60 5.91 54.16
N THR A 949 -40.29 5.40 53.13
CA THR A 949 -41.12 6.22 52.25
C THR A 949 -42.30 6.80 53.02
N ASP A 950 -42.95 5.97 53.85
CA ASP A 950 -44.06 6.38 54.70
C ASP A 950 -43.71 7.61 55.52
N LEU A 951 -42.61 7.51 56.28
CA LEU A 951 -42.15 8.58 57.15
C LEU A 951 -41.74 9.82 56.37
N HIS A 952 -41.01 9.62 55.27
CA HIS A 952 -40.50 10.73 54.47
C HIS A 952 -41.64 11.61 53.97
N ASP A 953 -42.70 10.98 53.46
CA ASP A 953 -43.87 11.69 52.95
C ASP A 953 -44.70 12.34 54.07
N LYS A 954 -44.82 11.64 55.20
CA LYS A 954 -45.51 12.16 56.38
C LYS A 954 -44.87 13.49 56.84
N VAL A 955 -43.53 13.50 56.89
CA VAL A 955 -42.78 14.69 57.23
C VAL A 955 -42.99 15.75 56.14
N MET A 956 -42.66 15.40 54.90
CA MET A 956 -42.68 16.33 53.78
C MET A 956 -44.06 16.86 53.39
N LYS A 957 -45.12 16.14 53.78
CA LYS A 957 -46.50 16.56 53.53
C LYS A 957 -47.06 17.38 54.70
N CYS A 958 -46.98 16.81 55.92
CA CYS A 958 -47.65 17.37 57.11
C CYS A 958 -46.83 18.44 57.84
N HIS A 959 -45.50 18.24 57.91
CA HIS A 959 -44.61 19.20 58.57
C HIS A 959 -43.17 19.09 58.05
N PRO A 960 -42.85 19.69 56.88
CA PRO A 960 -41.55 19.48 56.23
C PRO A 960 -40.34 20.02 57.02
N LYS A 961 -40.56 20.88 58.02
CA LYS A 961 -39.48 21.46 58.82
C LYS A 961 -39.15 20.65 60.08
N THR A 962 -40.05 19.74 60.48
CA THR A 962 -39.95 19.06 61.77
C THR A 962 -40.11 17.54 61.73
N ILE A 963 -39.57 16.88 62.76
CA ILE A 963 -39.73 15.44 62.97
C ILE A 963 -39.43 15.12 64.44
N SER A 964 -40.18 14.18 65.01
CA SER A 964 -40.00 13.80 66.42
C SER A 964 -38.82 12.84 66.55
N PRO A 965 -38.17 12.74 67.73
CA PRO A 965 -37.05 11.82 67.92
C PRO A 965 -37.42 10.35 67.61
N GLU A 966 -38.65 9.94 67.96
CA GLU A 966 -39.09 8.58 67.72
C GLU A 966 -39.29 8.32 66.22
N GLU A 967 -39.99 9.22 65.53
CA GLU A 967 -40.11 9.18 64.06
C GLU A 967 -38.73 9.09 63.40
N ARG A 968 -37.78 9.87 63.90
CA ARG A 968 -36.38 9.97 63.39
C ARG A 968 -35.63 8.66 63.67
N GLN A 969 -35.85 8.05 64.84
CA GLN A 969 -35.18 6.80 65.20
C GLN A 969 -35.59 5.63 64.30
N SER A 970 -36.89 5.53 64.01
CA SER A 970 -37.42 4.50 63.12
C SER A 970 -36.91 4.71 61.70
N TYR A 971 -36.81 5.97 61.29
CA TYR A 971 -36.25 6.38 59.97
C TYR A 971 -34.80 5.88 59.87
N ALA A 972 -33.98 6.19 60.88
CA ALA A 972 -32.58 5.77 60.91
C ALA A 972 -32.46 4.25 60.89
N ALA A 973 -33.29 3.57 61.69
CA ALA A 973 -33.31 2.11 61.74
C ALA A 973 -33.66 1.49 60.38
N ALA A 974 -34.58 2.11 59.65
CA ALA A 974 -34.98 1.70 58.31
C ALA A 974 -33.82 1.82 57.33
N ILE A 975 -33.13 2.97 57.40
CA ILE A 975 -31.96 3.24 56.58
C ILE A 975 -30.87 2.19 56.82
N LYS A 976 -30.66 1.80 58.08
CA LYS A 976 -29.62 0.82 58.45
C LYS A 976 -29.85 -0.53 57.77
N THR A 977 -31.10 -1.03 57.85
CA THR A 977 -31.50 -2.26 57.17
C THR A 977 -31.35 -2.11 55.66
N ILE A 978 -31.79 -0.97 55.12
CA ILE A 978 -31.65 -0.65 53.70
C ILE A 978 -30.18 -0.66 53.25
N GLU A 979 -29.30 -0.05 54.05
CA GLU A 979 -27.86 -0.06 53.76
C GLU A 979 -27.31 -1.49 53.74
N GLU A 980 -27.64 -2.27 54.77
CA GLU A 980 -27.15 -3.65 54.89
C GLU A 980 -27.56 -4.50 53.68
N HIS A 981 -28.78 -4.27 53.20
CA HIS A 981 -29.30 -4.94 52.00
C HIS A 981 -28.49 -4.56 50.77
N ARG A 982 -28.29 -3.25 50.56
CA ARG A 982 -27.51 -2.69 49.43
C ARG A 982 -26.10 -3.29 49.44
N PHE A 983 -25.46 -3.38 50.61
CA PHE A 983 -24.09 -3.87 50.71
C PHE A 983 -23.99 -5.36 50.40
N LEU A 984 -24.96 -6.15 50.88
CA LEU A 984 -24.98 -7.59 50.66
C LEU A 984 -25.26 -7.92 49.20
N VAL A 985 -26.21 -7.22 48.59
CA VAL A 985 -26.52 -7.35 47.17
C VAL A 985 -25.29 -7.00 46.33
N GLY A 986 -24.63 -5.90 46.70
CA GLY A 986 -23.38 -5.47 46.06
C GLY A 986 -22.26 -6.49 46.08
N ARG A 987 -22.28 -7.39 47.07
CA ARG A 987 -21.25 -8.44 47.25
C ARG A 987 -21.72 -9.78 46.68
N VAL A 988 -22.88 -10.27 47.13
CA VAL A 988 -23.39 -11.57 46.73
C VAL A 988 -23.60 -11.67 45.20
N TYR A 989 -24.16 -10.62 44.58
CA TYR A 989 -24.43 -10.55 43.12
C TYR A 989 -23.31 -9.78 42.41
N LEU A 990 -22.20 -9.56 43.10
CA LEU A 990 -20.94 -9.11 42.52
C LEU A 990 -21.01 -7.70 41.91
N GLY A 991 -21.95 -6.88 42.40
CA GLY A 991 -22.08 -5.49 41.99
C GLY A 991 -20.79 -4.71 42.22
N ASP A 992 -20.22 -4.86 43.43
CA ASP A 992 -18.96 -4.21 43.81
C ASP A 992 -17.85 -4.54 42.82
N HIS A 993 -17.76 -5.82 42.45
CA HIS A 993 -16.70 -6.32 41.59
C HIS A 993 -16.85 -5.70 40.21
N LEU A 994 -18.08 -5.70 39.69
CA LEU A 994 -18.38 -5.15 38.37
C LEU A 994 -18.21 -3.63 38.28
N ARG A 995 -18.56 -2.93 39.38
CA ARG A 995 -18.41 -1.46 39.50
C ARG A 995 -16.92 -1.09 39.52
N LEU A 996 -16.11 -1.88 40.24
CA LEU A 996 -14.68 -1.68 40.32
C LEU A 996 -14.04 -1.83 38.95
N HIS A 997 -14.43 -2.89 38.23
CA HIS A 997 -13.94 -3.11 36.89
C HIS A 997 -14.30 -1.93 35.98
N ARG A 998 -15.56 -1.50 36.04
CA ARG A 998 -16.10 -0.36 35.24
C ARG A 998 -15.32 0.93 35.59
N LEU A 999 -15.14 1.20 36.88
CA LEU A 999 -14.42 2.38 37.36
C LEU A 999 -13.02 2.39 36.76
N MET A 1000 -12.31 1.27 36.90
CA MET A 1000 -10.97 1.10 36.36
C MET A 1000 -10.93 1.44 34.88
N MET A 1001 -11.85 0.85 34.10
CA MET A 1001 -11.95 1.09 32.67
C MET A 1001 -12.25 2.54 32.32
N ASP A 1002 -13.14 3.19 33.08
CA ASP A 1002 -13.46 4.59 32.87
C ASP A 1002 -12.24 5.51 33.08
N VAL A 1003 -11.51 5.28 34.19
CA VAL A 1003 -10.31 6.05 34.52
C VAL A 1003 -9.30 5.90 33.39
N ILE A 1004 -8.95 4.65 33.04
CA ILE A 1004 -7.99 4.40 31.98
C ILE A 1004 -8.49 4.98 30.66
N GLY A 1005 -9.79 4.83 30.39
CA GLY A 1005 -10.44 5.42 29.23
C GLY A 1005 -10.23 6.93 29.11
N ARG A 1006 -10.40 7.64 30.23
CA ARG A 1006 -10.18 9.11 30.30
C ARG A 1006 -8.71 9.42 29.98
N LEU A 1007 -7.77 8.61 30.47
CA LEU A 1007 -6.34 8.82 30.16
C LEU A 1007 -6.04 8.52 28.69
N ILE A 1008 -6.71 7.49 28.12
CA ILE A 1008 -6.58 7.19 26.70
C ILE A 1008 -7.05 8.37 25.85
N ASP A 1009 -8.13 9.03 26.28
CA ASP A 1009 -8.61 10.24 25.62
C ASP A 1009 -7.54 11.35 25.59
N TYR A 1010 -6.82 11.53 26.70
CA TYR A 1010 -5.69 12.50 26.78
C TYR A 1010 -4.58 12.05 25.81
N ALA A 1011 -4.32 10.74 25.77
CA ALA A 1011 -3.32 10.17 24.88
C ALA A 1011 -3.59 10.47 23.41
N GLY A 1012 -4.87 10.41 23.02
CA GLY A 1012 -5.31 10.78 21.68
C GLY A 1012 -5.01 12.24 21.36
N ALA A 1013 -5.14 13.11 22.37
CA ALA A 1013 -4.85 14.53 22.20
C ALA A 1013 -3.34 14.76 21.98
N TYR A 1014 -2.49 14.07 22.77
CA TYR A 1014 -1.02 14.05 22.59
C TYR A 1014 -0.68 13.64 21.16
N GLU A 1015 -1.14 12.46 20.74
CA GLU A 1015 -0.85 11.92 19.42
C GLU A 1015 -1.21 12.93 18.34
N ARG A 1016 -2.38 13.53 18.47
CA ARG A 1016 -3.03 14.37 17.43
C ARG A 1016 -2.40 15.77 17.40
N ASP A 1017 -2.23 16.39 18.58
CA ASP A 1017 -1.53 17.69 18.69
C ASP A 1017 -0.11 17.61 18.15
N THR A 1018 0.63 16.57 18.54
CA THR A 1018 2.05 16.45 18.22
C THR A 1018 2.30 15.81 16.86
N GLY A 1019 1.56 14.74 16.56
CA GLY A 1019 1.70 13.99 15.33
C GLY A 1019 1.10 14.63 14.11
N THR A 1020 0.18 15.58 14.30
CA THR A 1020 -0.52 16.23 13.20
C THR A 1020 -0.45 17.77 13.23
N PHE A 1021 -1.09 18.39 14.22
CA PHE A 1021 -1.26 19.84 14.24
C PHE A 1021 0.07 20.59 14.31
N LEU A 1022 0.95 20.17 15.22
CA LEU A 1022 2.26 20.82 15.41
C LEU A 1022 3.16 20.65 14.18
N ILE A 1023 3.12 19.44 13.58
CA ILE A 1023 3.86 19.17 12.35
C ILE A 1023 3.39 20.12 11.25
N ASN A 1024 2.07 20.21 11.06
CA ASN A 1024 1.47 21.17 10.15
C ASN A 1024 1.94 22.61 10.43
N ALA A 1025 1.86 23.02 11.69
CA ALA A 1025 2.29 24.36 12.13
C ALA A 1025 3.75 24.64 11.77
N SER A 1026 4.64 23.72 12.14
CA SER A 1026 6.07 23.83 11.86
C SER A 1026 6.36 24.04 10.38
N LYS A 1027 5.59 23.37 9.51
CA LYS A 1027 5.75 23.50 8.06
C LYS A 1027 5.32 24.85 7.51
N GLN A 1028 4.31 25.46 8.13
CA GLN A 1028 3.88 26.82 7.70
C GLN A 1028 5.03 27.79 7.99
N LEU A 1029 5.65 27.67 9.15
CA LEU A 1029 6.75 28.59 9.57
C LEU A 1029 7.96 28.44 8.63
N GLY A 1030 8.28 27.21 8.22
CA GLY A 1030 9.48 26.98 7.40
C GLY A 1030 10.76 27.36 8.13
N ALA A 1031 11.64 28.12 7.48
CA ALA A 1031 12.95 28.48 8.09
C ALA A 1031 12.86 29.80 8.85
N GLY A 1032 11.71 30.48 8.78
CA GLY A 1032 11.53 31.79 9.45
C GLY A 1032 11.65 31.73 10.97
N ALA A 1033 11.07 30.70 11.59
CA ALA A 1033 11.05 30.65 13.08
C ALA A 1033 11.53 29.28 13.58
N ASP A 1034 12.84 29.01 13.48
CA ASP A 1034 13.41 27.72 13.93
C ASP A 1034 13.19 27.56 15.44
N TRP A 1035 13.22 28.68 16.17
CA TRP A 1035 13.06 28.62 17.64
C TRP A 1035 11.70 28.00 17.99
N ALA A 1036 10.64 28.39 17.28
CA ALA A 1036 9.29 27.82 17.51
C ALA A 1036 9.26 26.33 17.18
N VAL A 1037 9.93 25.94 16.10
CA VAL A 1037 9.96 24.50 15.68
C VAL A 1037 10.65 23.66 16.77
N THR A 1038 11.72 24.17 17.36
CA THR A 1038 12.42 23.44 18.45
C THR A 1038 11.49 23.32 19.66
N ILE A 1039 10.65 24.34 19.90
CA ILE A 1039 9.70 24.34 21.01
C ILE A 1039 8.52 23.38 20.75
N ALA A 1040 8.00 23.40 19.53
CA ALA A 1040 7.03 22.41 19.06
C ALA A 1040 7.56 20.99 19.27
N GLY A 1041 8.78 20.75 18.77
CA GLY A 1041 9.48 19.49 18.88
C GLY A 1041 9.69 18.99 20.31
N ALA A 1042 9.79 19.92 21.26
CA ALA A 1042 9.94 19.59 22.68
C ALA A 1042 8.70 18.89 23.27
N ALA A 1043 7.54 19.03 22.60
CA ALA A 1043 6.30 18.34 23.02
C ALA A 1043 6.48 16.83 23.17
N ASN A 1044 7.32 16.25 22.32
CA ASN A 1044 7.60 14.81 22.31
C ASN A 1044 8.83 14.41 23.09
N THR A 1045 8.71 13.29 23.82
CA THR A 1045 9.83 12.54 24.34
C THR A 1045 9.48 11.06 24.18
N ASP A 1046 10.50 10.20 24.26
CA ASP A 1046 10.34 8.76 24.19
C ASP A 1046 9.38 8.25 25.28
N ALA A 1047 9.53 8.77 26.50
CA ALA A 1047 8.72 8.36 27.65
C ALA A 1047 7.24 8.71 27.48
N ARG A 1048 6.97 9.90 26.93
CA ARG A 1048 5.60 10.43 26.70
C ARG A 1048 4.91 9.60 25.61
N THR A 1049 5.62 9.32 24.52
CA THR A 1049 5.09 8.51 23.42
C THR A 1049 4.85 7.07 23.87
N GLN A 1050 5.73 6.58 24.75
CA GLN A 1050 5.59 5.25 25.32
C GLN A 1050 4.35 5.16 26.20
N THR A 1051 4.11 6.20 27.01
CA THR A 1051 2.90 6.33 27.82
C THR A 1051 1.64 6.33 26.93
N ARG A 1052 1.72 7.02 25.80
CA ARG A 1052 0.62 7.07 24.80
CA ARG A 1052 0.62 7.07 24.80
C ARG A 1052 0.32 5.65 24.31
N LYS A 1053 1.37 4.90 23.95
CA LYS A 1053 1.24 3.54 23.46
C LYS A 1053 0.73 2.59 24.55
N ASP A 1054 1.35 2.65 25.73
CA ASP A 1054 0.97 1.82 26.87
C ASP A 1054 -0.50 2.01 27.29
N LEU A 1055 -1.01 3.24 27.16
CA LEU A 1055 -2.40 3.55 27.43
C LEU A 1055 -3.31 3.02 26.31
N ALA A 1056 -2.96 3.35 25.06
CA ALA A 1056 -3.71 2.94 23.88
C ALA A 1056 -3.99 1.42 23.87
N HIS A 1057 -2.95 0.63 24.13
CA HIS A 1057 -3.01 -0.82 24.05
C HIS A 1057 -3.23 -1.52 25.39
N PHE A 1058 -3.71 -0.76 26.38
CA PHE A 1058 -3.94 -1.26 27.75
C PHE A 1058 -2.76 -2.07 28.29
N ASN A 1059 -1.55 -1.72 27.83
CA ASN A 1059 -0.32 -2.37 28.26
C ASN A 1059 -0.08 -2.15 29.75
N VAL A 1060 -0.76 -1.14 30.30
CA VAL A 1060 -0.64 -0.85 31.75
C VAL A 1060 -1.43 -1.90 32.56
N LEU A 1061 -2.37 -2.59 31.90
CA LEU A 1061 -3.16 -3.64 32.58
C LEU A 1061 -2.54 -5.02 32.36
N ASP A 1062 -1.46 -5.11 31.59
CA ASP A 1062 -0.91 -6.44 31.25
C ASP A 1062 0.00 -6.97 32.36
N ARG A 1063 -0.57 -7.27 33.54
CA ARG A 1063 0.22 -7.91 34.62
C ARG A 1063 -0.55 -9.14 35.10
N ALA A 1064 0.07 -10.31 35.09
CA ALA A 1064 -0.60 -11.57 35.51
C ALA A 1064 -0.94 -11.51 36.99
N ASP A 1065 -0.04 -10.97 37.81
CA ASP A 1065 -0.26 -10.94 39.28
C ASP A 1065 -0.23 -9.49 39.76
N GLY A 1066 -0.86 -9.21 40.90
CA GLY A 1066 -0.89 -7.85 41.46
C GLY A 1066 -2.09 -7.05 41.01
N THR A 1067 -2.21 -5.81 41.49
CA THR A 1067 -3.36 -4.93 41.14
C THR A 1067 -2.81 -3.72 40.37
N PRO A 1068 -3.45 -3.14 39.32
CA PRO A 1068 -2.90 -1.95 38.67
C PRO A 1068 -2.86 -0.73 39.61
N ASP A 1069 -1.95 0.22 39.32
CA ASP A 1069 -1.78 1.45 40.11
C ASP A 1069 -2.20 2.62 39.24
N LEU A 1070 -3.41 3.12 39.47
CA LEU A 1070 -3.98 4.21 38.68
C LEU A 1070 -3.38 5.57 39.00
N THR A 1071 -2.82 5.71 40.21
CA THR A 1071 -2.14 6.94 40.61
C THR A 1071 -0.89 7.14 39.75
N ALA A 1072 -0.10 6.08 39.60
CA ALA A 1072 1.09 6.10 38.76
C ALA A 1072 0.73 6.38 37.29
N LEU A 1073 -0.38 5.79 36.83
CA LEU A 1073 -0.89 6.05 35.48
C LEU A 1073 -1.24 7.52 35.25
N VAL A 1074 -1.91 8.12 36.24
CA VAL A 1074 -2.29 9.52 36.18
C VAL A 1074 -1.01 10.37 36.08
N ASN A 1075 0.01 10.04 36.88
CA ASN A 1075 1.30 10.73 36.86
C ASN A 1075 2.01 10.66 35.52
N ARG A 1076 2.04 9.46 34.93
CA ARG A 1076 2.58 9.23 33.55
C ARG A 1076 1.78 10.08 32.55
N ALA A 1077 0.45 10.13 32.71
CA ALA A 1077 -0.44 10.89 31.83
C ALA A 1077 -0.20 12.39 31.94
N ARG A 1078 -0.02 12.88 33.18
CA ARG A 1078 0.32 14.30 33.45
C ARG A 1078 1.58 14.67 32.65
N GLU A 1079 2.64 13.88 32.79
CA GLU A 1079 3.89 14.08 32.05
C GLU A 1079 3.67 14.05 30.53
N MET A 1080 2.78 13.15 30.08
CA MET A 1080 2.44 13.04 28.66
C MET A 1080 1.89 14.35 28.13
N MET A 1081 1.03 14.98 28.93
CA MET A 1081 0.33 16.22 28.56
C MET A 1081 1.07 17.51 28.95
N ALA A 1082 2.36 17.42 29.30
CA ALA A 1082 3.14 18.56 29.77
C ALA A 1082 3.31 19.66 28.70
N TYR A 1083 3.28 19.25 27.44
CA TYR A 1083 3.39 20.12 26.24
C TYR A 1083 2.25 21.17 26.23
N ASP A 1084 1.18 20.94 27.00
CA ASP A 1084 0.02 21.83 27.04
C ASP A 1084 -0.57 21.91 28.45
N ARG A 1085 -0.22 22.99 29.15
CA ARG A 1085 -0.41 23.15 30.62
C ARG A 1085 -1.88 22.98 31.01
N LYS A 1086 -2.80 23.54 30.22
CA LYS A 1086 -4.23 23.44 30.49
C LYS A 1086 -4.72 22.00 30.52
N ARG A 1087 -4.05 21.11 29.79
CA ARG A 1087 -4.36 19.66 29.76
C ARG A 1087 -3.64 19.00 30.93
N LYS A 1088 -2.32 19.20 31.06
CA LYS A 1088 -1.56 18.65 32.19
C LYS A 1088 -2.25 18.92 33.53
N ASN A 1089 -2.70 20.15 33.74
CA ASN A 1089 -3.38 20.54 34.97
C ASN A 1089 -4.74 19.87 35.16
N ALA A 1090 -5.42 19.60 34.04
CA ALA A 1090 -6.78 19.06 34.07
C ALA A 1090 -6.79 17.54 34.30
N VAL A 1091 -5.70 16.86 33.96
CA VAL A 1091 -5.64 15.41 34.10
C VAL A 1091 -6.11 14.93 35.47
N PRO A 1092 -5.52 15.38 36.60
CA PRO A 1092 -5.95 14.93 37.92
C PRO A 1092 -7.40 15.34 38.24
N ARG A 1093 -7.83 16.51 37.76
CA ARG A 1093 -9.18 17.07 38.03
C ARG A 1093 -10.23 16.17 37.35
N SER A 1094 -9.96 15.74 36.13
CA SER A 1094 -10.81 14.79 35.42
C SER A 1094 -11.14 13.58 36.27
N ILE A 1095 -10.10 12.98 36.88
CA ILE A 1095 -10.25 11.73 37.62
C ILE A 1095 -10.97 11.98 38.95
N LEU A 1096 -10.57 13.04 39.66
CA LEU A 1096 -11.25 13.47 40.88
C LEU A 1096 -12.74 13.69 40.63
N ASP A 1097 -13.07 14.46 39.59
CA ASP A 1097 -14.45 14.78 39.28
C ASP A 1097 -15.28 13.56 38.86
N MET A 1098 -14.64 12.64 38.12
CA MET A 1098 -15.25 11.37 37.72
C MET A 1098 -15.71 10.59 38.95
N LEU A 1099 -14.79 10.36 39.90
CA LEU A 1099 -15.11 9.71 41.16
C LEU A 1099 -16.16 10.46 41.99
N ALA A 1100 -16.04 11.79 42.05
CA ALA A 1100 -16.99 12.62 42.80
C ALA A 1100 -18.43 12.46 42.30
N ARG A 1101 -18.60 12.45 40.97
CA ARG A 1101 -19.92 12.27 40.31
C ARG A 1101 -20.58 11.00 40.87
N LEU A 1102 -19.80 9.94 41.08
CA LEU A 1102 -20.27 8.65 41.61
C LEU A 1102 -20.43 8.62 43.13
N GLY A 1103 -20.05 9.71 43.81
CA GLY A 1103 -20.08 9.79 45.26
C GLY A 1103 -18.84 9.27 45.95
N LEU A 1104 -17.79 8.98 45.16
CA LEU A 1104 -16.48 8.58 45.68
C LEU A 1104 -15.61 9.82 45.86
N THR A 1105 -14.95 9.93 47.02
CA THR A 1105 -14.10 11.08 47.34
C THR A 1105 -12.66 10.59 47.35
N LEU A 1106 -11.92 10.96 46.29
CA LEU A 1106 -10.50 10.69 46.16
C LEU A 1106 -9.73 11.95 46.51
N LYS A 1107 -8.59 11.78 47.17
CA LYS A 1107 -7.63 12.87 47.42
C LYS A 1107 -6.22 12.36 47.24
N TRP A 1108 -5.40 13.20 46.60
CA TRP A 1108 -3.97 12.96 46.46
C TRP A 1108 -3.22 14.06 47.19
N GLN A 1109 -1.94 13.78 47.48
CA GLN A 1109 -0.96 14.77 47.90
C GLN A 1109 0.09 14.83 46.81
N MET A 1110 0.59 16.05 46.56
CA MET A 1110 1.58 16.30 45.53
C MET A 1110 2.93 16.54 46.22
N LYS A 1111 3.90 15.67 45.89
CA LYS A 1111 5.27 15.75 46.39
C LYS A 1111 6.21 15.46 45.24
N ASP A 1112 7.25 16.30 45.10
CA ASP A 1112 8.23 16.19 44.02
C ASP A 1112 7.53 16.03 42.66
N HIS A 1113 6.47 16.83 42.44
CA HIS A 1113 5.69 16.85 41.20
C HIS A 1113 4.97 15.51 40.87
N LEU A 1114 4.73 14.69 41.89
CA LEU A 1114 4.07 13.39 41.74
C LEU A 1114 2.93 13.21 42.73
N LEU A 1115 1.76 12.84 42.22
CA LEU A 1115 0.61 12.46 43.04
C LEU A 1115 0.93 11.21 43.84
N GLN A 1116 0.48 11.17 45.09
CA GLN A 1116 0.86 10.17 46.08
C GLN A 1116 -0.16 10.15 47.20
N ASP A 1117 -0.08 9.10 48.03
CA ASP A 1117 -0.89 8.97 49.25
C ASP A 1117 -2.38 9.09 48.96
N ALA A 1118 -2.82 8.38 47.93
CA ALA A 1118 -4.22 8.36 47.52
C ALA A 1118 -5.05 7.88 48.68
N THR A 1119 -6.09 8.65 49.04
CA THR A 1119 -7.06 8.25 50.04
C THR A 1119 -8.45 8.22 49.42
N ILE A 1120 -9.31 7.36 49.96
CA ILE A 1120 -10.67 7.17 49.52
C ILE A 1120 -11.64 7.24 50.70
N THR A 1121 -12.71 8.02 50.53
CA THR A 1121 -13.91 7.91 51.35
C THR A 1121 -15.11 8.15 50.43
N GLN A 1122 -16.30 8.37 51.01
CA GLN A 1122 -17.50 8.63 50.23
C GLN A 1122 -18.28 9.82 50.77
N ALA A 1123 -19.06 10.45 49.88
CA ALA A 1123 -19.98 11.50 50.25
C ALA A 1123 -21.29 10.84 50.64
N ALA A 1124 -21.68 11.01 51.90
CA ALA A 1124 -22.94 10.47 52.41
C ALA A 1124 -24.12 11.20 51.78
N ILE A 1125 -25.20 10.45 51.57
CA ILE A 1125 -26.48 11.00 51.13
C ILE A 1125 -27.19 11.49 52.38
N LYS A 1126 -27.51 12.79 52.38
CA LYS A 1126 -28.15 13.45 53.50
C LYS A 1126 -29.67 13.39 53.37
N HIS A 1127 -30.32 12.63 54.25
CA HIS A 1127 -31.77 12.62 54.40
C HIS A 1127 -32.19 13.68 55.40
N LEU A 1128 -33.37 14.26 55.17
CA LEU A 1128 -34.00 15.20 56.10
C LEU A 1128 -33.06 16.38 56.36
N ASP A 1129 -32.64 17.02 55.26
CA ASP A 1129 -31.60 18.04 55.24
C ASP A 1129 -31.90 19.23 56.14
N LYS A 1130 -33.02 19.93 55.88
CA LYS A 1130 -33.40 21.13 56.61
C LYS A 1130 -34.49 20.87 57.65
N VAL A 1131 -34.62 19.59 58.04
CA VAL A 1131 -35.62 19.14 59.00
C VAL A 1131 -34.97 19.12 60.36
N ARG A 1132 -35.66 19.71 61.35
CA ARG A 1132 -35.17 19.82 62.75
C ARG A 1132 -35.98 18.87 63.63
N LEU A 1133 -35.34 18.30 64.66
CA LEU A 1133 -36.02 17.54 65.68
C LEU A 1133 -36.96 18.46 66.44
N THR A 1134 -38.09 17.90 66.89
CA THR A 1134 -39.06 18.64 67.69
C THR A 1134 -38.45 19.05 69.03
N VAL A 1135 -37.50 18.25 69.53
CA VAL A 1135 -36.79 18.51 70.77
C VAL A 1135 -35.59 19.44 70.61
N GLY A 1136 -35.29 19.81 69.36
CA GLY A 1136 -34.14 20.63 69.02
C GLY A 1136 -33.03 19.79 68.42
N GLY A 1137 -32.22 20.43 67.57
CA GLY A 1137 -31.07 19.82 66.94
C GLY A 1137 -31.35 19.40 65.50
N PRO A 1138 -30.31 19.21 64.67
CA PRO A 1138 -30.51 18.76 63.29
C PRO A 1138 -31.02 17.32 63.35
N ALA A 1139 -32.06 17.00 62.57
CA ALA A 1139 -32.63 15.65 62.53
C ALA A 1139 -32.00 14.74 61.47
N ALA A 1140 -30.90 15.21 60.87
CA ALA A 1140 -30.36 14.63 59.66
C ALA A 1140 -29.86 13.20 59.90
N VAL A 1141 -30.23 12.31 58.98
CA VAL A 1141 -29.75 10.94 58.94
C VAL A 1141 -28.94 10.84 57.66
N THR A 1142 -27.83 10.11 57.71
CA THR A 1142 -26.94 9.93 56.56
C THR A 1142 -26.99 8.49 56.12
N GLU A 1143 -26.90 8.28 54.80
CA GLU A 1143 -26.88 6.96 54.19
C GLU A 1143 -25.61 6.81 53.39
N ALA A 1144 -24.92 5.68 53.55
CA ALA A 1144 -23.77 5.32 52.73
C ALA A 1144 -24.23 4.64 51.44
N ARG A 1145 -23.70 5.09 50.31
CA ARG A 1145 -23.92 4.48 48.96
C ARG A 1145 -23.16 3.15 48.90
N PHE A 1146 -21.96 3.10 49.48
CA PHE A 1146 -21.01 2.02 49.25
C PHE A 1146 -20.63 1.32 50.53
N SER A 1147 -20.32 0.03 50.39
CA SER A 1147 -19.77 -0.79 51.46
C SER A 1147 -18.29 -0.44 51.62
N GLN A 1148 -17.73 -0.79 52.78
CA GLN A 1148 -16.31 -0.63 53.04
C GLN A 1148 -15.48 -1.54 52.15
N ASP A 1149 -16.04 -2.70 51.80
CA ASP A 1149 -15.42 -3.63 50.86
C ASP A 1149 -15.10 -2.98 49.52
N TYR A 1150 -16.06 -2.23 48.97
CA TYR A 1150 -15.91 -1.53 47.66
C TYR A 1150 -14.89 -0.39 47.80
N LEU A 1151 -15.03 0.44 48.85
CA LEU A 1151 -14.07 1.55 49.08
C LEU A 1151 -12.64 1.03 49.14
N GLN A 1152 -12.45 -0.12 49.82
CA GLN A 1152 -11.14 -0.77 49.91
C GLN A 1152 -10.60 -1.18 48.54
N MET A 1153 -11.47 -1.72 47.69
CA MET A 1153 -11.11 -2.11 46.33
C MET A 1153 -10.66 -0.88 45.52
N VAL A 1154 -11.43 0.21 45.61
CA VAL A 1154 -11.14 1.46 44.91
C VAL A 1154 -9.78 2.00 45.36
N ALA A 1155 -9.56 2.01 46.68
CA ALA A 1155 -8.29 2.46 47.25
C ALA A 1155 -7.12 1.67 46.67
N ALA A 1156 -7.30 0.34 46.59
CA ALA A 1156 -6.26 -0.56 46.10
C ALA A 1156 -5.82 -0.29 44.65
N VAL A 1157 -6.78 0.05 43.77
CA VAL A 1157 -6.46 0.35 42.38
C VAL A 1157 -5.85 1.74 42.20
N PHE A 1158 -5.96 2.59 43.22
CA PHE A 1158 -5.23 3.87 43.28
C PHE A 1158 -3.98 3.79 44.16
N ASN A 1159 -3.60 2.56 44.55
CA ASN A 1159 -2.48 2.30 45.46
C ASN A 1159 -2.55 3.20 46.69
N GLY A 1160 -3.76 3.27 47.27
CA GLY A 1160 -4.06 4.14 48.38
C GLY A 1160 -4.71 3.39 49.52
N SER A 1161 -5.47 4.10 50.35
CA SER A 1161 -6.15 3.52 51.50
C SER A 1161 -7.44 4.26 51.78
N VAL A 1162 -8.34 3.62 52.54
CA VAL A 1162 -9.59 4.24 52.95
C VAL A 1162 -9.35 5.09 54.20
N GLN A 1163 -9.87 6.32 54.18
CA GLN A 1163 -9.79 7.25 55.30
C GLN A 1163 -11.13 7.95 55.49
N ASN A 1164 -12.00 7.33 56.28
CA ASN A 1164 -13.33 7.86 56.57
C ASN A 1164 -13.27 8.87 57.72
N PRO A 1165 -13.89 10.06 57.57
CA PRO A 1165 -13.76 11.13 58.58
C PRO A 1165 -14.48 10.80 59.90
N LYS A 1166 -14.01 11.39 61.00
CA LYS A 1166 -14.58 11.21 62.33
C LYS A 1166 -14.57 12.52 63.11
N MET B 1 22.76 -36.63 -28.84
CA MET B 1 22.32 -37.59 -29.90
C MET B 1 21.03 -38.31 -29.52
N GLN B 2 20.36 -38.87 -30.54
CA GLN B 2 19.05 -39.46 -30.40
C GLN B 2 19.09 -40.97 -30.20
N ILE B 3 20.09 -41.62 -30.79
CA ILE B 3 20.19 -43.08 -30.85
C ILE B 3 20.12 -43.77 -29.48
N GLY B 4 19.04 -44.53 -29.27
CA GLY B 4 18.77 -45.23 -28.01
C GLY B 4 18.56 -44.33 -26.80
N LYS B 5 18.40 -43.03 -27.06
CA LYS B 5 18.38 -41.98 -26.04
C LYS B 5 19.63 -42.01 -25.15
N VAL B 6 20.75 -42.44 -25.74
CA VAL B 6 22.03 -42.48 -25.06
C VAL B 6 22.42 -41.07 -24.61
N GLN B 7 23.02 -40.98 -23.43
CA GLN B 7 23.45 -39.71 -22.86
C GLN B 7 24.89 -39.41 -23.27
N GLY B 8 25.20 -38.11 -23.39
CA GLY B 8 26.51 -37.63 -23.78
C GLY B 8 26.53 -36.84 -25.08
N ARG B 9 27.71 -36.35 -25.43
CA ARG B 9 27.99 -35.54 -26.65
C ARG B 9 28.90 -36.36 -27.56
N THR B 10 28.97 -36.01 -28.85
CA THR B 10 29.98 -36.58 -29.73
C THR B 10 31.08 -35.56 -29.95
N ILE B 11 32.31 -36.07 -30.00
CA ILE B 11 33.53 -35.30 -30.25
C ILE B 11 34.16 -35.89 -31.51
N SER B 12 34.77 -35.03 -32.34
CA SER B 12 35.60 -35.48 -33.45
C SER B 12 37.05 -35.03 -33.24
N GLU B 13 37.99 -35.99 -33.26
CA GLU B 13 39.41 -35.74 -33.10
C GLU B 13 40.22 -36.50 -34.14
N PHE B 14 41.49 -36.10 -34.28
CA PHE B 14 42.51 -36.90 -34.95
C PHE B 14 43.10 -37.88 -33.94
N GLY B 15 43.93 -38.80 -34.42
CA GLY B 15 44.57 -39.80 -33.59
C GLY B 15 44.58 -41.16 -34.25
N ASP B 16 43.61 -41.39 -35.14
CA ASP B 16 43.55 -42.61 -35.95
C ASP B 16 44.83 -42.73 -36.78
N PRO B 17 45.42 -43.94 -36.89
CA PRO B 17 46.65 -44.12 -37.67
C PRO B 17 46.52 -43.77 -39.17
N ALA B 18 45.29 -43.75 -39.70
CA ALA B 18 45.02 -43.35 -41.08
C ALA B 18 45.18 -41.84 -41.30
N GLY B 19 45.23 -41.07 -40.20
CA GLY B 19 45.42 -39.63 -40.25
C GLY B 19 44.16 -38.87 -40.60
N GLY B 20 43.01 -39.40 -40.15
CA GLY B 20 41.70 -38.81 -40.39
C GLY B 20 40.95 -38.55 -39.10
N LEU B 21 39.86 -37.79 -39.22
CA LEU B 21 38.96 -37.51 -38.12
C LEU B 21 38.18 -38.77 -37.79
N LYS B 22 37.95 -38.99 -36.49
CA LYS B 22 37.06 -40.03 -36.00
C LYS B 22 36.16 -39.42 -34.94
N ARG B 23 34.88 -39.82 -34.96
CA ARG B 23 33.86 -39.38 -33.98
C ARG B 23 33.81 -40.38 -32.83
N LYS B 24 33.86 -39.87 -31.59
CA LYS B 24 33.75 -40.64 -30.36
C LYS B 24 32.63 -40.02 -29.52
N ILE B 25 32.23 -40.74 -28.47
CA ILE B 25 31.24 -40.27 -27.52
C ILE B 25 31.94 -39.96 -26.19
N SER B 26 31.57 -38.82 -25.59
CA SER B 26 32.08 -38.39 -24.29
C SER B 26 30.89 -38.21 -23.36
N THR B 27 30.95 -38.84 -22.18
CA THR B 27 29.86 -38.79 -21.21
C THR B 27 30.00 -37.72 -20.12
N ASP B 28 31.26 -37.34 -19.83
CA ASP B 28 31.55 -36.38 -18.77
C ASP B 28 32.30 -35.13 -19.25
N GLY B 29 32.38 -34.96 -20.58
CA GLY B 29 33.11 -33.87 -21.19
C GLY B 29 34.62 -34.09 -21.32
N LYS B 30 35.14 -35.12 -20.64
CA LYS B 30 36.58 -35.40 -20.60
C LYS B 30 36.93 -36.70 -21.31
N ASN B 31 36.20 -37.77 -20.99
CA ASN B 31 36.47 -39.10 -21.54
C ASN B 31 36.18 -39.19 -23.03
N ARG B 32 36.72 -40.25 -23.66
CA ARG B 32 36.52 -40.58 -25.10
C ARG B 32 36.19 -42.06 -25.21
N LYS B 33 35.02 -42.39 -25.77
CA LYS B 33 34.59 -43.77 -25.89
C LYS B 33 34.25 -44.08 -27.34
N GLU B 34 34.67 -45.26 -27.81
CA GLU B 34 34.42 -45.71 -29.16
C GLU B 34 32.94 -46.05 -29.29
N LEU B 35 32.34 -45.61 -30.41
CA LEU B 35 30.90 -45.73 -30.61
C LEU B 35 30.41 -47.17 -30.64
N PRO B 36 31.03 -48.09 -31.41
CA PRO B 36 30.60 -49.49 -31.44
C PRO B 36 30.61 -50.12 -30.04
N ALA B 37 31.71 -49.96 -29.29
CA ALA B 37 31.83 -50.50 -27.94
C ALA B 37 30.75 -49.95 -27.02
N HIS B 38 30.60 -48.63 -27.00
CA HIS B 38 29.64 -47.94 -26.13
C HIS B 38 28.18 -48.29 -26.44
N LEU B 39 27.80 -48.21 -27.72
CA LEU B 39 26.43 -48.44 -28.12
C LEU B 39 26.03 -49.91 -28.04
N SER B 40 27.01 -50.80 -27.84
CA SER B 40 26.81 -52.23 -27.65
C SER B 40 26.82 -52.70 -26.19
N SER B 41 27.12 -51.78 -25.25
CA SER B 41 27.30 -52.12 -23.84
C SER B 41 26.58 -51.21 -22.83
N ASP B 42 26.40 -49.93 -23.17
CA ASP B 42 25.72 -48.98 -22.31
C ASP B 42 24.28 -49.44 -22.06
N PRO B 43 23.85 -49.62 -20.79
CA PRO B 43 22.49 -50.07 -20.49
C PRO B 43 21.39 -49.23 -21.16
N LYS B 44 21.44 -47.91 -21.01
CA LYS B 44 20.41 -47.02 -21.54
C LYS B 44 20.33 -47.10 -23.07
N ALA B 45 21.49 -47.07 -23.72
CA ALA B 45 21.58 -47.09 -25.18
C ALA B 45 21.12 -48.43 -25.75
N LEU B 46 21.49 -49.53 -25.10
CA LEU B 46 21.06 -50.88 -25.49
C LEU B 46 19.55 -51.00 -25.42
N ILE B 47 18.99 -50.69 -24.24
CA ILE B 47 17.55 -50.75 -24.02
C ILE B 47 16.80 -49.90 -25.05
N GLY B 48 17.28 -48.68 -25.28
CA GLY B 48 16.73 -47.78 -26.26
C GLY B 48 16.66 -48.39 -27.65
N GLN B 49 17.77 -49.00 -28.09
CA GLN B 49 17.85 -49.65 -29.40
C GLN B 49 16.99 -50.92 -29.48
N TRP B 50 16.87 -51.63 -28.34
CA TRP B 50 16.02 -52.81 -28.25
C TRP B 50 14.55 -52.46 -28.41
N ILE B 51 14.11 -51.44 -27.65
CA ILE B 51 12.70 -51.00 -27.69
C ILE B 51 12.36 -50.40 -29.05
N SER B 52 13.31 -49.70 -29.65
CA SER B 52 13.16 -49.13 -30.98
C SER B 52 12.98 -50.26 -32.00
N GLY B 53 13.75 -51.33 -31.82
CA GLY B 53 13.62 -52.54 -32.62
C GLY B 53 12.28 -53.21 -32.48
N ILE B 54 11.77 -53.27 -31.24
CA ILE B 54 10.46 -53.87 -30.94
C ILE B 54 9.33 -53.03 -31.51
N ASP B 55 9.44 -51.70 -31.36
CA ASP B 55 8.45 -50.74 -31.84
C ASP B 55 8.17 -50.84 -33.34
N LYS B 56 9.17 -51.31 -34.10
CA LYS B 56 9.05 -51.49 -35.55
C LYS B 56 8.48 -52.85 -35.97
N ILE B 57 8.34 -53.76 -35.01
CA ILE B 57 7.66 -55.05 -35.24
C ILE B 57 6.18 -54.90 -34.86
N TYR B 58 5.94 -54.58 -33.58
CA TYR B 58 4.61 -54.17 -33.04
C TYR B 58 4.67 -52.71 -32.61
N ARG B 59 3.89 -51.85 -33.28
CA ARG B 59 3.81 -50.39 -33.01
C ARG B 59 3.19 -50.15 -31.63
N LYS B 60 3.57 -49.05 -30.97
CA LYS B 60 2.88 -48.54 -29.80
C LYS B 60 1.91 -47.47 -30.28
N PRO B 61 0.93 -47.03 -29.45
CA PRO B 61 -0.04 -46.02 -29.88
C PRO B 61 0.60 -44.69 -30.26
N ASP B 62 -0.01 -43.95 -31.19
CA ASP B 62 0.47 -42.64 -31.63
C ASP B 62 0.23 -41.60 -30.54
N SER B 63 1.14 -40.63 -30.44
CA SER B 63 0.99 -39.48 -29.55
C SER B 63 1.27 -38.20 -30.31
N PRO B 74 -2.88 -41.50 -25.10
CA PRO B 74 -3.14 -42.58 -26.06
C PRO B 74 -2.90 -43.96 -25.43
N THR B 75 -3.92 -44.84 -25.50
CA THR B 75 -3.91 -46.13 -24.82
C THR B 75 -3.91 -47.27 -25.84
N PRO B 76 -3.18 -48.38 -25.58
CA PRO B 76 -3.19 -49.52 -26.49
C PRO B 76 -4.43 -50.42 -26.32
N SER B 77 -4.62 -51.34 -27.26
CA SER B 77 -5.54 -52.46 -27.11
C SER B 77 -4.84 -53.53 -26.29
N LYS B 78 -5.64 -54.42 -25.69
CA LYS B 78 -5.11 -55.54 -24.92
C LYS B 78 -4.27 -56.46 -25.81
N MET B 79 -4.74 -56.67 -27.04
CA MET B 79 -4.04 -57.46 -28.06
C MET B 79 -2.67 -56.84 -28.34
N GLN B 80 -2.66 -55.54 -28.63
CA GLN B 80 -1.45 -54.77 -28.87
C GLN B 80 -0.51 -54.84 -27.67
N PHE B 81 -1.07 -54.60 -26.47
CA PHE B 81 -0.32 -54.64 -25.22
C PHE B 81 0.36 -56.00 -25.02
N ASP B 82 -0.45 -57.07 -25.08
CA ASP B 82 0.04 -58.44 -24.85
C ASP B 82 1.11 -58.83 -25.87
N ALA B 83 0.89 -58.46 -27.14
CA ALA B 83 1.84 -58.69 -28.22
C ALA B 83 3.21 -58.08 -27.88
N ARG B 84 3.21 -56.79 -27.55
CA ARG B 84 4.44 -56.03 -27.16
C ARG B 84 5.08 -56.70 -25.94
N ASP B 85 4.26 -57.10 -24.96
CA ASP B 85 4.74 -57.70 -23.71
C ASP B 85 5.41 -59.06 -23.94
N ASP B 86 4.75 -59.92 -24.73
CA ASP B 86 5.28 -61.25 -25.09
C ASP B 86 6.64 -61.13 -25.78
N LEU B 87 6.70 -60.23 -26.78
CA LEU B 87 7.92 -59.99 -27.54
C LEU B 87 9.01 -59.43 -26.64
N GLY B 88 8.64 -58.49 -25.77
CA GLY B 88 9.53 -57.88 -24.80
C GLY B 88 10.17 -58.91 -23.90
N GLU B 89 9.33 -59.75 -23.29
CA GLU B 89 9.77 -60.80 -22.35
C GLU B 89 10.72 -61.81 -23.00
N ALA B 90 10.35 -62.29 -24.19
CA ALA B 90 11.14 -63.24 -24.96
C ALA B 90 12.51 -62.66 -25.35
N PHE B 91 12.50 -61.41 -25.86
CA PHE B 91 13.73 -60.73 -26.25
C PHE B 91 14.62 -60.47 -25.04
N TRP B 92 14.02 -60.10 -23.92
CA TRP B 92 14.73 -59.90 -22.67
C TRP B 92 15.50 -61.16 -22.27
N LYS B 93 14.80 -62.30 -22.30
CA LYS B 93 15.39 -63.60 -21.98
C LYS B 93 16.65 -63.89 -22.81
N LEU B 94 16.59 -63.58 -24.12
CA LEU B 94 17.72 -63.77 -25.04
C LEU B 94 18.93 -62.92 -24.65
N VAL B 95 18.75 -61.60 -24.59
CA VAL B 95 19.83 -60.65 -24.28
C VAL B 95 20.36 -60.81 -22.85
N SER B 96 19.48 -61.24 -21.93
CA SER B 96 19.84 -61.60 -20.57
C SER B 96 20.90 -62.71 -20.61
N GLU B 97 20.57 -63.81 -21.30
CA GLU B 97 21.45 -64.96 -21.45
C GLU B 97 22.66 -64.66 -22.36
N ALA B 98 22.52 -63.67 -23.23
CA ALA B 98 23.62 -63.16 -24.06
C ALA B 98 24.68 -62.41 -23.23
N GLY B 99 24.31 -62.02 -22.00
CA GLY B 99 25.18 -61.28 -21.11
C GLY B 99 25.32 -59.83 -21.51
N LEU B 100 24.28 -59.30 -22.17
CA LEU B 100 24.19 -57.89 -22.52
C LEU B 100 23.30 -57.12 -21.54
N ALA B 101 22.45 -57.84 -20.80
CA ALA B 101 21.41 -57.26 -19.95
C ALA B 101 21.47 -57.79 -18.52
N GLN B 102 21.61 -56.88 -17.55
CA GLN B 102 21.55 -57.20 -16.12
C GLN B 102 20.12 -57.15 -15.61
N ASP B 103 19.85 -57.92 -14.55
CA ASP B 103 18.53 -57.99 -13.91
C ASP B 103 18.12 -56.64 -13.33
N SER B 104 19.11 -55.86 -12.89
CA SER B 104 18.92 -54.50 -12.37
C SER B 104 18.10 -53.62 -13.32
N ASP B 105 18.39 -53.73 -14.63
CA ASP B 105 17.81 -52.88 -15.66
C ASP B 105 16.49 -53.40 -16.26
N TYR B 106 16.01 -54.55 -15.78
CA TYR B 106 14.77 -55.21 -16.26
C TYR B 106 13.58 -54.25 -16.14
N ASP B 107 13.45 -53.58 -15.00
CA ASP B 107 12.34 -52.66 -14.75
C ASP B 107 12.36 -51.49 -15.74
N GLN B 108 13.54 -50.91 -15.98
CA GLN B 108 13.71 -49.85 -16.98
C GLN B 108 13.26 -50.33 -18.36
N PHE B 109 13.73 -51.51 -18.76
CA PHE B 109 13.35 -52.14 -20.03
C PHE B 109 11.83 -52.22 -20.18
N LYS B 110 11.15 -52.69 -19.13
CA LYS B 110 9.69 -52.85 -19.13
C LYS B 110 8.93 -51.52 -19.12
N ARG B 111 9.44 -50.55 -18.35
CA ARG B 111 8.88 -49.17 -18.30
C ARG B 111 8.92 -48.57 -19.71
N ARG B 112 10.02 -48.78 -20.44
CA ARG B 112 10.25 -48.20 -21.79
C ARG B 112 9.56 -49.07 -22.86
N LEU B 113 9.33 -50.35 -22.58
CA LEU B 113 8.51 -51.20 -23.45
C LEU B 113 7.06 -50.73 -23.42
N HIS B 114 6.60 -50.31 -22.23
CA HIS B 114 5.23 -49.86 -21.98
C HIS B 114 5.18 -48.43 -21.45
N PRO B 115 5.59 -47.42 -22.25
CA PRO B 115 5.63 -46.02 -21.77
C PRO B 115 4.22 -45.47 -21.47
N TYR B 116 3.20 -46.03 -22.12
CA TYR B 116 1.76 -45.72 -21.94
C TYR B 116 1.27 -46.18 -20.55
N GLY B 117 2.04 -47.03 -19.86
CA GLY B 117 1.68 -47.60 -18.57
C GLY B 117 1.59 -49.11 -18.67
N ASP B 118 1.53 -49.80 -17.51
CA ASP B 118 1.51 -51.26 -17.45
C ASP B 118 0.33 -51.84 -16.66
N LYS B 119 -0.71 -51.03 -16.46
CA LYS B 119 -1.86 -51.40 -15.64
C LYS B 119 -3.15 -50.80 -16.22
N PHE B 120 -3.93 -51.66 -16.90
CA PHE B 120 -5.19 -51.27 -17.53
C PHE B 120 -6.29 -52.30 -17.26
N GLN B 121 -7.51 -51.79 -17.08
CA GLN B 121 -8.67 -52.70 -16.91
C GLN B 121 -9.17 -53.03 -18.31
N PRO B 122 -10.00 -54.08 -18.52
CA PRO B 122 -10.44 -54.45 -19.86
C PRO B 122 -11.30 -53.35 -20.48
N ALA B 123 -11.37 -53.29 -21.81
CA ALA B 123 -12.23 -52.30 -22.49
C ALA B 123 -13.69 -52.57 -22.10
N ASP B 124 -14.50 -51.52 -21.97
CA ASP B 124 -15.94 -51.63 -21.59
C ASP B 124 -16.06 -51.67 -20.05
N SER B 125 -14.92 -51.66 -19.35
CA SER B 125 -14.95 -51.61 -17.86
C SER B 125 -15.59 -50.29 -17.42
N GLY B 126 -15.31 -49.20 -18.13
CA GLY B 126 -15.79 -47.88 -17.70
C GLY B 126 -14.98 -47.35 -16.53
N ALA B 127 -13.74 -47.82 -16.39
CA ALA B 127 -12.90 -47.41 -15.24
C ALA B 127 -12.01 -46.22 -15.63
N LYS B 128 -10.99 -45.92 -14.82
CA LYS B 128 -10.18 -44.74 -15.11
C LYS B 128 -9.11 -45.05 -16.17
N LEU B 129 -8.31 -46.10 -15.93
CA LEU B 129 -7.38 -46.46 -17.02
C LEU B 129 -7.91 -47.77 -17.58
N LYS B 130 -8.25 -47.78 -18.87
CA LYS B 130 -8.86 -48.99 -19.48
C LYS B 130 -8.32 -49.15 -20.90
N PHE B 131 -8.27 -50.38 -21.39
CA PHE B 131 -7.67 -50.62 -22.72
C PHE B 131 -8.60 -50.20 -23.85
N GLU B 132 -8.05 -49.80 -24.99
CA GLU B 132 -8.84 -49.58 -26.19
C GLU B 132 -9.39 -50.91 -26.66
N ALA B 133 -10.54 -50.87 -27.33
CA ALA B 133 -11.12 -52.07 -27.94
C ALA B 133 -10.13 -52.61 -28.97
N ASP B 134 -9.98 -53.94 -29.00
CA ASP B 134 -9.08 -54.61 -29.94
C ASP B 134 -9.45 -54.23 -31.38
N PRO B 135 -8.46 -54.06 -32.28
CA PRO B 135 -8.75 -53.75 -33.68
C PRO B 135 -9.29 -54.98 -34.41
N PRO B 136 -10.07 -54.80 -35.51
CA PRO B 136 -10.57 -55.94 -36.29
C PRO B 136 -9.45 -56.85 -36.83
N GLU B 137 -8.28 -56.29 -37.13
CA GLU B 137 -7.10 -57.02 -37.59
C GLU B 137 -5.90 -56.71 -36.71
N PRO B 138 -5.09 -57.72 -36.32
CA PRO B 138 -3.79 -57.48 -35.66
C PRO B 138 -2.82 -56.62 -36.50
N GLN B 139 -2.95 -56.67 -37.83
CA GLN B 139 -2.13 -55.89 -38.75
C GLN B 139 -2.21 -54.38 -38.50
N ALA B 140 -3.29 -53.94 -37.84
CA ALA B 140 -3.46 -52.55 -37.41
C ALA B 140 -2.21 -52.00 -36.72
N PHE B 141 -1.59 -52.80 -35.85
CA PHE B 141 -0.39 -52.40 -35.11
C PHE B 141 0.92 -53.10 -35.54
N HIS B 142 0.91 -53.71 -36.73
CA HIS B 142 2.13 -54.24 -37.34
C HIS B 142 2.97 -53.06 -37.84
N GLY B 143 4.28 -53.10 -37.56
CA GLY B 143 5.21 -52.10 -38.04
C GLY B 143 5.88 -52.49 -39.34
N ARG B 144 6.67 -51.58 -39.90
CA ARG B 144 7.39 -51.72 -41.20
C ARG B 144 8.31 -52.94 -41.21
N TRP B 145 8.76 -53.41 -40.03
CA TRP B 145 9.74 -54.49 -39.90
C TRP B 145 9.17 -55.83 -39.49
N TYR B 146 7.85 -55.91 -39.32
CA TYR B 146 7.12 -57.15 -38.93
C TYR B 146 7.40 -58.24 -39.97
N GLY B 147 7.28 -57.89 -41.26
CA GLY B 147 7.53 -58.81 -42.36
C GLY B 147 8.91 -59.43 -42.31
N ALA B 148 9.93 -58.58 -42.14
CA ALA B 148 11.33 -58.99 -42.13
C ALA B 148 11.65 -59.88 -40.93
N MET B 149 11.11 -59.52 -39.76
CA MET B 149 11.41 -60.22 -38.52
C MET B 149 10.59 -61.50 -38.31
N SER B 150 9.60 -61.72 -39.19
CA SER B 150 8.69 -62.87 -39.08
C SER B 150 8.95 -63.95 -40.14
N LYS B 151 10.03 -63.79 -40.90
CA LYS B 151 10.64 -64.89 -41.63
C LYS B 151 11.13 -65.79 -40.50
N ARG B 152 10.88 -67.09 -40.63
CA ARG B 152 11.19 -68.15 -39.63
C ARG B 152 10.18 -68.10 -38.47
N GLY B 153 8.99 -67.52 -38.70
CA GLY B 153 7.88 -67.66 -37.78
C GLY B 153 7.36 -66.40 -37.11
N ASN B 154 6.20 -66.56 -36.45
CA ASN B 154 5.36 -65.49 -35.97
C ASN B 154 5.30 -65.35 -34.44
N ASP B 155 5.68 -66.41 -33.71
CA ASP B 155 5.65 -66.42 -32.24
C ASP B 155 6.61 -65.39 -31.66
N ALA B 156 6.34 -64.97 -30.42
CA ALA B 156 7.16 -64.01 -29.70
C ALA B 156 8.62 -64.44 -29.67
N LYS B 157 8.84 -65.70 -29.31
CA LYS B 157 10.17 -66.30 -29.25
C LYS B 157 10.93 -66.14 -30.58
N GLU B 158 10.21 -66.34 -31.69
CA GLU B 158 10.80 -66.28 -33.03
C GLU B 158 11.05 -64.85 -33.52
N LEU B 159 10.10 -63.94 -33.22
CA LEU B 159 10.27 -62.52 -33.51
C LEU B 159 11.46 -61.95 -32.74
N ALA B 160 11.57 -62.35 -31.47
CA ALA B 160 12.67 -61.91 -30.59
C ALA B 160 14.03 -62.42 -31.08
N ALA B 161 14.06 -63.68 -31.53
CA ALA B 161 15.27 -64.32 -32.04
C ALA B 161 15.78 -63.61 -33.30
N ALA B 162 14.86 -63.28 -34.21
CA ALA B 162 15.17 -62.55 -35.44
C ALA B 162 15.67 -61.12 -35.14
N LEU B 163 15.01 -60.43 -34.21
CA LEU B 163 15.40 -59.09 -33.80
C LEU B 163 16.84 -59.08 -33.24
N TYR B 164 17.15 -60.03 -32.35
CA TYR B 164 18.47 -60.17 -31.70
C TYR B 164 19.56 -60.37 -32.75
N GLU B 165 19.33 -61.30 -33.69
CA GLU B 165 20.29 -61.59 -34.75
C GLU B 165 20.55 -60.33 -35.59
N HIS B 166 19.46 -59.66 -35.98
CA HIS B 166 19.49 -58.42 -36.76
C HIS B 166 20.31 -57.31 -36.07
N LEU B 167 20.07 -57.09 -34.77
CA LEU B 167 20.74 -56.05 -33.99
C LEU B 167 22.21 -56.36 -33.64
N HIS B 168 22.50 -57.60 -33.28
CA HIS B 168 23.81 -57.95 -32.69
C HIS B 168 24.70 -58.94 -33.45
N VAL B 169 24.17 -59.60 -34.48
CA VAL B 169 24.91 -60.64 -35.20
C VAL B 169 25.08 -60.37 -36.70
N ASP B 170 23.96 -60.10 -37.38
CA ASP B 170 23.93 -60.00 -38.83
C ASP B 170 22.77 -59.14 -39.29
N GLU B 171 23.08 -57.90 -39.71
CA GLU B 171 22.08 -56.92 -40.11
C GLU B 171 21.28 -57.39 -41.32
N LYS B 172 19.95 -57.23 -41.23
CA LYS B 172 19.02 -57.50 -42.31
C LYS B 172 18.53 -56.20 -42.91
N ARG B 173 18.14 -56.27 -44.20
CA ARG B 173 17.33 -55.21 -44.87
C ARG B 173 15.87 -55.37 -44.42
N ILE B 174 15.04 -54.38 -44.75
CA ILE B 174 13.63 -54.36 -44.38
C ILE B 174 12.79 -55.45 -45.07
N ASP B 175 13.37 -56.10 -46.09
CA ASP B 175 12.75 -57.27 -46.75
C ASP B 175 13.11 -58.60 -46.08
N GLY B 176 14.02 -58.56 -45.09
CA GLY B 176 14.40 -59.73 -44.31
C GLY B 176 15.68 -60.42 -44.76
N GLN B 177 16.25 -59.94 -45.87
CA GLN B 177 17.52 -60.45 -46.39
C GLN B 177 18.69 -59.88 -45.60
N PRO B 178 19.81 -60.61 -45.45
CA PRO B 178 21.03 -60.03 -44.88
C PRO B 178 21.44 -58.83 -45.75
N LYS B 179 21.99 -57.77 -45.14
CA LYS B 179 22.45 -56.61 -45.89
C LYS B 179 23.81 -56.87 -46.52
N ARG B 180 24.67 -57.58 -45.78
CA ARG B 180 26.06 -57.91 -46.18
C ARG B 180 26.24 -59.44 -46.22
N ASN B 181 26.84 -59.95 -47.29
CA ASN B 181 27.24 -61.34 -47.41
C ASN B 181 28.71 -61.40 -47.81
N PRO B 182 29.64 -60.99 -46.91
CA PRO B 182 31.06 -60.94 -47.26
C PRO B 182 31.67 -62.34 -47.43
N LYS B 183 32.68 -62.45 -48.30
CA LYS B 183 33.35 -63.70 -48.62
C LYS B 183 34.75 -63.71 -48.01
N THR B 184 35.47 -62.60 -48.20
CA THR B 184 36.81 -62.42 -47.65
C THR B 184 36.73 -62.09 -46.16
N ASP B 185 36.08 -60.95 -45.85
CA ASP B 185 35.94 -60.41 -44.50
C ASP B 185 35.26 -61.42 -43.55
N LYS B 186 35.76 -61.49 -42.32
CA LYS B 186 35.45 -62.59 -41.40
C LYS B 186 33.95 -62.73 -41.08
N PHE B 187 33.30 -61.60 -40.78
CA PHE B 187 31.90 -61.61 -40.34
C PHE B 187 31.28 -60.22 -40.53
N ALA B 188 30.06 -60.20 -41.11
CA ALA B 188 29.30 -58.96 -41.26
C ALA B 188 28.63 -58.61 -39.93
N PRO B 189 28.58 -57.31 -39.56
CA PRO B 189 28.06 -56.92 -38.24
C PRO B 189 26.53 -56.90 -38.19
N GLY B 190 25.98 -56.85 -36.97
CA GLY B 190 24.59 -56.52 -36.74
C GLY B 190 24.38 -55.01 -36.89
N LEU B 191 23.12 -54.58 -36.81
CA LEU B 191 22.75 -53.18 -36.99
C LEU B 191 23.44 -52.24 -35.99
N VAL B 192 23.50 -52.64 -34.72
CA VAL B 192 24.03 -51.78 -33.65
C VAL B 192 25.44 -51.31 -34.00
N VAL B 193 26.33 -52.26 -34.31
CA VAL B 193 27.71 -51.99 -34.64
C VAL B 193 27.86 -51.24 -35.98
N ALA B 194 27.11 -51.70 -37.00
CA ALA B 194 27.15 -51.11 -38.33
C ALA B 194 26.84 -49.63 -38.29
N ARG B 195 25.73 -49.29 -37.62
CA ARG B 195 25.24 -47.91 -37.44
C ARG B 195 26.25 -47.10 -36.62
N ALA B 196 26.81 -47.71 -35.56
CA ALA B 196 27.83 -47.07 -34.73
C ALA B 196 29.10 -46.72 -35.52
N LEU B 197 29.50 -47.60 -36.43
CA LEU B 197 30.61 -47.35 -37.34
C LEU B 197 30.28 -46.21 -38.29
N GLY B 198 29.01 -46.14 -38.72
CA GLY B 198 28.50 -45.05 -39.52
C GLY B 198 28.56 -43.69 -38.83
N ILE B 199 28.35 -43.69 -37.51
CA ILE B 199 28.50 -42.49 -36.68
C ILE B 199 29.98 -42.12 -36.55
N GLU B 200 30.81 -43.14 -36.31
CA GLU B 200 32.26 -42.99 -36.13
C GLU B 200 32.93 -42.25 -37.28
N SER B 201 32.43 -42.46 -38.51
CA SER B 201 32.95 -41.83 -39.71
C SER B 201 32.14 -40.62 -40.22
N SER B 202 31.13 -40.19 -39.44
CA SER B 202 30.41 -38.95 -39.71
C SER B 202 31.30 -37.77 -39.25
N VAL B 203 32.23 -37.38 -40.13
CA VAL B 203 33.18 -36.31 -39.88
C VAL B 203 33.26 -35.38 -41.10
N LEU B 204 33.72 -34.15 -40.87
CA LEU B 204 33.80 -33.14 -41.92
C LEU B 204 34.71 -33.60 -43.06
N PRO B 205 34.28 -33.49 -44.33
CA PRO B 205 35.17 -33.69 -45.47
C PRO B 205 36.25 -32.60 -45.54
N ARG B 206 37.50 -32.99 -45.75
CA ARG B 206 38.68 -32.09 -45.71
C ARG B 206 39.13 -31.73 -47.14
N GLY B 207 38.52 -32.35 -48.16
CA GLY B 207 38.88 -32.12 -49.55
C GLY B 207 37.67 -32.14 -50.47
N MET B 208 37.94 -32.15 -51.77
CA MET B 208 36.91 -32.06 -52.83
C MET B 208 36.59 -33.40 -53.50
N ALA B 209 37.17 -34.49 -53.00
CA ALA B 209 37.09 -35.82 -53.64
C ALA B 209 35.67 -36.22 -54.05
N ARG B 210 34.73 -36.17 -53.11
CA ARG B 210 33.35 -36.71 -53.27
C ARG B 210 32.40 -35.63 -53.82
N LEU B 211 32.93 -34.54 -54.38
CA LEU B 211 32.11 -33.48 -54.95
C LEU B 211 32.16 -33.44 -56.47
N ALA B 212 33.15 -34.10 -57.07
CA ALA B 212 33.23 -34.29 -58.52
C ALA B 212 31.99 -35.04 -58.99
N ARG B 213 31.40 -34.57 -60.09
CA ARG B 213 30.18 -35.16 -60.69
C ARG B 213 30.61 -36.28 -61.64
N ASN B 214 30.20 -37.52 -61.34
CA ASN B 214 30.67 -38.71 -62.05
C ASN B 214 29.68 -39.18 -63.13
N TRP B 215 29.18 -38.21 -63.91
CA TRP B 215 28.27 -38.47 -65.03
C TRP B 215 28.04 -37.15 -65.79
N GLY B 216 27.57 -37.26 -67.02
CA GLY B 216 27.31 -36.12 -67.88
C GLY B 216 26.23 -36.37 -68.92
N GLU B 217 26.31 -35.63 -70.02
CA GLU B 217 25.31 -35.63 -71.08
C GLU B 217 25.06 -37.02 -71.65
N GLU B 218 26.12 -37.82 -71.80
CA GLU B 218 26.01 -39.18 -72.32
C GLU B 218 25.12 -40.07 -71.43
N GLU B 219 25.27 -39.93 -70.11
CA GLU B 219 24.49 -40.69 -69.13
C GLU B 219 23.04 -40.21 -69.09
N ILE B 220 22.85 -38.89 -69.25
CA ILE B 220 21.54 -38.26 -69.24
C ILE B 220 20.67 -38.77 -70.40
N GLN B 221 21.30 -38.94 -71.58
CA GLN B 221 20.62 -39.43 -72.78
C GLN B 221 19.99 -40.81 -72.59
N THR B 222 20.74 -41.71 -71.95
CA THR B 222 20.31 -43.09 -71.70
C THR B 222 19.24 -43.17 -70.63
N TYR B 223 19.46 -42.43 -69.54
CA TYR B 223 18.69 -42.51 -68.27
C TYR B 223 17.33 -41.82 -68.42
N PHE B 224 17.26 -40.72 -69.19
CA PHE B 224 16.05 -39.91 -69.31
C PHE B 224 15.29 -40.08 -70.62
N VAL B 225 15.43 -41.25 -71.25
CA VAL B 225 14.63 -41.59 -72.43
C VAL B 225 13.16 -41.47 -72.05
N VAL B 226 12.82 -41.99 -70.86
CA VAL B 226 11.53 -41.75 -70.20
C VAL B 226 11.76 -40.83 -69.02
N ASP B 227 10.85 -39.88 -68.80
CA ASP B 227 10.99 -38.85 -67.78
C ASP B 227 10.60 -39.37 -66.38
N VAL B 228 11.59 -39.94 -65.69
CA VAL B 228 11.43 -40.46 -64.33
C VAL B 228 10.88 -39.42 -63.34
N ALA B 229 11.25 -38.15 -63.53
CA ALA B 229 10.85 -37.08 -62.63
C ALA B 229 9.35 -36.80 -62.68
N ALA B 230 8.78 -36.78 -63.89
CA ALA B 230 7.35 -36.60 -64.10
C ALA B 230 6.51 -37.75 -63.52
N SER B 231 7.03 -38.98 -63.60
CA SER B 231 6.32 -40.15 -63.07
C SER B 231 6.42 -40.19 -61.53
N VAL B 232 7.61 -39.87 -61.00
CA VAL B 232 7.77 -39.71 -59.57
C VAL B 232 6.86 -38.59 -59.05
N LYS B 233 6.71 -37.52 -59.84
CA LYS B 233 5.80 -36.42 -59.52
C LYS B 233 4.35 -36.91 -59.41
N GLU B 234 3.97 -37.85 -60.29
CA GLU B 234 2.64 -38.46 -60.26
C GLU B 234 2.42 -39.37 -59.05
N VAL B 235 3.50 -40.03 -58.61
CA VAL B 235 3.47 -40.78 -57.36
C VAL B 235 3.13 -39.85 -56.21
N ALA B 236 3.81 -38.69 -56.16
CA ALA B 236 3.58 -37.68 -55.11
C ALA B 236 2.14 -37.17 -55.10
N LYS B 237 1.59 -36.87 -56.29
CA LYS B 237 0.21 -36.40 -56.42
C LYS B 237 -0.80 -37.46 -55.98
N ALA B 238 -0.55 -38.72 -56.37
CA ALA B 238 -1.41 -39.85 -56.00
C ALA B 238 -1.37 -40.12 -54.50
N ALA B 239 -0.19 -39.89 -53.88
CA ALA B 239 -0.03 -39.98 -52.43
C ALA B 239 -0.81 -38.87 -51.74
N VAL B 240 -0.72 -37.65 -52.27
CA VAL B 240 -1.45 -36.48 -51.76
C VAL B 240 -2.95 -36.74 -51.77
N SER B 241 -3.49 -37.06 -52.97
CA SER B 241 -4.92 -37.31 -53.17
C SER B 241 -5.50 -38.30 -52.16
N ALA B 242 -4.84 -39.46 -52.04
CA ALA B 242 -5.25 -40.54 -51.14
C ALA B 242 -5.34 -40.11 -49.68
N ALA B 243 -4.35 -39.34 -49.22
CA ALA B 243 -4.32 -38.80 -47.86
C ALA B 243 -5.35 -37.69 -47.66
N GLN B 244 -5.61 -36.92 -48.73
CA GLN B 244 -6.59 -35.84 -48.73
C GLN B 244 -8.04 -36.36 -48.80
N ALA B 245 -8.21 -37.64 -49.15
CA ALA B 245 -9.52 -38.29 -49.29
C ALA B 245 -10.18 -38.65 -47.95
N PHE B 246 -9.39 -38.74 -46.89
CA PHE B 246 -9.89 -39.03 -45.53
C PHE B 246 -10.67 -37.83 -45.00
N ASP B 247 -11.68 -38.10 -44.17
CA ASP B 247 -12.55 -37.07 -43.58
C ASP B 247 -11.75 -36.08 -42.73
N PRO B 248 -10.88 -36.54 -41.79
CA PRO B 248 -9.78 -35.71 -41.30
C PRO B 248 -8.68 -35.61 -42.37
N PRO B 249 -8.47 -34.43 -43.00
CA PRO B 249 -7.53 -34.34 -44.13
C PRO B 249 -6.08 -34.57 -43.68
N ARG B 250 -5.57 -35.79 -43.89
CA ARG B 250 -4.19 -36.21 -43.50
C ARG B 250 -3.17 -35.63 -44.50
N GLN B 251 -2.10 -35.02 -43.99
CA GLN B 251 -1.01 -34.51 -44.80
C GLN B 251 0.07 -35.59 -44.91
N VAL B 252 0.56 -35.82 -46.14
CA VAL B 252 1.60 -36.82 -46.41
C VAL B 252 2.99 -36.29 -46.07
N SER B 253 3.73 -37.08 -45.28
CA SER B 253 5.12 -36.78 -44.94
C SER B 253 6.05 -37.35 -45.99
N GLY B 254 7.27 -36.82 -46.05
CA GLY B 254 8.30 -37.29 -46.95
C GLY B 254 8.75 -38.72 -46.64
N ARG B 255 8.69 -39.10 -45.37
CA ARG B 255 9.10 -40.44 -44.86
C ARG B 255 8.14 -41.51 -45.36
N SER B 256 6.86 -41.16 -45.56
CA SER B 256 5.86 -42.07 -46.12
C SER B 256 5.94 -42.17 -47.66
N LEU B 257 6.36 -41.07 -48.29
CA LEU B 257 6.64 -41.02 -49.73
C LEU B 257 7.89 -41.81 -50.13
N SER B 258 8.87 -41.83 -49.21
CA SER B 258 10.20 -42.41 -49.46
C SER B 258 10.16 -43.78 -50.13
N PRO B 259 9.43 -44.77 -49.56
CA PRO B 259 9.36 -46.10 -50.15
C PRO B 259 8.67 -46.12 -51.53
N LYS B 260 7.68 -45.26 -51.73
CA LYS B 260 6.97 -45.16 -53.00
C LYS B 260 7.89 -44.62 -54.11
N VAL B 261 8.69 -43.60 -53.77
CA VAL B 261 9.66 -43.04 -54.70
C VAL B 261 10.77 -44.05 -55.00
N GLY B 262 11.24 -44.75 -53.96
CA GLY B 262 12.29 -45.73 -54.07
C GLY B 262 11.94 -46.86 -55.03
N PHE B 263 10.69 -47.34 -54.93
CA PHE B 263 10.17 -48.39 -55.81
C PHE B 263 10.11 -47.88 -57.24
N ALA B 264 9.49 -46.70 -57.42
CA ALA B 264 9.40 -46.02 -58.72
C ALA B 264 10.77 -45.83 -59.37
N LEU B 265 11.78 -45.45 -58.58
CA LEU B 265 13.15 -45.24 -59.08
C LEU B 265 13.84 -46.55 -59.45
N ALA B 266 13.55 -47.62 -58.69
CA ALA B 266 14.03 -48.97 -58.99
C ALA B 266 13.44 -49.49 -60.31
N GLU B 267 12.13 -49.31 -60.48
CA GLU B 267 11.43 -49.71 -61.72
C GLU B 267 11.99 -48.92 -62.91
N HIS B 268 12.37 -47.67 -62.68
CA HIS B 268 13.00 -46.85 -63.72
C HIS B 268 14.38 -47.40 -64.11
N LEU B 269 15.22 -47.70 -63.12
CA LEU B 269 16.54 -48.30 -63.36
C LEU B 269 16.41 -49.56 -64.20
N GLU B 270 15.45 -50.41 -63.84
CA GLU B 270 15.15 -51.62 -64.58
C GLU B 270 14.82 -51.35 -66.05
N ARG B 271 14.05 -50.28 -66.30
CA ARG B 271 13.71 -49.80 -67.67
C ARG B 271 14.98 -49.40 -68.43
N VAL B 272 15.95 -48.79 -67.73
CA VAL B 272 17.16 -48.27 -68.34
C VAL B 272 18.23 -49.35 -68.55
N THR B 273 18.34 -50.27 -67.58
CA THR B 273 19.44 -51.25 -67.53
C THR B 273 19.06 -52.74 -67.60
N GLY B 274 17.78 -53.05 -67.40
CA GLY B 274 17.29 -54.42 -67.30
C GLY B 274 17.44 -55.04 -65.92
N SER B 275 17.90 -54.25 -64.94
CA SER B 275 18.15 -54.72 -63.57
C SER B 275 17.91 -53.62 -62.53
N LYS B 276 17.63 -54.03 -61.29
CA LYS B 276 17.45 -53.12 -60.15
C LYS B 276 18.69 -53.03 -59.26
N ARG B 277 19.75 -53.76 -59.62
CA ARG B 277 21.06 -53.71 -58.90
C ARG B 277 21.70 -52.33 -59.07
N CYS B 278 21.92 -51.61 -57.96
CA CYS B 278 22.47 -50.25 -57.96
C CYS B 278 23.99 -50.16 -57.81
N SER B 279 24.57 -51.21 -57.24
CA SER B 279 25.99 -51.28 -56.96
C SER B 279 26.81 -50.91 -58.20
N PHE B 280 27.74 -49.96 -58.04
CA PHE B 280 28.56 -49.47 -59.15
C PHE B 280 30.00 -49.19 -58.71
N ASP B 281 30.84 -48.77 -59.66
CA ASP B 281 32.27 -48.62 -59.48
C ASP B 281 32.62 -47.14 -59.71
N PRO B 282 32.60 -46.29 -58.66
CA PRO B 282 32.83 -44.85 -58.81
C PRO B 282 34.20 -44.54 -59.44
N ALA B 283 35.24 -45.28 -59.03
CA ALA B 283 36.62 -45.06 -59.47
C ALA B 283 36.82 -45.32 -60.97
N ALA B 284 35.94 -46.14 -61.56
CA ALA B 284 36.05 -46.54 -62.97
C ALA B 284 35.68 -45.44 -63.96
N GLY B 285 35.04 -44.36 -63.48
CA GLY B 285 34.70 -43.21 -64.29
C GLY B 285 33.19 -42.97 -64.37
N PRO B 286 32.73 -42.05 -65.26
CA PRO B 286 31.30 -41.76 -65.39
C PRO B 286 30.46 -43.00 -65.69
N SER B 287 29.22 -43.03 -65.20
CA SER B 287 28.31 -44.15 -65.39
C SER B 287 26.87 -43.75 -65.14
N VAL B 288 25.95 -44.50 -65.75
CA VAL B 288 24.52 -44.32 -65.55
C VAL B 288 24.10 -44.61 -64.12
N LEU B 289 24.79 -45.55 -63.45
CA LEU B 289 24.50 -45.88 -62.05
C LEU B 289 25.00 -44.84 -61.05
N ALA B 290 26.04 -44.08 -61.42
CA ALA B 290 26.47 -42.92 -60.65
C ALA B 290 25.37 -41.86 -60.68
N LEU B 291 24.85 -41.60 -61.89
CA LEU B 291 23.72 -40.69 -62.08
C LEU B 291 22.51 -41.14 -61.26
N HIS B 292 22.21 -42.44 -61.32
CA HIS B 292 21.08 -43.02 -60.59
C HIS B 292 21.27 -42.85 -59.08
N ASP B 293 22.47 -43.16 -58.60
CA ASP B 293 22.81 -42.99 -57.19
C ASP B 293 22.51 -41.54 -56.74
N GLU B 294 22.86 -40.57 -57.58
CA GLU B 294 22.64 -39.15 -57.28
C GLU B 294 21.15 -38.76 -57.38
N VAL B 295 20.43 -39.42 -58.28
CA VAL B 295 18.99 -39.24 -58.38
C VAL B 295 18.31 -39.75 -57.10
N LYS B 296 18.72 -40.94 -56.64
CA LYS B 296 18.21 -41.51 -55.39
C LYS B 296 18.50 -40.59 -54.20
N LYS B 297 19.74 -40.10 -54.11
CA LYS B 297 20.16 -39.16 -53.06
C LYS B 297 19.34 -37.88 -53.10
N THR B 298 19.02 -37.40 -54.30
CA THR B 298 18.25 -36.18 -54.48
C THR B 298 16.84 -36.33 -53.87
N TYR B 299 16.17 -37.44 -54.15
CA TYR B 299 14.80 -37.72 -53.66
C TYR B 299 14.85 -38.12 -52.17
N LYS B 300 15.97 -38.69 -51.71
CA LYS B 300 16.21 -38.92 -50.28
C LYS B 300 16.19 -37.61 -49.49
N ARG B 301 16.83 -36.56 -50.03
CA ARG B 301 16.84 -35.19 -49.46
C ARG B 301 15.41 -34.63 -49.46
N LEU B 302 14.73 -34.66 -50.61
CA LEU B 302 13.35 -34.17 -50.72
C LEU B 302 12.41 -34.87 -49.73
N CYS B 303 12.63 -36.17 -49.49
CA CYS B 303 11.80 -36.98 -48.60
C CYS B 303 12.17 -36.85 -47.11
N ALA B 304 13.27 -36.16 -46.82
CA ALA B 304 13.67 -35.84 -45.45
C ALA B 304 13.04 -34.54 -44.93
N ARG B 305 12.27 -33.85 -45.79
CA ARG B 305 11.56 -32.60 -45.44
C ARG B 305 10.35 -32.93 -44.54
N GLY B 306 10.14 -32.15 -43.48
CA GLY B 306 8.99 -32.29 -42.61
C GLY B 306 7.74 -31.67 -43.20
N LYS B 307 7.89 -30.49 -43.80
CA LYS B 307 6.78 -29.70 -44.36
C LYS B 307 6.74 -29.77 -45.88
N ASN B 308 5.57 -30.16 -46.42
CA ASN B 308 5.28 -30.08 -47.86
C ASN B 308 6.38 -30.72 -48.72
N ALA B 309 6.80 -31.93 -48.37
CA ALA B 309 7.79 -32.68 -49.12
C ALA B 309 7.35 -32.86 -50.58
N ALA B 310 6.09 -33.28 -50.75
CA ALA B 310 5.51 -33.57 -52.06
C ALA B 310 5.54 -32.37 -53.00
N ARG B 311 5.21 -31.19 -52.46
CA ARG B 311 5.13 -29.91 -53.21
C ARG B 311 6.49 -29.56 -53.81
N ALA B 312 7.59 -29.93 -53.14
CA ALA B 312 8.95 -29.63 -53.59
C ALA B 312 9.45 -30.54 -54.72
N PHE B 313 8.81 -31.70 -54.91
CA PHE B 313 9.21 -32.65 -55.96
C PHE B 313 9.19 -31.96 -57.31
N PRO B 314 10.27 -32.08 -58.13
CA PRO B 314 10.27 -31.49 -59.47
C PRO B 314 9.23 -32.18 -60.37
N ALA B 315 8.69 -31.44 -61.35
CA ALA B 315 7.59 -31.92 -62.19
C ALA B 315 8.04 -32.46 -63.54
N ASP B 316 9.36 -32.48 -63.76
CA ASP B 316 9.95 -32.44 -65.10
C ASP B 316 11.41 -32.89 -65.00
N LYS B 317 11.95 -33.49 -66.06
CA LYS B 317 13.38 -33.83 -66.11
C LYS B 317 14.25 -32.56 -66.09
N THR B 318 13.78 -31.49 -66.75
CA THR B 318 14.46 -30.21 -66.78
C THR B 318 14.61 -29.66 -65.35
N GLU B 319 13.50 -29.64 -64.60
CA GLU B 319 13.50 -29.20 -63.22
C GLU B 319 14.40 -30.06 -62.34
N LEU B 320 14.35 -31.38 -62.55
CA LEU B 320 15.16 -32.32 -61.78
C LEU B 320 16.64 -32.06 -61.95
N LEU B 321 17.08 -31.90 -63.21
CA LEU B 321 18.49 -31.65 -63.53
C LEU B 321 18.96 -30.28 -63.00
N ALA B 322 18.04 -29.30 -62.98
CA ALA B 322 18.32 -27.98 -62.43
C ALA B 322 18.48 -28.05 -60.90
N LEU B 323 17.62 -28.83 -60.23
CA LEU B 323 17.71 -29.06 -58.79
C LEU B 323 19.04 -29.74 -58.45
N MET B 324 19.38 -30.80 -59.20
CA MET B 324 20.61 -31.55 -59.00
C MET B 324 21.85 -30.67 -59.20
N ARG B 325 21.81 -29.80 -60.21
CA ARG B 325 22.88 -28.82 -60.54
C ARG B 325 23.04 -27.80 -59.40
N HIS B 326 21.94 -27.15 -58.98
CA HIS B 326 21.96 -26.15 -57.92
C HIS B 326 22.40 -26.73 -56.57
N THR B 327 21.88 -27.91 -56.25
CA THR B 327 22.28 -28.64 -55.07
C THR B 327 23.79 -28.96 -55.09
N HIS B 328 24.27 -29.44 -56.24
CA HIS B 328 25.70 -29.71 -56.43
C HIS B 328 26.54 -28.43 -56.24
N GLU B 329 26.07 -27.33 -56.83
CA GLU B 329 26.71 -26.03 -56.72
C GLU B 329 26.77 -25.56 -55.26
N ASN B 330 25.68 -25.78 -54.53
CA ASN B 330 25.58 -25.43 -53.12
C ASN B 330 26.57 -26.19 -52.26
N ARG B 331 26.64 -27.51 -52.47
CA ARG B 331 27.49 -28.44 -51.69
C ARG B 331 28.97 -28.09 -51.92
N VAL B 332 29.32 -27.68 -53.15
CA VAL B 332 30.68 -27.29 -53.48
C VAL B 332 31.08 -26.04 -52.70
N ARG B 333 30.19 -25.04 -52.67
CA ARG B 333 30.39 -23.74 -51.98
C ARG B 333 30.39 -23.95 -50.45
N ASN B 334 29.53 -24.83 -49.94
CA ASN B 334 29.55 -25.17 -48.51
C ASN B 334 30.87 -25.82 -48.11
N GLN B 335 31.38 -26.72 -48.97
CA GLN B 335 32.68 -27.35 -48.74
C GLN B 335 33.84 -26.36 -48.85
N MET B 336 33.76 -25.46 -49.84
CA MET B 336 34.81 -24.45 -50.03
C MET B 336 34.85 -23.38 -48.95
N VAL B 337 33.67 -22.97 -48.46
CA VAL B 337 33.59 -22.06 -47.31
C VAL B 337 34.20 -22.73 -46.07
N ARG B 338 33.83 -23.99 -45.85
CA ARG B 338 34.33 -24.84 -44.73
C ARG B 338 35.86 -24.89 -44.77
N MET B 339 36.43 -25.25 -45.92
CA MET B 339 37.89 -25.33 -46.13
C MET B 339 38.60 -24.00 -45.95
N GLY B 340 38.03 -22.94 -46.54
CA GLY B 340 38.62 -21.61 -46.52
C GLY B 340 38.62 -20.98 -45.14
N ARG B 341 37.59 -21.29 -44.35
CA ARG B 341 37.42 -20.86 -42.94
C ARG B 341 38.44 -21.58 -42.05
N VAL B 342 38.62 -22.89 -42.24
CA VAL B 342 39.64 -23.65 -41.44
C VAL B 342 41.03 -23.05 -41.70
N SER B 343 41.37 -22.77 -42.96
CA SER B 343 42.70 -22.22 -43.32
C SER B 343 42.91 -20.84 -42.69
N GLU B 344 41.87 -20.00 -42.72
CA GLU B 344 42.01 -18.62 -42.17
C GLU B 344 42.33 -18.72 -40.68
N TYR B 345 41.62 -19.60 -39.96
CA TYR B 345 41.88 -19.81 -38.51
C TYR B 345 43.24 -20.45 -38.29
N ARG B 346 43.62 -21.40 -39.16
CA ARG B 346 44.91 -22.12 -39.00
C ARG B 346 46.06 -21.12 -39.12
N GLY B 347 45.95 -20.15 -40.03
CA GLY B 347 46.97 -19.10 -40.13
C GLY B 347 48.23 -19.51 -40.85
N GLN B 348 49.30 -19.82 -40.11
CA GLN B 348 50.61 -20.08 -40.77
C GLN B 348 50.47 -21.16 -41.84
N GLN B 349 50.94 -20.87 -43.06
CA GLN B 349 50.89 -21.88 -44.15
C GLN B 349 52.19 -22.68 -44.17
N ALA B 350 52.54 -23.33 -43.06
CA ALA B 350 53.77 -24.17 -43.01
C ALA B 350 53.46 -25.51 -42.34
N GLY B 351 52.72 -26.39 -43.02
CA GLY B 351 52.34 -27.67 -42.40
C GLY B 351 51.17 -28.34 -43.10
N ASP B 352 50.51 -29.29 -42.44
CA ASP B 352 49.41 -30.04 -43.07
C ASP B 352 48.05 -29.48 -42.67
N LEU B 353 47.40 -28.75 -43.59
CA LEU B 353 46.04 -28.25 -43.38
C LEU B 353 45.05 -29.36 -43.00
N ALA B 354 45.24 -30.57 -43.54
CA ALA B 354 44.39 -31.72 -43.29
C ALA B 354 44.35 -32.17 -41.82
N GLN B 355 45.41 -31.87 -41.06
CA GLN B 355 45.52 -32.21 -39.64
C GLN B 355 45.22 -31.05 -38.70
N SER B 356 44.63 -29.98 -39.23
CA SER B 356 44.37 -28.77 -38.45
C SER B 356 43.31 -29.00 -37.36
N HIS B 357 43.57 -28.44 -36.18
CA HIS B 357 42.67 -28.48 -35.03
C HIS B 357 41.25 -27.97 -35.35
N TYR B 358 41.14 -27.08 -36.35
CA TYR B 358 39.89 -26.37 -36.72
C TYR B 358 38.96 -27.29 -37.54
N TRP B 359 39.44 -28.46 -37.95
CA TRP B 359 38.59 -29.50 -38.54
C TRP B 359 37.76 -30.19 -37.46
N THR B 360 38.28 -30.22 -36.23
CA THR B 360 37.68 -30.95 -35.11
C THR B 360 36.44 -30.24 -34.59
N SER B 361 35.67 -30.94 -33.76
CA SER B 361 34.48 -30.38 -33.15
C SER B 361 34.82 -29.20 -32.21
N ALA B 362 35.85 -29.38 -31.37
CA ALA B 362 36.31 -28.31 -30.48
C ALA B 362 36.70 -27.06 -31.29
N GLY B 363 37.44 -27.27 -32.38
CA GLY B 363 37.88 -26.19 -33.25
C GLY B 363 36.75 -25.47 -33.97
N GLN B 364 35.72 -26.22 -34.36
CA GLN B 364 34.55 -25.67 -35.02
C GLN B 364 33.69 -24.85 -34.06
N THR B 365 33.59 -25.32 -32.81
CA THR B 365 32.96 -24.54 -31.75
C THR B 365 33.71 -23.20 -31.52
N GLU B 366 35.05 -23.26 -31.55
CA GLU B 366 35.89 -22.06 -31.41
C GLU B 366 35.61 -21.09 -32.57
N ILE B 367 35.56 -21.64 -33.80
CA ILE B 367 35.24 -20.83 -34.98
C ILE B 367 33.89 -20.15 -34.79
N LYS B 368 32.88 -20.93 -34.40
CA LYS B 368 31.51 -20.44 -34.23
C LYS B 368 31.40 -19.18 -33.35
N GLU B 369 31.99 -19.24 -32.15
CA GLU B 369 31.90 -18.12 -31.20
C GLU B 369 32.70 -16.90 -31.67
N SER B 370 33.84 -17.14 -32.33
CA SER B 370 34.61 -16.08 -32.98
C SER B 370 33.78 -15.39 -34.06
N GLU B 371 33.20 -16.18 -34.96
CA GLU B 371 32.39 -15.68 -36.06
C GLU B 371 31.24 -14.81 -35.56
N ILE B 372 30.61 -15.23 -34.46
CA ILE B 372 29.51 -14.49 -33.85
C ILE B 372 29.98 -13.14 -33.27
N PHE B 373 31.15 -13.15 -32.63
CA PHE B 373 31.77 -11.89 -32.18
C PHE B 373 32.00 -10.96 -33.38
N VAL B 374 32.57 -11.49 -34.46
CA VAL B 374 32.81 -10.70 -35.67
C VAL B 374 31.53 -10.03 -36.16
N ARG B 375 30.45 -10.81 -36.28
CA ARG B 375 29.09 -10.32 -36.68
C ARG B 375 28.69 -9.14 -35.78
N LEU B 376 28.79 -9.31 -34.46
CA LEU B 376 28.42 -8.25 -33.52
C LEU B 376 29.32 -7.01 -33.68
N TRP B 377 30.62 -7.23 -33.89
CA TRP B 377 31.59 -6.17 -34.13
C TRP B 377 31.29 -5.39 -35.40
N VAL B 378 31.19 -6.11 -36.52
CA VAL B 378 30.83 -5.53 -37.82
C VAL B 378 29.51 -4.77 -37.70
N GLY B 379 28.54 -5.33 -36.97
CA GLY B 379 27.25 -4.72 -36.74
C GLY B 379 27.27 -3.43 -35.93
N ALA B 380 28.05 -3.42 -34.84
CA ALA B 380 28.15 -2.25 -33.97
C ALA B 380 28.77 -1.06 -34.72
N PHE B 381 29.75 -1.34 -35.58
CA PHE B 381 30.47 -0.30 -36.29
C PHE B 381 29.81 0.16 -37.59
N ALA B 382 28.83 -0.61 -38.06
CA ALA B 382 27.89 -0.13 -39.09
C ALA B 382 27.01 0.98 -38.50
N LEU B 383 26.55 0.77 -37.25
CA LEU B 383 25.76 1.76 -36.53
C LEU B 383 26.62 3.01 -36.19
N ALA B 384 27.88 2.78 -35.82
CA ALA B 384 28.87 3.84 -35.60
C ALA B 384 29.08 4.69 -36.84
N GLY B 385 29.22 4.01 -37.99
CA GLY B 385 29.34 4.67 -39.28
C GLY B 385 28.17 5.59 -39.54
N ARG B 386 26.96 5.07 -39.32
CA ARG B 386 25.68 5.81 -39.50
C ARG B 386 25.64 7.01 -38.54
N SER B 387 26.09 6.81 -37.30
CA SER B 387 26.18 7.88 -36.30
C SER B 387 27.16 9.00 -36.70
N MET B 388 28.35 8.61 -37.15
CA MET B 388 29.37 9.58 -37.58
C MET B 388 28.97 10.35 -38.84
N LYS B 389 28.20 9.70 -39.71
CA LYS B 389 27.62 10.33 -40.89
C LYS B 389 26.76 11.51 -40.46
N ALA B 390 25.83 11.25 -39.54
CA ALA B 390 24.89 12.26 -39.03
C ALA B 390 25.61 13.37 -38.27
N TRP B 391 26.67 13.00 -37.56
CA TRP B 391 27.49 13.93 -36.78
C TRP B 391 28.16 14.96 -37.68
N ILE B 392 28.78 14.46 -38.76
CA ILE B 392 29.71 15.23 -39.59
C ILE B 392 29.06 15.82 -40.83
N ASP B 393 28.25 15.01 -41.53
CA ASP B 393 27.67 15.41 -42.80
C ASP B 393 26.19 15.05 -42.86
N PRO B 394 25.34 15.65 -42.00
CA PRO B 394 23.94 15.26 -41.91
C PRO B 394 23.17 15.44 -43.23
N MET B 395 23.54 16.45 -44.02
CA MET B 395 22.84 16.81 -45.25
C MET B 395 23.48 16.25 -46.53
N GLY B 396 24.42 15.31 -46.36
CA GLY B 396 25.04 14.59 -47.46
C GLY B 396 25.70 15.44 -48.53
N LYS B 397 26.43 16.48 -48.10
CA LYS B 397 27.15 17.38 -48.99
C LYS B 397 28.37 16.73 -49.64
N ILE B 398 28.90 15.66 -49.01
CA ILE B 398 30.06 14.94 -49.52
C ILE B 398 29.60 13.82 -50.46
N VAL B 399 29.84 14.00 -51.76
CA VAL B 399 29.52 13.00 -52.79
C VAL B 399 30.68 12.01 -53.02
N ASN B 404 30.91 5.95 -56.76
CA ASN B 404 30.03 6.57 -55.77
C ASN B 404 30.22 5.93 -54.39
N ASP B 405 31.38 6.21 -53.78
CA ASP B 405 31.73 5.70 -52.45
C ASP B 405 30.94 6.45 -51.38
N ARG B 406 30.20 5.68 -50.57
CA ARG B 406 29.26 6.20 -49.52
C ARG B 406 29.90 6.02 -48.13
N ASP B 407 31.23 6.05 -48.04
CA ASP B 407 31.97 5.83 -46.81
C ASP B 407 32.75 7.10 -46.50
N LEU B 408 32.38 7.74 -45.39
CA LEU B 408 32.96 9.02 -44.99
C LEU B 408 34.44 8.89 -44.58
N THR B 409 34.85 7.68 -44.20
CA THR B 409 36.23 7.38 -43.80
C THR B 409 37.19 7.12 -44.99
N ALA B 410 36.61 6.91 -46.18
CA ALA B 410 37.39 6.73 -47.41
C ALA B 410 38.20 8.01 -47.71
N ALA B 411 39.43 7.82 -48.19
CA ALA B 411 40.39 8.90 -48.43
C ALA B 411 39.77 10.05 -49.22
N VAL B 412 39.06 9.72 -50.29
CA VAL B 412 38.42 10.70 -51.17
C VAL B 412 37.42 11.60 -50.44
N ASN B 413 36.70 11.02 -49.47
CA ASN B 413 35.66 11.73 -48.71
C ASN B 413 36.17 12.44 -47.46
N ILE B 414 37.11 11.82 -46.75
CA ILE B 414 37.68 12.40 -45.52
C ILE B 414 38.49 13.66 -45.83
N ARG B 415 39.14 13.69 -46.99
CA ARG B 415 39.85 14.87 -47.54
C ARG B 415 38.87 16.04 -47.68
N GLN B 416 37.66 15.79 -48.19
CA GLN B 416 36.64 16.83 -48.34
C GLN B 416 36.13 17.36 -47.00
N VAL B 417 36.03 16.47 -46.00
CA VAL B 417 35.56 16.83 -44.66
C VAL B 417 36.46 17.88 -44.01
N ILE B 418 37.76 17.59 -43.94
CA ILE B 418 38.72 18.46 -43.24
C ILE B 418 38.94 19.81 -43.95
N SER B 419 38.87 19.79 -45.29
CA SER B 419 38.93 21.00 -46.11
C SER B 419 37.74 21.94 -45.88
N ASN B 420 36.60 21.39 -45.48
CA ASN B 420 35.40 22.15 -45.17
C ASN B 420 35.39 22.58 -43.70
N LYS B 421 35.68 23.87 -43.47
CA LYS B 421 35.92 24.42 -42.15
C LYS B 421 34.63 24.57 -41.33
N GLU B 422 33.56 25.05 -41.98
CA GLU B 422 32.23 25.19 -41.37
C GLU B 422 31.65 23.83 -40.95
N MET B 423 31.82 22.82 -41.81
CA MET B 423 31.37 21.45 -41.54
C MET B 423 31.96 20.94 -40.23
N VAL B 424 33.29 21.03 -40.11
CA VAL B 424 34.02 20.62 -38.93
C VAL B 424 33.53 21.36 -37.68
N ALA B 425 33.42 22.69 -37.79
CA ALA B 425 32.98 23.54 -36.69
C ALA B 425 31.56 23.19 -36.24
N GLU B 426 30.66 22.99 -37.21
CA GLU B 426 29.27 22.62 -36.94
C GLU B 426 29.17 21.24 -36.26
N ALA B 427 30.06 20.33 -36.66
CA ALA B 427 30.18 19.01 -36.06
C ALA B 427 30.58 19.10 -34.59
N MET B 428 31.62 19.91 -34.33
CA MET B 428 32.10 20.11 -32.97
C MET B 428 31.03 20.73 -32.07
N ALA B 429 30.19 21.59 -32.65
CA ALA B 429 29.08 22.22 -31.92
C ALA B 429 27.91 21.27 -31.62
N ARG B 430 27.75 20.22 -32.44
CA ARG B 430 26.66 19.20 -32.34
C ARG B 430 27.10 18.02 -31.46
N ARG B 431 28.39 17.92 -31.13
CA ARG B 431 29.05 16.69 -30.60
C ARG B 431 28.38 16.19 -29.31
N GLY B 432 27.74 17.09 -28.55
CA GLY B 432 27.11 16.77 -27.28
C GLY B 432 26.11 15.62 -27.30
N ILE B 433 25.45 15.43 -28.44
CA ILE B 433 24.47 14.38 -28.60
C ILE B 433 25.12 12.99 -28.48
N TYR B 434 26.39 12.87 -28.87
CA TYR B 434 27.18 11.61 -28.86
C TYR B 434 28.05 11.53 -27.60
N PHE B 435 28.75 12.61 -27.25
CA PHE B 435 29.71 12.58 -26.15
C PHE B 435 29.14 12.99 -24.80
N GLY B 436 28.06 13.79 -24.82
CA GLY B 436 27.60 14.48 -23.63
C GLY B 436 28.44 15.74 -23.46
N GLU B 437 28.33 16.38 -22.28
CA GLU B 437 29.11 17.57 -21.97
C GLU B 437 30.58 17.17 -21.92
N THR B 438 31.40 17.81 -22.78
CA THR B 438 32.82 17.53 -22.89
C THR B 438 33.66 18.80 -22.84
N PRO B 439 33.89 19.37 -21.64
CA PRO B 439 34.80 20.50 -21.48
C PRO B 439 36.21 20.19 -22.03
N GLU B 440 36.59 18.91 -22.02
CA GLU B 440 37.89 18.46 -22.51
C GLU B 440 38.16 18.85 -23.97
N LEU B 441 37.10 18.94 -24.78
CA LEU B 441 37.20 19.22 -26.22
C LEU B 441 36.85 20.66 -26.62
N ASP B 442 36.68 21.55 -25.63
CA ASP B 442 36.19 22.91 -25.86
C ASP B 442 37.16 23.89 -26.56
N ARG B 443 38.47 23.75 -26.31
CA ARG B 443 39.47 24.79 -26.66
C ARG B 443 40.60 24.18 -27.50
N LEU B 444 40.26 23.37 -28.49
CA LEU B 444 41.26 22.76 -29.36
C LEU B 444 41.72 23.73 -30.44
N GLY B 445 40.84 24.67 -30.80
CA GLY B 445 41.04 25.57 -31.94
C GLY B 445 40.54 24.89 -33.21
N ALA B 446 40.33 25.69 -34.26
CA ALA B 446 39.81 25.19 -35.54
C ALA B 446 40.68 24.10 -36.17
N GLU B 447 42.01 24.28 -36.11
CA GLU B 447 42.95 23.27 -36.62
C GLU B 447 42.91 22.02 -35.75
N GLY B 448 42.86 22.20 -34.43
CA GLY B 448 42.71 21.13 -33.47
C GLY B 448 41.43 20.31 -33.68
N ASN B 449 40.32 21.02 -33.94
CA ASN B 449 39.02 20.42 -34.24
C ASN B 449 39.06 19.56 -35.48
N GLU B 450 39.78 20.04 -36.51
CA GLU B 450 39.91 19.33 -37.77
C GLU B 450 40.66 18.01 -37.56
N GLY B 451 41.76 18.08 -36.82
CA GLY B 451 42.49 16.91 -36.37
C GLY B 451 41.61 15.90 -35.64
N PHE B 452 40.75 16.40 -34.75
CA PHE B 452 39.89 15.57 -33.92
C PHE B 452 38.82 14.81 -34.72
N VAL B 453 38.16 15.53 -35.65
CA VAL B 453 37.17 14.93 -36.54
C VAL B 453 37.83 13.93 -37.48
N PHE B 454 39.04 14.29 -37.96
CA PHE B 454 39.83 13.40 -38.81
C PHE B 454 40.15 12.10 -38.08
N ALA B 455 40.70 12.22 -36.86
CA ALA B 455 41.09 11.08 -36.03
C ALA B 455 39.97 10.08 -35.77
N LEU B 456 38.78 10.58 -35.46
CA LEU B 456 37.64 9.73 -35.15
C LEU B 456 37.15 8.96 -36.38
N LEU B 457 37.22 9.59 -37.56
CA LEU B 457 36.93 8.92 -38.82
C LEU B 457 37.95 7.83 -39.09
N ARG B 458 39.23 8.10 -38.79
CA ARG B 458 40.33 7.12 -38.98
C ARG B 458 40.23 6.00 -37.93
N TYR B 459 39.84 6.33 -36.70
CA TYR B 459 39.61 5.35 -35.60
C TYR B 459 38.42 4.45 -35.97
N LEU B 460 37.35 5.02 -36.54
CA LEU B 460 36.23 4.24 -37.06
C LEU B 460 36.71 3.26 -38.12
N ARG B 461 37.43 3.77 -39.11
CA ARG B 461 37.99 2.98 -40.24
C ARG B 461 38.89 1.87 -39.69
N GLY B 462 39.70 2.18 -38.68
CA GLY B 462 40.57 1.22 -38.03
C GLY B 462 39.83 0.10 -37.31
N CYS B 463 38.61 0.36 -36.86
CA CYS B 463 37.74 -0.67 -36.28
C CYS B 463 36.98 -1.44 -37.36
N ARG B 464 36.53 -0.73 -38.40
CA ARG B 464 35.53 -1.19 -39.39
C ARG B 464 36.21 -2.00 -40.51
N ASN B 465 37.35 -1.52 -41.02
CA ASN B 465 38.07 -2.17 -42.12
C ASN B 465 39.06 -3.24 -41.67
N GLN B 466 38.58 -4.15 -40.82
CA GLN B 466 39.33 -5.31 -40.37
C GLN B 466 38.63 -6.57 -40.87
N THR B 467 39.38 -7.43 -41.56
CA THR B 467 38.99 -8.83 -41.73
C THR B 467 39.79 -9.57 -40.68
N PHE B 468 39.12 -10.07 -39.65
CA PHE B 468 39.77 -10.65 -38.51
C PHE B 468 38.94 -11.77 -37.92
N HIS B 469 39.55 -12.49 -36.97
CA HIS B 469 38.88 -13.47 -36.16
C HIS B 469 39.51 -13.41 -34.77
N LEU B 470 38.82 -13.99 -33.78
CA LEU B 470 39.37 -14.17 -32.45
C LEU B 470 40.32 -15.36 -32.45
N GLY B 471 41.33 -15.31 -31.58
CA GLY B 471 42.32 -16.34 -31.43
C GLY B 471 43.20 -16.07 -30.20
N ALA B 472 43.90 -17.11 -29.72
CA ALA B 472 44.77 -17.01 -28.54
C ALA B 472 45.90 -15.97 -28.69
N ARG B 473 46.25 -15.68 -29.94
CA ARG B 473 47.20 -14.62 -30.39
C ARG B 473 46.69 -13.22 -30.03
N ALA B 474 45.37 -13.03 -30.02
CA ALA B 474 44.72 -11.74 -29.88
C ALA B 474 45.18 -10.77 -30.98
N GLY B 475 45.34 -11.29 -32.20
CA GLY B 475 45.82 -10.53 -33.34
C GLY B 475 44.84 -9.44 -33.73
N PHE B 476 43.54 -9.71 -33.52
CA PHE B 476 42.47 -8.75 -33.71
C PHE B 476 42.70 -7.46 -32.89
N LEU B 477 42.92 -7.61 -31.59
CA LEU B 477 43.16 -6.46 -30.72
C LEU B 477 44.47 -5.73 -31.08
N LYS B 478 45.45 -6.48 -31.59
CA LYS B 478 46.71 -5.92 -32.08
C LYS B 478 46.49 -5.01 -33.29
N GLU B 479 45.62 -5.44 -34.21
CA GLU B 479 45.24 -4.63 -35.36
C GLU B 479 44.47 -3.39 -34.95
N ILE B 480 43.57 -3.53 -33.96
CA ILE B 480 42.82 -2.41 -33.40
C ILE B 480 43.79 -1.39 -32.79
N ARG B 481 44.74 -1.88 -32.00
CA ARG B 481 45.76 -1.05 -31.29
C ARG B 481 46.64 -0.32 -32.33
N LYS B 482 47.04 -1.00 -33.39
CA LYS B 482 47.88 -0.44 -34.44
C LYS B 482 47.29 0.81 -35.05
N GLU B 483 45.97 0.80 -35.28
CA GLU B 483 45.25 1.93 -35.85
C GLU B 483 44.90 2.98 -34.81
N LEU B 484 44.49 2.53 -33.62
CA LEU B 484 43.90 3.43 -32.63
C LEU B 484 44.92 4.10 -31.69
N GLU B 485 46.18 3.64 -31.70
CA GLU B 485 47.27 4.27 -30.95
C GLU B 485 47.85 5.46 -31.71
N LYS B 486 47.48 5.59 -32.99
CA LYS B 486 47.96 6.66 -33.85
C LYS B 486 47.43 8.05 -33.46
N THR B 487 48.34 9.02 -33.44
CA THR B 487 48.03 10.44 -33.24
C THR B 487 48.55 11.28 -34.41
N ARG B 488 48.99 10.61 -35.48
CA ARG B 488 49.45 11.22 -36.75
C ARG B 488 49.20 10.23 -37.91
N TRP B 489 48.86 10.75 -39.09
CA TRP B 489 48.60 9.94 -40.28
C TRP B 489 49.24 10.54 -41.51
N GLY B 490 49.75 9.65 -42.38
CA GLY B 490 50.29 10.04 -43.67
C GLY B 490 51.69 10.60 -43.59
N LYS B 491 52.05 11.38 -44.62
CA LYS B 491 53.38 11.97 -44.78
C LYS B 491 53.26 13.41 -45.27
N ALA B 492 54.28 14.22 -44.97
CA ALA B 492 54.32 15.62 -45.36
C ALA B 492 54.46 15.81 -46.87
N LYS B 493 55.16 14.86 -47.53
CA LYS B 493 55.51 14.98 -48.95
C LYS B 493 54.33 14.92 -49.92
N GLU B 494 53.23 14.28 -49.50
CA GLU B 494 52.03 14.15 -50.33
C GLU B 494 50.75 14.27 -49.48
N ALA B 495 49.64 13.72 -49.99
CA ALA B 495 48.30 14.00 -49.50
C ALA B 495 48.05 13.54 -48.06
N GLU B 496 47.08 14.19 -47.41
CA GLU B 496 46.55 13.78 -46.12
C GLU B 496 47.64 13.58 -45.05
N HIS B 497 48.38 14.64 -44.76
CA HIS B 497 49.25 14.67 -43.60
C HIS B 497 48.47 15.33 -42.48
N VAL B 498 48.16 14.54 -41.45
CA VAL B 498 47.49 15.05 -40.26
C VAL B 498 48.29 14.66 -39.01
N VAL B 499 48.62 15.67 -38.19
CA VAL B 499 49.26 15.50 -36.89
C VAL B 499 48.31 16.09 -35.86
N LEU B 500 47.91 15.28 -34.88
CA LEU B 500 47.10 15.76 -33.77
C LEU B 500 47.96 16.69 -32.89
N THR B 501 47.39 17.84 -32.53
CA THR B 501 48.01 18.79 -31.61
C THR B 501 48.04 18.17 -30.22
N ASP B 502 49.02 18.59 -29.42
CA ASP B 502 49.20 18.07 -28.06
C ASP B 502 47.92 18.18 -27.24
N LYS B 503 47.20 19.31 -27.41
CA LYS B 503 45.93 19.55 -26.73
C LYS B 503 44.85 18.54 -27.16
N THR B 504 44.75 18.31 -28.48
CA THR B 504 43.78 17.35 -29.01
C THR B 504 44.04 15.96 -28.42
N VAL B 505 45.31 15.57 -28.37
CA VAL B 505 45.72 14.30 -27.79
C VAL B 505 45.35 14.22 -26.32
N ALA B 506 45.67 15.28 -25.56
CA ALA B 506 45.37 15.34 -24.13
C ALA B 506 43.86 15.27 -23.89
N ALA B 507 43.09 15.89 -24.79
CA ALA B 507 41.63 15.89 -24.70
C ALA B 507 41.04 14.49 -24.89
N ILE B 508 41.59 13.76 -25.86
CA ILE B 508 41.19 12.37 -26.12
C ILE B 508 41.50 11.51 -24.90
N ARG B 509 42.74 11.59 -24.40
CA ARG B 509 43.22 10.80 -23.23
C ARG B 509 42.46 11.21 -21.97
N ALA B 510 42.07 12.49 -21.85
CA ALA B 510 41.37 13.01 -20.66
C ALA B 510 39.95 12.47 -20.46
N ILE B 511 39.20 12.27 -21.56
CA ILE B 511 37.80 11.83 -21.48
C ILE B 511 37.67 10.49 -20.75
N ILE B 512 38.40 9.46 -21.19
CA ILE B 512 38.36 8.16 -20.54
C ILE B 512 38.94 8.23 -19.11
N ASP B 513 40.00 9.03 -18.95
CA ASP B 513 40.63 9.29 -17.65
C ASP B 513 39.66 9.86 -16.63
N ASN B 514 38.92 10.91 -17.04
CA ASN B 514 37.95 11.60 -16.18
C ASN B 514 36.72 10.74 -15.85
N ASP B 515 36.25 9.99 -16.85
CA ASP B 515 35.15 9.03 -16.65
C ASP B 515 35.55 7.97 -15.63
N ALA B 516 36.79 7.48 -15.72
CA ALA B 516 37.35 6.54 -14.75
C ALA B 516 37.47 7.16 -13.36
N LYS B 517 38.08 8.34 -13.30
CA LYS B 517 38.22 9.09 -12.04
C LYS B 517 36.85 9.26 -11.37
N ALA B 518 35.83 9.57 -12.17
CA ALA B 518 34.49 9.85 -11.66
C ALA B 518 33.67 8.61 -11.23
N LEU B 519 34.16 7.41 -11.59
CA LEU B 519 33.39 6.17 -11.45
C LEU B 519 33.02 5.86 -9.99
N GLY B 520 33.99 6.01 -9.10
CA GLY B 520 33.83 5.71 -7.68
C GLY B 520 32.63 6.38 -7.06
N ALA B 521 32.51 7.69 -7.31
CA ALA B 521 31.43 8.51 -6.77
C ALA B 521 30.09 8.23 -7.47
N ARG B 522 30.14 7.89 -8.76
CA ARG B 522 28.92 7.52 -9.53
C ARG B 522 28.32 6.23 -8.93
N LEU B 523 29.17 5.24 -8.65
CA LEU B 523 28.74 3.98 -8.06
C LEU B 523 28.16 4.14 -6.66
N LEU B 524 28.72 5.10 -5.90
CA LEU B 524 28.22 5.45 -4.58
C LEU B 524 26.86 6.11 -4.71
N ALA B 525 26.76 7.08 -5.63
CA ALA B 525 25.54 7.87 -5.86
C ALA B 525 24.41 6.96 -6.35
N ASP B 526 24.74 5.99 -7.20
CA ASP B 526 23.81 4.98 -7.70
C ASP B 526 23.09 4.28 -6.53
N LEU B 527 23.89 3.73 -5.61
CA LEU B 527 23.38 3.08 -4.40
C LEU B 527 22.61 4.04 -3.50
N SER B 528 23.20 5.22 -3.28
CA SER B 528 22.61 6.27 -2.43
C SER B 528 21.24 6.70 -2.95
N GLY B 529 21.16 6.99 -4.26
CA GLY B 529 19.94 7.41 -4.93
C GLY B 529 18.84 6.36 -4.97
N ALA B 530 19.22 5.08 -4.82
CA ALA B 530 18.26 3.97 -4.72
C ALA B 530 17.89 3.64 -3.27
N PHE B 531 18.26 4.54 -2.34
CA PHE B 531 17.93 4.46 -0.91
C PHE B 531 18.65 3.34 -0.14
N VAL B 532 19.72 2.79 -0.74
CA VAL B 532 20.35 1.59 -0.18
C VAL B 532 20.95 1.88 1.20
N ALA B 533 21.55 3.06 1.35
CA ALA B 533 22.17 3.48 2.61
C ALA B 533 21.15 3.76 3.72
N HIS B 534 19.89 3.97 3.33
CA HIS B 534 18.77 4.13 4.27
C HIS B 534 18.27 2.82 4.89
N TYR B 535 18.59 1.67 4.28
CA TYR B 535 18.07 0.35 4.68
C TYR B 535 19.20 -0.62 5.04
N ALA B 536 20.38 -0.08 5.36
CA ALA B 536 21.54 -0.88 5.75
C ALA B 536 22.37 -0.16 6.81
N SER B 537 22.91 -0.93 7.76
CA SER B 537 23.85 -0.42 8.74
C SER B 537 25.03 0.16 7.99
N LYS B 538 25.74 1.08 8.63
CA LYS B 538 26.87 1.76 8.02
C LYS B 538 27.97 0.78 7.65
N GLU B 539 28.15 -0.24 8.47
CA GLU B 539 29.14 -1.29 8.24
C GLU B 539 28.74 -2.13 7.04
N HIS B 540 27.47 -2.53 6.99
CA HIS B 540 26.95 -3.33 5.87
C HIS B 540 27.03 -2.57 4.55
N PHE B 541 26.58 -1.30 4.54
CA PHE B 541 26.60 -0.48 3.34
C PHE B 541 28.02 -0.28 2.82
N SER B 542 28.94 -0.01 3.76
CA SER B 542 30.36 0.20 3.46
C SER B 542 30.95 -1.02 2.76
N THR B 543 30.71 -2.22 3.34
CA THR B 543 31.18 -3.48 2.78
C THR B 543 30.61 -3.73 1.38
N LEU B 544 29.32 -3.45 1.18
CA LEU B 544 28.67 -3.60 -0.13
C LEU B 544 29.33 -2.70 -1.16
N TYR B 545 29.45 -1.41 -0.83
CA TYR B 545 30.03 -0.39 -1.73
C TYR B 545 31.48 -0.77 -2.09
N SER B 546 32.28 -1.12 -1.10
CA SER B 546 33.67 -1.51 -1.31
C SER B 546 33.80 -2.68 -2.30
N GLU B 547 33.00 -3.72 -2.09
CA GLU B 547 33.01 -4.90 -2.98
C GLU B 547 32.63 -4.53 -4.41
N ILE B 548 31.59 -3.71 -4.56
CA ILE B 548 31.13 -3.26 -5.87
C ILE B 548 32.26 -2.58 -6.65
N VAL B 549 32.93 -1.60 -6.02
CA VAL B 549 34.05 -0.86 -6.70
C VAL B 549 35.19 -1.85 -6.97
N LYS B 550 35.46 -2.74 -6.02
CA LYS B 550 36.57 -3.71 -6.17
C LYS B 550 36.28 -4.62 -7.38
N ALA B 551 35.02 -4.97 -7.60
CA ALA B 551 34.66 -5.82 -8.77
C ALA B 551 34.95 -5.09 -10.09
N VAL B 552 34.61 -3.80 -10.17
CA VAL B 552 34.81 -3.04 -11.44
C VAL B 552 36.30 -2.92 -11.76
N LYS B 553 37.14 -2.68 -10.75
CA LYS B 553 38.60 -2.49 -10.97
C LYS B 553 39.32 -3.82 -10.79
N ASP B 554 40.47 -4.01 -11.44
CA ASP B 554 41.28 -5.24 -11.21
C ASP B 554 40.42 -6.50 -11.31
N ALA B 555 39.66 -6.67 -12.40
CA ALA B 555 38.75 -7.82 -12.53
C ALA B 555 39.27 -8.80 -13.58
N PRO B 556 39.10 -10.13 -13.40
CA PRO B 556 39.47 -11.09 -14.45
C PRO B 556 38.27 -11.25 -15.40
N GLU B 557 38.44 -11.98 -16.51
CA GLU B 557 37.28 -12.20 -17.38
C GLU B 557 36.26 -13.11 -16.70
N VAL B 558 35.05 -12.58 -16.52
CA VAL B 558 34.01 -13.32 -15.75
C VAL B 558 32.98 -13.95 -16.69
N SER B 559 32.14 -14.83 -16.16
CA SER B 559 31.13 -15.53 -16.99
C SER B 559 29.99 -14.60 -17.37
N SER B 560 29.60 -14.60 -18.66
CA SER B 560 28.41 -13.85 -19.08
C SER B 560 27.26 -14.85 -19.05
N GLY B 561 27.56 -16.11 -18.71
CA GLY B 561 26.55 -17.17 -18.72
C GLY B 561 25.53 -16.97 -17.62
N LEU B 562 25.83 -16.06 -16.70
CA LEU B 562 24.85 -15.75 -15.63
C LEU B 562 23.56 -15.26 -16.28
N PRO B 563 22.38 -15.73 -15.82
CA PRO B 563 21.10 -15.25 -16.34
C PRO B 563 20.80 -13.82 -15.83
N ARG B 564 19.73 -13.22 -16.34
CA ARG B 564 19.36 -11.85 -15.92
C ARG B 564 18.71 -11.98 -14.55
N LEU B 565 19.05 -11.11 -13.61
CA LEU B 565 18.59 -11.28 -12.24
C LEU B 565 17.07 -11.43 -12.17
N LYS B 566 16.35 -10.57 -12.89
CA LYS B 566 14.88 -10.61 -12.98
C LYS B 566 14.34 -12.01 -13.31
N LEU B 567 14.92 -12.63 -14.33
CA LEU B 567 14.52 -13.96 -14.77
C LEU B 567 14.91 -15.03 -13.75
N LEU B 568 16.11 -14.91 -13.18
CA LEU B 568 16.53 -15.78 -12.09
C LEU B 568 15.52 -15.70 -10.94
N LEU B 569 15.14 -14.47 -10.57
CA LEU B 569 14.22 -14.21 -9.48
C LEU B 569 12.80 -14.70 -9.81
N LYS B 570 12.38 -14.52 -11.06
CA LYS B 570 11.10 -15.02 -11.55
C LYS B 570 11.00 -16.53 -11.35
N ARG B 571 12.01 -17.26 -11.82
CA ARG B 571 12.10 -18.75 -11.73
C ARG B 571 12.04 -19.18 -10.27
N ALA B 572 12.87 -18.58 -9.42
CA ALA B 572 12.90 -18.84 -7.99
C ALA B 572 11.53 -18.59 -7.36
N ASP B 573 10.86 -17.52 -7.79
CA ASP B 573 9.51 -17.18 -7.31
C ASP B 573 8.49 -18.24 -7.72
N GLY B 574 8.61 -18.73 -8.96
CA GLY B 574 7.68 -19.71 -9.51
C GLY B 574 7.81 -21.08 -8.85
N VAL B 575 9.04 -21.47 -8.53
CA VAL B 575 9.34 -22.73 -7.88
C VAL B 575 8.92 -22.66 -6.42
N ARG B 576 9.28 -21.56 -5.74
CA ARG B 576 8.88 -21.29 -4.33
C ARG B 576 7.35 -21.40 -4.23
N GLY B 577 6.63 -20.70 -5.11
CA GLY B 577 5.18 -20.65 -5.10
C GLY B 577 4.53 -22.02 -5.19
N TYR B 578 5.08 -22.88 -6.06
CA TYR B 578 4.56 -24.26 -6.28
C TYR B 578 4.82 -25.12 -5.03
N VAL B 579 6.08 -25.23 -4.59
CA VAL B 579 6.43 -26.12 -3.48
C VAL B 579 5.74 -25.72 -2.17
N HIS B 580 5.58 -24.42 -1.94
CA HIS B 580 4.89 -23.89 -0.75
C HIS B 580 3.39 -24.18 -0.76
N GLY B 581 2.84 -24.55 -1.92
CA GLY B 581 1.47 -25.00 -2.06
C GLY B 581 1.26 -26.49 -1.83
N LEU B 582 2.36 -27.23 -1.62
CA LEU B 582 2.32 -28.68 -1.41
C LEU B 582 2.34 -29.04 0.07
N ARG B 583 1.68 -30.16 0.38
CA ARG B 583 1.64 -30.78 1.74
C ARG B 583 3.01 -31.39 2.04
N ASP B 584 3.63 -32.02 1.05
CA ASP B 584 4.95 -32.64 1.19
C ASP B 584 6.00 -31.57 1.47
N THR B 585 6.46 -31.53 2.73
CA THR B 585 7.39 -30.50 3.21
C THR B 585 8.82 -30.68 2.70
N ARG B 586 9.18 -31.92 2.32
CA ARG B 586 10.51 -32.25 1.73
C ARG B 586 10.81 -31.28 0.58
N LYS B 587 9.78 -31.00 -0.24
CA LYS B 587 9.91 -30.17 -1.43
C LYS B 587 10.09 -28.68 -1.13
N HIS B 588 9.73 -28.25 0.09
CA HIS B 588 9.91 -26.86 0.51
C HIS B 588 11.39 -26.47 0.53
N ALA B 589 12.26 -27.48 0.72
CA ALA B 589 13.72 -27.28 0.79
C ALA B 589 14.29 -26.59 -0.46
N PHE B 590 13.61 -26.74 -1.60
CA PHE B 590 14.05 -26.19 -2.87
C PHE B 590 13.63 -24.73 -3.10
N ALA B 591 12.86 -24.17 -2.17
CA ALA B 591 12.53 -22.74 -2.16
C ALA B 591 13.70 -21.93 -1.58
N THR B 592 13.96 -20.76 -2.18
CA THR B 592 14.93 -19.80 -1.65
C THR B 592 14.16 -18.70 -0.95
N LYS B 593 14.89 -17.85 -0.22
CA LYS B 593 14.36 -16.61 0.36
C LYS B 593 14.75 -15.39 -0.49
N LEU B 594 15.17 -15.64 -1.74
CA LEU B 594 15.42 -14.58 -2.70
C LEU B 594 14.09 -13.87 -2.95
N PRO B 595 14.08 -12.52 -3.14
CA PRO B 595 12.84 -11.78 -3.31
C PRO B 595 12.26 -12.00 -4.70
N PRO B 596 10.94 -11.79 -4.91
CA PRO B 596 10.36 -11.87 -6.24
C PRO B 596 10.90 -10.74 -7.12
N PRO B 597 10.78 -10.83 -8.46
CA PRO B 597 11.18 -9.73 -9.32
C PRO B 597 10.22 -8.56 -9.11
N PRO B 598 10.72 -7.31 -8.96
CA PRO B 598 9.84 -6.15 -8.79
C PRO B 598 9.14 -5.78 -10.11
N ALA B 599 7.84 -5.48 -10.04
CA ALA B 599 7.13 -4.84 -11.14
C ALA B 599 7.48 -3.36 -11.08
N PRO B 600 7.51 -2.65 -12.24
CA PRO B 600 8.00 -1.27 -12.28
C PRO B 600 7.40 -0.36 -11.20
N ARG B 601 6.08 -0.44 -10.98
CA ARG B 601 5.32 0.37 -9.99
C ARG B 601 5.85 0.10 -8.58
N GLU B 602 6.30 -1.13 -8.30
CA GLU B 602 6.79 -1.51 -6.98
C GLU B 602 8.12 -0.85 -6.60
N LEU B 603 8.87 -0.38 -7.60
CA LEU B 603 10.13 0.34 -7.38
C LEU B 603 9.92 1.75 -6.81
N ASP B 604 8.67 2.22 -6.83
CA ASP B 604 8.35 3.53 -6.20
C ASP B 604 8.57 3.38 -4.69
N ASP B 605 8.32 2.17 -4.16
CA ASP B 605 8.56 1.93 -2.72
C ASP B 605 10.07 1.98 -2.48
N PRO B 606 10.56 2.77 -1.49
CA PRO B 606 12.00 2.91 -1.26
C PRO B 606 12.64 1.58 -0.86
N ALA B 607 11.98 0.82 0.00
CA ALA B 607 12.55 -0.46 0.49
C ALA B 607 12.71 -1.44 -0.68
N THR B 608 11.71 -1.51 -1.55
CA THR B 608 11.77 -2.45 -2.70
C THR B 608 12.94 -2.06 -3.62
N LYS B 609 13.08 -0.76 -3.90
CA LYS B 609 14.16 -0.28 -4.78
C LYS B 609 15.51 -0.59 -4.13
N ALA B 610 15.63 -0.32 -2.82
CA ALA B 610 16.92 -0.54 -2.12
C ALA B 610 17.29 -2.01 -2.16
N ARG B 611 16.31 -2.89 -1.90
CA ARG B 611 16.58 -4.36 -1.91
C ARG B 611 16.97 -4.83 -3.30
N TYR B 612 16.32 -4.32 -4.35
CA TYR B 612 16.59 -4.86 -5.70
C TYR B 612 17.90 -4.30 -6.25
N ILE B 613 18.12 -2.99 -6.11
CA ILE B 613 19.36 -2.38 -6.59
C ILE B 613 20.57 -2.99 -5.89
N ALA B 614 20.53 -3.07 -4.56
CA ALA B 614 21.58 -3.73 -3.81
C ALA B 614 21.85 -5.12 -4.38
N LEU B 615 20.78 -5.90 -4.56
CA LEU B 615 20.86 -7.26 -5.09
C LEU B 615 21.42 -7.27 -6.52
N LEU B 616 20.93 -6.36 -7.36
CA LEU B 616 21.32 -6.26 -8.76
C LEU B 616 22.82 -5.95 -8.92
N ARG B 617 23.31 -4.95 -8.19
CA ARG B 617 24.74 -4.53 -8.24
C ARG B 617 25.61 -5.64 -7.67
N LEU B 618 25.18 -6.26 -6.57
CA LEU B 618 25.89 -7.39 -5.98
C LEU B 618 26.04 -8.53 -6.99
N TYR B 619 24.94 -8.89 -7.64
CA TYR B 619 24.83 -10.01 -8.61
C TYR B 619 25.76 -9.78 -9.81
N ASP B 620 25.64 -8.61 -10.45
CA ASP B 620 26.38 -8.27 -11.66
C ASP B 620 27.89 -8.12 -11.48
N GLY B 621 28.30 -7.64 -10.30
CA GLY B 621 29.70 -7.33 -10.01
C GLY B 621 30.35 -8.36 -9.10
N PRO B 622 30.32 -8.19 -7.76
CA PRO B 622 31.00 -9.09 -6.83
C PRO B 622 30.60 -10.57 -6.94
N PHE B 623 29.31 -10.87 -7.04
CA PHE B 623 28.87 -12.27 -7.18
C PHE B 623 29.41 -12.86 -8.48
N ARG B 624 29.23 -12.16 -9.60
CA ARG B 624 29.69 -12.59 -10.96
C ARG B 624 31.18 -12.90 -10.92
N ALA B 625 31.98 -11.99 -10.35
CA ALA B 625 33.43 -12.20 -10.23
C ALA B 625 33.74 -13.46 -9.43
N TYR B 626 33.09 -13.63 -8.29
CA TYR B 626 33.29 -14.76 -7.36
C TYR B 626 32.83 -16.07 -8.01
N ALA B 627 31.58 -16.11 -8.46
CA ALA B 627 30.93 -17.33 -8.97
C ALA B 627 31.63 -17.93 -10.17
N SER B 628 32.15 -17.07 -11.05
CA SER B 628 32.72 -17.47 -12.34
C SER B 628 33.86 -18.47 -12.22
N GLY B 629 34.78 -18.24 -11.27
CA GLY B 629 35.91 -19.11 -11.02
C GLY B 629 35.70 -20.21 -9.99
N ILE B 630 34.51 -20.27 -9.38
CA ILE B 630 34.17 -21.28 -8.37
C ILE B 630 34.22 -22.71 -8.93
N THR B 631 34.73 -23.63 -8.09
CA THR B 631 34.82 -25.06 -8.40
C THR B 631 34.37 -25.88 -7.20
N GLY B 632 34.29 -27.21 -7.39
CA GLY B 632 34.09 -28.15 -6.32
C GLY B 632 32.68 -28.14 -5.74
N THR B 633 32.59 -28.29 -4.42
CA THR B 633 31.33 -28.44 -3.71
C THR B 633 30.41 -27.21 -3.85
N ALA B 634 31.03 -26.02 -3.97
CA ALA B 634 30.28 -24.77 -4.15
C ALA B 634 29.56 -24.72 -5.50
N LEU B 635 30.07 -25.44 -6.50
CA LEU B 635 29.43 -25.59 -7.81
C LEU B 635 28.54 -26.82 -7.86
N ALA B 636 29.11 -27.97 -7.50
CA ALA B 636 28.44 -29.28 -7.54
C ALA B 636 27.20 -29.36 -6.65
N GLY B 637 27.26 -28.71 -5.48
CA GLY B 637 26.15 -28.69 -4.55
C GLY B 637 24.90 -28.08 -5.17
N PRO B 638 24.95 -26.79 -5.59
CA PRO B 638 23.84 -26.17 -6.31
C PRO B 638 23.39 -26.89 -7.60
N ALA B 639 24.32 -27.45 -8.36
CA ALA B 639 23.99 -28.19 -9.59
C ALA B 639 23.11 -29.40 -9.26
N ALA B 640 23.56 -30.22 -8.31
CA ALA B 640 22.82 -31.39 -7.85
C ALA B 640 21.45 -31.02 -7.31
N ARG B 641 21.40 -29.97 -6.47
CA ARG B 641 20.17 -29.46 -5.84
C ARG B 641 19.17 -29.02 -6.91
N ALA B 642 19.66 -28.35 -7.95
CA ALA B 642 18.84 -27.94 -9.10
C ALA B 642 18.22 -29.15 -9.81
N LYS B 643 18.99 -30.24 -9.93
CA LYS B 643 18.50 -31.50 -10.52
C LYS B 643 17.46 -32.16 -9.62
N GLU B 644 17.76 -32.23 -8.31
CA GLU B 644 16.83 -32.77 -7.32
C GLU B 644 15.50 -32.00 -7.33
N ALA B 645 15.58 -30.68 -7.45
CA ALA B 645 14.42 -29.80 -7.53
C ALA B 645 13.52 -30.12 -8.73
N ALA B 646 14.14 -30.19 -9.92
CA ALA B 646 13.44 -30.55 -11.15
C ALA B 646 12.77 -31.92 -11.07
N THR B 647 13.48 -32.89 -10.47
CA THR B 647 12.94 -34.23 -10.23
C THR B 647 11.73 -34.18 -9.27
N ALA B 648 11.88 -33.42 -8.19
CA ALA B 648 10.82 -33.24 -7.20
C ALA B 648 9.58 -32.57 -7.81
N LEU B 649 9.82 -31.57 -8.67
CA LEU B 649 8.75 -30.86 -9.35
C LEU B 649 8.01 -31.77 -10.32
N ALA B 650 8.77 -32.53 -11.13
CA ALA B 650 8.19 -33.44 -12.10
C ALA B 650 7.29 -34.50 -11.44
N GLN B 651 7.79 -35.12 -10.36
CA GLN B 651 7.06 -36.16 -9.61
C GLN B 651 5.77 -35.65 -8.96
N SER B 652 5.79 -34.39 -8.51
CA SER B 652 4.65 -33.74 -7.88
C SER B 652 3.55 -33.45 -8.90
N VAL B 653 3.95 -32.90 -10.06
CA VAL B 653 3.01 -32.49 -11.10
C VAL B 653 2.33 -33.69 -11.77
N ASN B 654 3.10 -34.74 -12.03
CA ASN B 654 2.66 -35.91 -12.79
C ASN B 654 2.51 -37.17 -11.91
N VAL B 655 2.21 -36.94 -10.63
CA VAL B 655 2.10 -38.01 -9.63
C VAL B 655 1.08 -39.09 -10.01
N THR B 656 0.00 -38.71 -10.68
CA THR B 656 -1.06 -39.63 -11.10
C THR B 656 -0.60 -40.53 -12.27
N LYS B 657 0.27 -39.98 -13.13
CA LYS B 657 0.77 -40.67 -14.33
C LYS B 657 1.66 -41.87 -14.00
N ALA B 658 1.90 -42.70 -15.03
CA ALA B 658 2.63 -43.97 -14.90
C ALA B 658 4.11 -43.75 -14.56
N TYR B 659 4.61 -44.57 -13.64
CA TYR B 659 6.03 -44.65 -13.23
C TYR B 659 6.48 -43.34 -12.58
N SER B 660 5.56 -42.64 -11.90
CA SER B 660 5.85 -41.33 -11.31
C SER B 660 6.93 -41.36 -10.22
N ASP B 661 7.04 -42.49 -9.51
CA ASP B 661 8.05 -42.62 -8.43
C ASP B 661 9.51 -42.75 -8.93
N VAL B 662 9.70 -42.98 -10.23
CA VAL B 662 11.03 -43.01 -10.84
C VAL B 662 11.30 -41.88 -11.85
N MET B 663 10.32 -40.99 -12.01
CA MET B 663 10.45 -39.84 -12.89
C MET B 663 11.57 -38.91 -12.42
N GLU B 664 12.35 -38.43 -13.39
CA GLU B 664 13.39 -37.44 -13.17
C GLU B 664 13.10 -36.24 -14.05
N GLY B 665 13.61 -35.06 -13.65
CA GLY B 665 13.55 -33.87 -14.46
C GLY B 665 14.42 -34.12 -15.68
N ARG B 666 14.08 -33.49 -16.81
CA ARG B 666 14.85 -33.61 -18.08
C ARG B 666 16.27 -33.08 -17.87
N THR B 667 16.45 -32.16 -16.91
CA THR B 667 17.74 -31.72 -16.41
C THR B 667 18.69 -32.87 -16.06
N SER B 668 18.14 -33.99 -15.58
CA SER B 668 18.95 -35.14 -15.15
C SER B 668 19.78 -35.80 -16.26
N ARG B 669 19.40 -35.57 -17.52
CA ARG B 669 20.18 -36.02 -18.72
C ARG B 669 21.50 -35.24 -18.82
N LEU B 670 21.52 -33.98 -18.33
CA LEU B 670 22.72 -33.15 -18.36
C LEU B 670 23.76 -33.69 -17.38
N ARG B 671 25.03 -33.65 -17.78
CA ARG B 671 26.16 -34.16 -16.97
C ARG B 671 26.42 -33.20 -15.81
N PRO B 672 26.87 -33.69 -14.63
CA PRO B 672 27.22 -32.81 -13.52
C PRO B 672 28.54 -32.10 -13.81
N PRO B 673 28.88 -31.02 -13.05
CA PRO B 673 30.17 -30.37 -13.22
C PRO B 673 31.31 -31.34 -12.88
N ASN B 674 32.40 -31.30 -13.67
CA ASN B 674 33.60 -32.06 -13.37
C ASN B 674 34.38 -31.43 -12.23
N ASP B 675 35.19 -32.23 -11.54
CA ASP B 675 36.08 -31.75 -10.49
C ASP B 675 37.17 -30.88 -11.11
N GLY B 676 37.23 -29.61 -10.68
CA GLY B 676 38.15 -28.63 -11.22
C GLY B 676 37.58 -27.76 -12.32
N GLU B 677 36.38 -28.10 -12.81
CA GLU B 677 35.66 -27.29 -13.78
C GLU B 677 35.08 -26.10 -13.05
N THR B 678 35.25 -24.91 -13.65
CA THR B 678 34.68 -23.68 -13.11
C THR B 678 33.25 -23.49 -13.61
N LEU B 679 32.47 -22.70 -12.86
CA LEU B 679 31.11 -22.35 -13.26
C LEU B 679 31.09 -21.77 -14.65
N ARG B 680 32.06 -20.89 -14.94
CA ARG B 680 32.23 -20.27 -16.27
C ARG B 680 32.32 -21.36 -17.34
N GLU B 681 33.13 -22.40 -17.08
CA GLU B 681 33.31 -23.50 -18.02
C GLU B 681 32.06 -24.37 -18.16
N TYR B 682 31.36 -24.60 -17.04
CA TYR B 682 30.15 -25.46 -17.04
C TYR B 682 28.99 -24.72 -17.71
N LEU B 683 28.90 -23.41 -17.49
CA LEU B 683 27.84 -22.58 -18.13
C LEU B 683 28.04 -22.58 -19.64
N SER B 684 29.30 -22.67 -20.09
CA SER B 684 29.58 -22.59 -21.54
C SER B 684 29.25 -23.95 -22.15
N ALA B 685 29.65 -25.03 -21.49
CA ALA B 685 29.26 -26.36 -21.97
C ALA B 685 27.74 -26.50 -22.12
N LEU B 686 26.99 -25.95 -21.16
CA LEU B 686 25.53 -25.98 -21.20
C LEU B 686 24.95 -25.33 -22.44
N THR B 687 25.62 -24.28 -22.94
CA THR B 687 25.20 -23.59 -24.16
C THR B 687 25.21 -24.53 -25.38
N GLY B 688 26.15 -25.49 -25.38
CA GLY B 688 26.22 -26.53 -26.38
C GLY B 688 24.98 -27.40 -26.35
N GLU B 689 24.53 -27.75 -25.14
CA GLU B 689 23.33 -28.56 -24.94
C GLU B 689 22.09 -27.86 -25.48
N THR B 690 22.03 -26.54 -25.30
CA THR B 690 20.92 -25.71 -25.74
C THR B 690 20.81 -25.68 -27.26
N ALA B 691 21.93 -25.41 -27.94
CA ALA B 691 22.00 -25.45 -29.39
C ALA B 691 21.42 -26.77 -29.92
N THR B 692 21.82 -27.88 -29.28
CA THR B 692 21.37 -29.23 -29.65
C THR B 692 19.87 -29.43 -29.36
N GLU B 693 19.42 -28.95 -28.21
CA GLU B 693 18.04 -29.12 -27.80
C GLU B 693 17.05 -28.34 -28.69
N PHE B 694 17.44 -27.13 -29.11
CA PHE B 694 16.60 -26.31 -29.99
C PHE B 694 16.36 -26.98 -31.33
N ARG B 695 17.42 -27.50 -31.95
CA ARG B 695 17.35 -28.29 -33.21
C ARG B 695 16.39 -29.46 -33.02
N VAL B 696 16.58 -30.23 -31.94
CA VAL B 696 15.72 -31.37 -31.65
C VAL B 696 14.26 -30.95 -31.54
N GLN B 697 13.99 -29.84 -30.83
CA GLN B 697 12.62 -29.36 -30.65
C GLN B 697 11.99 -28.84 -31.94
N ILE B 698 12.77 -28.11 -32.75
CA ILE B 698 12.35 -27.66 -34.07
C ILE B 698 11.95 -28.84 -34.94
N GLY B 699 12.65 -29.97 -34.76
CA GLY B 699 12.36 -31.21 -35.45
C GLY B 699 11.00 -31.82 -35.14
N TYR B 700 10.52 -31.67 -33.91
CA TYR B 700 9.21 -32.20 -33.43
C TYR B 700 8.09 -31.23 -33.81
N GLU B 701 8.26 -29.95 -33.46
CA GLU B 701 7.36 -28.88 -33.92
C GLU B 701 8.22 -27.73 -34.42
N SER B 702 7.85 -27.18 -35.57
CA SER B 702 8.66 -26.18 -36.27
C SER B 702 8.42 -24.74 -35.81
N ASP B 703 7.50 -24.55 -34.86
CA ASP B 703 7.20 -23.26 -34.25
C ASP B 703 8.36 -22.87 -33.31
N SER B 704 9.06 -21.78 -33.65
CA SER B 704 10.24 -21.33 -32.90
C SER B 704 9.96 -21.01 -31.42
N GLU B 705 8.76 -20.46 -31.14
CA GLU B 705 8.39 -20.09 -29.78
C GLU B 705 8.02 -21.31 -28.92
N ASN B 706 7.31 -22.28 -29.50
CA ASN B 706 7.00 -23.54 -28.83
C ASN B 706 8.23 -24.42 -28.64
N ALA B 707 9.17 -24.34 -29.60
CA ALA B 707 10.46 -25.01 -29.50
C ALA B 707 11.24 -24.48 -28.31
N ARG B 708 11.23 -23.15 -28.15
CA ARG B 708 11.90 -22.44 -27.02
C ARG B 708 11.31 -22.92 -25.69
N LYS B 709 9.98 -23.09 -25.60
CA LYS B 709 9.33 -23.55 -24.37
C LYS B 709 9.74 -24.96 -23.98
N GLN B 710 9.78 -25.86 -24.97
CA GLN B 710 10.17 -27.25 -24.73
C GLN B 710 11.66 -27.42 -24.43
N ALA B 711 12.49 -26.48 -24.93
CA ALA B 711 13.93 -26.48 -24.68
C ALA B 711 14.32 -25.69 -23.43
N GLU B 712 13.35 -24.97 -22.84
CA GLU B 712 13.62 -24.05 -21.74
C GLU B 712 14.15 -24.72 -20.47
N PHE B 713 13.91 -26.03 -20.31
CA PHE B 713 14.35 -26.77 -19.12
C PHE B 713 15.86 -26.60 -18.82
N ILE B 714 16.66 -26.44 -19.87
CA ILE B 714 18.10 -26.22 -19.71
C ILE B 714 18.34 -24.85 -19.07
N GLU B 715 17.68 -23.82 -19.59
CA GLU B 715 17.79 -22.47 -19.06
C GLU B 715 17.23 -22.39 -17.63
N ASN B 716 16.17 -23.15 -17.35
CA ASN B 716 15.61 -23.22 -16.00
C ASN B 716 16.50 -23.94 -14.99
N TYR B 717 17.26 -24.93 -15.47
CA TYR B 717 18.27 -25.63 -14.63
C TYR B 717 19.27 -24.57 -14.19
N ARG B 718 19.78 -23.82 -15.16
CA ARG B 718 20.75 -22.72 -14.85
CA ARG B 718 20.76 -22.72 -14.85
C ARG B 718 20.26 -21.61 -13.89
N ARG B 719 18.99 -21.26 -14.10
CA ARG B 719 18.40 -20.26 -13.18
C ARG B 719 18.30 -20.85 -11.78
N ASP B 720 17.89 -22.13 -11.66
CA ASP B 720 17.79 -22.79 -10.37
C ASP B 720 19.17 -22.94 -9.72
N MET B 721 20.14 -23.41 -10.51
CA MET B 721 21.50 -23.62 -10.05
C MET B 721 22.09 -22.30 -9.54
N LEU B 722 21.95 -21.25 -10.35
CA LEU B 722 22.50 -19.93 -10.02
C LEU B 722 21.74 -19.27 -8.88
N ALA B 723 20.43 -19.53 -8.77
CA ALA B 723 19.64 -19.06 -7.65
C ALA B 723 20.16 -19.60 -6.32
N PHE B 724 20.43 -20.91 -6.28
CA PHE B 724 20.98 -21.59 -5.10
C PHE B 724 22.38 -21.06 -4.78
N MET B 725 23.24 -20.93 -5.80
CA MET B 725 24.58 -20.36 -5.64
C MET B 725 24.54 -18.94 -5.10
N PHE B 726 23.65 -18.12 -5.67
CA PHE B 726 23.49 -16.72 -5.28
C PHE B 726 23.03 -16.60 -3.83
N GLU B 727 22.00 -17.38 -3.45
CA GLU B 727 21.56 -17.45 -2.05
C GLU B 727 22.71 -17.88 -1.13
N ASP B 728 23.39 -18.98 -1.49
CA ASP B 728 24.53 -19.52 -0.72
C ASP B 728 25.58 -18.44 -0.49
N TYR B 729 25.94 -17.74 -1.57
CA TYR B 729 26.95 -16.64 -1.59
C TYR B 729 26.51 -15.52 -0.65
N ILE B 730 25.24 -15.09 -0.75
CA ILE B 730 24.68 -14.03 0.09
C ILE B 730 24.85 -14.34 1.58
N ARG B 731 24.58 -15.59 1.97
CA ARG B 731 24.68 -16.10 3.36
C ARG B 731 26.17 -16.21 3.76
N ALA B 732 27.01 -16.70 2.85
CA ALA B 732 28.42 -16.94 3.14
C ALA B 732 29.24 -15.66 3.33
N LYS B 733 28.89 -14.59 2.60
CA LYS B 733 29.64 -13.32 2.59
C LYS B 733 28.98 -12.18 3.38
N GLY B 734 27.92 -12.51 4.14
CA GLY B 734 27.28 -11.57 5.04
C GLY B 734 26.41 -10.51 4.39
N PHE B 735 25.69 -10.88 3.33
CA PHE B 735 24.76 -9.98 2.65
C PHE B 735 23.29 -10.32 2.93
N ASP B 736 23.07 -11.16 3.94
CA ASP B 736 21.71 -11.59 4.29
C ASP B 736 20.77 -10.42 4.49
N TRP B 737 21.27 -9.32 5.07
CA TRP B 737 20.48 -8.12 5.33
C TRP B 737 19.66 -7.65 4.12
N ILE B 738 20.25 -7.76 2.91
CA ILE B 738 19.57 -7.38 1.68
C ILE B 738 18.24 -8.15 1.53
N LEU B 739 18.28 -9.45 1.80
CA LEU B 739 17.11 -10.33 1.70
C LEU B 739 16.04 -10.03 2.76
N LYS B 740 16.49 -9.50 3.90
CA LYS B 740 15.57 -9.25 5.04
C LYS B 740 14.89 -7.88 4.91
N ILE B 741 15.28 -7.10 3.90
CA ILE B 741 14.55 -5.81 3.68
C ILE B 741 13.12 -6.18 3.28
N GLU B 742 12.13 -5.53 3.88
CA GLU B 742 10.72 -5.88 3.60
C GLU B 742 10.07 -4.71 2.86
N PRO B 743 9.27 -4.94 1.81
CA PRO B 743 8.60 -3.85 1.11
C PRO B 743 7.67 -3.08 2.05
N GLY B 744 7.65 -1.74 1.94
CA GLY B 744 6.79 -0.90 2.79
C GLY B 744 7.44 -0.57 4.12
N ALA B 745 8.66 -1.06 4.34
CA ALA B 745 9.38 -0.76 5.60
C ALA B 745 9.84 0.70 5.61
N THR B 746 9.91 1.31 6.79
CA THR B 746 10.42 2.69 6.91
C THR B 746 11.95 2.61 6.98
N ALA B 747 12.64 3.68 6.60
CA ALA B 747 14.10 3.67 6.59
C ALA B 747 14.68 3.32 7.96
N MET B 748 15.83 2.64 7.95
CA MET B 748 16.62 2.40 9.15
C MET B 748 17.24 3.72 9.63
N THR B 749 17.83 4.47 8.69
CA THR B 749 18.31 5.84 8.93
C THR B 749 17.68 6.78 7.90
N ARG B 750 17.11 7.88 8.41
CA ARG B 750 16.36 8.90 7.61
C ARG B 750 17.33 9.71 6.76
N ALA B 751 18.51 10.05 7.31
CA ALA B 751 19.58 10.76 6.60
C ALA B 751 20.94 10.15 6.92
N PRO B 752 21.34 9.06 6.22
CA PRO B 752 22.57 8.35 6.55
C PRO B 752 23.84 9.07 6.09
N VAL B 753 24.91 8.93 6.88
CA VAL B 753 26.24 9.41 6.53
C VAL B 753 26.89 8.34 5.64
N LEU B 754 27.14 8.70 4.37
CA LEU B 754 27.75 7.82 3.39
C LEU B 754 29.24 7.71 3.66
N PRO B 755 29.92 6.64 3.19
CA PRO B 755 31.37 6.53 3.30
C PRO B 755 32.06 7.40 2.23
N GLU B 756 33.38 7.57 2.34
CA GLU B 756 34.14 8.30 1.34
C GLU B 756 34.07 7.56 0.00
N PRO B 757 33.99 8.27 -1.14
CA PRO B 757 34.09 7.64 -2.45
C PRO B 757 35.44 6.91 -2.58
N ILE B 758 35.47 5.77 -3.27
CA ILE B 758 36.69 5.00 -3.45
C ILE B 758 37.34 5.38 -4.78
N ASP B 759 38.67 5.55 -4.76
CA ASP B 759 39.47 5.92 -5.92
C ASP B 759 39.37 4.89 -7.04
N THR B 760 38.97 5.35 -8.22
CA THR B 760 38.72 4.50 -9.39
C THR B 760 39.51 4.93 -10.61
N ARG B 761 40.57 5.72 -10.42
CA ARG B 761 41.42 6.18 -11.55
C ARG B 761 42.13 4.96 -12.15
N GLY B 762 42.32 4.96 -13.47
CA GLY B 762 42.98 3.89 -14.18
C GLY B 762 44.17 4.41 -14.96
N GLN B 763 44.96 3.47 -15.50
CA GLN B 763 46.07 3.73 -16.40
C GLN B 763 45.67 3.20 -17.78
N TYR B 764 45.27 4.12 -18.67
CA TYR B 764 44.72 3.84 -20.02
C TYR B 764 45.74 4.23 -21.10
N GLU B 765 45.95 3.32 -22.07
CA GLU B 765 46.72 3.60 -23.27
C GLU B 765 45.88 4.47 -24.19
N HIS B 766 46.53 5.14 -25.14
CA HIS B 766 45.84 6.00 -26.09
C HIS B 766 44.77 5.24 -26.88
N TRP B 767 45.10 4.01 -27.31
CA TRP B 767 44.18 3.21 -28.12
C TRP B 767 42.87 2.91 -27.39
N GLN B 768 42.93 2.76 -26.06
CA GLN B 768 41.73 2.63 -25.22
C GLN B 768 40.87 3.87 -25.23
N ALA B 769 41.51 5.04 -25.05
CA ALA B 769 40.85 6.34 -25.10
C ALA B 769 40.18 6.56 -26.47
N ALA B 770 40.91 6.21 -27.53
CA ALA B 770 40.42 6.30 -28.90
C ALA B 770 39.20 5.42 -29.11
N LEU B 771 39.33 4.14 -28.76
CA LEU B 771 38.25 3.16 -28.85
C LEU B 771 37.04 3.63 -28.04
N TYR B 772 37.29 4.15 -26.84
CA TYR B 772 36.27 4.68 -25.91
C TYR B 772 35.44 5.76 -26.62
N LEU B 773 36.09 6.65 -27.39
CA LEU B 773 35.41 7.74 -28.07
C LEU B 773 34.59 7.25 -29.26
N VAL B 774 35.12 6.27 -29.99
CA VAL B 774 34.38 5.64 -31.08
C VAL B 774 33.12 4.95 -30.54
N MET B 775 33.21 4.38 -29.33
CA MET B 775 32.07 3.71 -28.69
C MET B 775 30.89 4.65 -28.43
N HIS B 776 31.16 5.96 -28.36
CA HIS B 776 30.12 6.97 -28.16
C HIS B 776 29.22 7.16 -29.39
N PHE B 777 29.55 6.46 -30.48
CA PHE B 777 28.73 6.41 -31.69
C PHE B 777 27.99 5.06 -31.88
N VAL B 778 28.07 4.22 -30.85
CA VAL B 778 27.44 2.90 -30.82
C VAL B 778 26.47 2.86 -29.63
N PRO B 779 25.19 2.45 -29.82
CA PRO B 779 24.25 2.34 -28.71
C PRO B 779 24.78 1.41 -27.59
N ALA B 780 24.44 1.74 -26.34
CA ALA B 780 24.92 1.01 -25.18
C ALA B 780 24.59 -0.49 -25.23
N SER B 781 23.40 -0.84 -25.75
CA SER B 781 22.96 -2.22 -25.85
C SER B 781 23.93 -3.06 -26.71
N ASP B 782 24.39 -2.47 -27.82
CA ASP B 782 25.33 -3.11 -28.72
C ASP B 782 26.73 -3.23 -28.11
N VAL B 783 27.11 -2.24 -27.29
CA VAL B 783 28.34 -2.32 -26.52
C VAL B 783 28.26 -3.51 -25.55
N SER B 784 27.12 -3.60 -24.86
CA SER B 784 26.87 -4.67 -23.90
C SER B 784 26.94 -6.06 -24.56
N ASN B 785 26.36 -6.18 -25.77
CA ASN B 785 26.38 -7.44 -26.51
C ASN B 785 27.80 -7.86 -26.88
N LEU B 786 28.66 -6.89 -27.20
CA LEU B 786 30.07 -7.16 -27.50
C LEU B 786 30.77 -7.75 -26.28
N LEU B 787 30.57 -7.14 -25.12
CA LEU B 787 31.16 -7.62 -23.87
C LEU B 787 30.64 -9.04 -23.55
N HIS B 788 29.33 -9.23 -23.70
CA HIS B 788 28.69 -10.52 -23.49
C HIS B 788 29.34 -11.62 -24.35
N GLN B 789 29.53 -11.33 -25.64
CA GLN B 789 30.11 -12.31 -26.58
C GLN B 789 31.60 -12.54 -26.34
N LEU B 790 32.33 -11.47 -26.00
CA LEU B 790 33.72 -11.59 -25.58
C LEU B 790 33.85 -12.56 -24.42
N ARG B 791 33.00 -12.39 -23.41
CA ARG B 791 32.92 -13.27 -22.22
C ARG B 791 32.66 -14.72 -22.66
N LYS B 792 31.70 -14.93 -23.59
CA LYS B 792 31.38 -16.28 -24.06
C LYS B 792 32.60 -16.93 -24.70
N TRP B 793 33.28 -16.19 -25.59
CA TRP B 793 34.49 -16.67 -26.23
C TRP B 793 35.64 -16.97 -25.26
N GLU B 794 35.80 -16.14 -24.22
CA GLU B 794 36.86 -16.33 -23.21
C GLU B 794 36.58 -17.56 -22.35
N ALA B 795 35.30 -17.84 -22.13
CA ALA B 795 34.84 -18.97 -21.32
C ALA B 795 35.01 -20.34 -22.02
N LEU B 796 35.23 -20.32 -23.33
CA LEU B 796 35.32 -21.55 -24.14
C LEU B 796 36.54 -22.41 -23.80
N GLN B 797 36.27 -23.68 -23.47
CA GLN B 797 37.28 -24.72 -23.30
C GLN B 797 37.70 -25.27 -24.67
N GLY B 798 38.89 -25.87 -24.74
CA GLY B 798 39.37 -26.59 -25.91
C GLY B 798 39.82 -25.73 -27.08
N LYS B 799 40.13 -24.46 -26.82
CA LYS B 799 40.62 -23.54 -27.85
C LYS B 799 42.08 -23.80 -28.15
N TYR B 800 42.48 -23.59 -29.40
CA TYR B 800 43.87 -23.70 -29.89
C TYR B 800 44.73 -22.66 -29.15
N GLU B 801 45.87 -23.08 -28.60
CA GLU B 801 46.80 -22.19 -27.89
C GLU B 801 48.23 -22.35 -28.41
N LEU B 802 49.12 -21.52 -27.88
CA LEU B 802 50.55 -21.54 -28.22
C LEU B 802 51.31 -22.43 -27.25
N GLN B 811 56.69 -19.15 -26.79
CA GLN B 811 55.78 -18.01 -26.95
C GLN B 811 54.93 -17.82 -25.69
N ALA B 812 55.64 -17.69 -24.56
CA ALA B 812 55.05 -17.40 -23.25
C ALA B 812 54.50 -15.98 -23.20
N ASP B 813 55.34 -15.02 -23.61
CA ASP B 813 55.02 -13.60 -23.62
C ASP B 813 53.96 -13.22 -24.66
N ALA B 814 53.80 -14.04 -25.70
CA ALA B 814 52.72 -13.90 -26.66
C ALA B 814 51.35 -13.88 -25.98
N ARG B 815 51.17 -14.76 -24.98
CA ARG B 815 49.89 -14.97 -24.25
C ARG B 815 49.72 -13.87 -23.19
N ARG B 816 50.83 -13.40 -22.61
CA ARG B 816 50.88 -12.30 -21.61
C ARG B 816 50.38 -11.01 -22.28
N GLU B 817 50.86 -10.74 -23.50
CA GLU B 817 50.42 -9.58 -24.27
C GLU B 817 48.96 -9.73 -24.67
N ALA B 818 48.59 -10.93 -25.14
CA ALA B 818 47.22 -11.25 -25.52
C ALA B 818 46.26 -11.00 -24.37
N LEU B 819 46.63 -11.49 -23.18
CA LEU B 819 45.80 -11.33 -21.99
C LEU B 819 45.67 -9.86 -21.54
N ASP B 820 46.76 -9.09 -21.71
CA ASP B 820 46.77 -7.66 -21.39
C ASP B 820 45.82 -6.88 -22.30
N LEU B 821 45.88 -7.18 -23.62
CA LEU B 821 45.03 -6.55 -24.61
C LEU B 821 43.56 -6.80 -24.33
N VAL B 822 43.21 -8.06 -24.05
CA VAL B 822 41.82 -8.45 -23.78
C VAL B 822 41.28 -7.78 -22.52
N LYS B 823 42.10 -7.71 -21.47
CA LYS B 823 41.72 -7.04 -20.22
C LYS B 823 41.46 -5.54 -20.45
N ARG B 824 42.36 -4.90 -21.21
CA ARG B 824 42.26 -3.46 -21.56
C ARG B 824 41.01 -3.24 -22.42
N PHE B 825 40.77 -4.10 -23.41
CA PHE B 825 39.55 -4.04 -24.22
C PHE B 825 38.27 -4.12 -23.37
N ARG B 826 38.21 -5.11 -22.47
CA ARG B 826 37.09 -5.29 -21.51
C ARG B 826 36.90 -4.00 -20.69
N ASP B 827 37.99 -3.44 -20.14
CA ASP B 827 37.90 -2.25 -19.31
C ASP B 827 37.21 -1.10 -20.05
N VAL B 828 37.51 -0.95 -21.34
CA VAL B 828 36.90 0.09 -22.17
C VAL B 828 35.38 -0.09 -22.23
N LEU B 829 34.95 -1.33 -22.45
CA LEU B 829 33.53 -1.64 -22.59
C LEU B 829 32.80 -1.43 -21.27
N VAL B 830 33.38 -1.95 -20.18
CA VAL B 830 32.77 -1.86 -18.86
C VAL B 830 32.64 -0.40 -18.43
N LEU B 831 33.72 0.37 -18.54
CA LEU B 831 33.72 1.79 -18.16
C LEU B 831 32.62 2.53 -18.91
N PHE B 832 32.52 2.29 -20.22
CA PHE B 832 31.48 2.90 -21.05
C PHE B 832 30.10 2.60 -20.50
N LEU B 833 29.85 1.34 -20.14
CA LEU B 833 28.55 0.90 -19.66
C LEU B 833 28.22 1.45 -18.27
N LYS B 834 29.19 1.42 -17.35
CA LYS B 834 28.98 1.90 -15.98
C LYS B 834 28.87 3.43 -15.88
N THR B 835 29.45 4.14 -16.86
CA THR B 835 29.36 5.60 -16.94
C THR B 835 27.97 6.03 -17.44
N GLY B 836 27.41 5.25 -18.37
CA GLY B 836 26.05 5.44 -18.84
C GLY B 836 25.75 6.87 -19.28
N GLU B 837 24.83 7.52 -18.55
CA GLU B 837 24.32 8.86 -18.86
C GLU B 837 25.00 9.99 -18.06
N ALA B 838 26.14 9.70 -17.42
CA ALA B 838 26.79 10.64 -16.50
C ALA B 838 26.98 12.05 -17.08
N ARG B 839 27.32 12.12 -18.38
CA ARG B 839 27.62 13.38 -19.10
C ARG B 839 26.35 13.95 -19.76
N PHE B 840 25.20 13.30 -19.55
CA PHE B 840 23.90 13.74 -20.08
C PHE B 840 22.92 14.17 -18.98
N GLU B 841 22.89 13.40 -17.88
CA GLU B 841 21.99 13.62 -16.75
C GLU B 841 21.91 15.07 -16.26
N GLY B 842 20.70 15.54 -16.00
CA GLY B 842 20.44 16.86 -15.42
C GLY B 842 20.88 18.03 -16.28
N ARG B 843 20.95 17.82 -17.59
CA ARG B 843 21.30 18.85 -18.61
C ARG B 843 20.21 18.89 -19.67
N ALA B 844 20.10 20.00 -20.41
CA ALA B 844 19.10 20.13 -21.48
C ALA B 844 19.40 19.13 -22.59
N ALA B 845 18.39 18.87 -23.43
CA ALA B 845 18.52 17.96 -24.56
C ALA B 845 19.64 18.46 -25.48
N PRO B 846 20.70 17.66 -25.72
CA PRO B 846 21.85 18.12 -26.50
C PRO B 846 21.61 18.02 -28.02
N PHE B 847 20.38 18.30 -28.47
CA PHE B 847 20.00 18.24 -29.87
C PHE B 847 18.73 19.03 -30.10
N ASP B 848 18.44 19.33 -31.37
CA ASP B 848 17.29 20.13 -31.74
C ASP B 848 16.01 19.32 -31.58
N LEU B 849 15.13 19.77 -30.68
CA LEU B 849 13.83 19.15 -30.43
C LEU B 849 12.72 19.65 -31.38
N LYS B 850 12.97 20.78 -32.06
CA LYS B 850 12.00 21.44 -32.93
C LYS B 850 11.46 20.55 -34.06
N PRO B 851 12.28 19.72 -34.78
CA PRO B 851 11.74 18.82 -35.80
C PRO B 851 10.85 17.70 -35.25
N PHE B 852 10.78 17.55 -33.93
CA PHE B 852 9.98 16.47 -33.30
C PHE B 852 8.59 17.02 -32.92
N ARG B 853 8.27 18.25 -33.33
CA ARG B 853 6.94 18.84 -33.04
C ARG B 853 6.01 18.36 -34.15
N ALA B 854 6.55 18.05 -35.32
CA ALA B 854 5.76 17.49 -36.42
C ALA B 854 5.00 16.20 -36.06
N LEU B 855 5.45 15.51 -35.00
CA LEU B 855 4.76 14.32 -34.45
C LEU B 855 3.45 14.61 -33.70
N PHE B 856 3.15 15.89 -33.49
CA PHE B 856 1.91 16.31 -32.84
C PHE B 856 1.12 17.19 -33.79
N ALA B 857 -0.22 17.12 -33.67
CA ALA B 857 -1.12 18.01 -34.40
C ALA B 857 -0.89 19.45 -33.96
N ASN B 858 -0.76 19.64 -32.63
CA ASN B 858 -0.48 20.94 -32.03
C ASN B 858 0.97 21.00 -31.56
N PRO B 859 1.85 21.81 -32.21
CA PRO B 859 3.26 21.91 -31.82
C PRO B 859 3.44 22.43 -30.38
N ALA B 860 2.53 23.30 -29.91
CA ALA B 860 2.60 23.85 -28.56
C ALA B 860 2.45 22.76 -27.49
N THR B 861 1.66 21.73 -27.80
CA THR B 861 1.45 20.59 -26.91
C THR B 861 2.74 19.78 -26.74
N PHE B 862 3.46 19.57 -27.85
CA PHE B 862 4.77 18.93 -27.80
C PHE B 862 5.74 19.72 -26.91
N ASP B 863 5.80 21.04 -27.13
CA ASP B 863 6.65 21.94 -26.35
C ASP B 863 6.35 21.80 -24.85
N ARG B 864 5.06 21.85 -24.49
CA ARG B 864 4.57 21.78 -23.09
C ARG B 864 5.03 20.47 -22.43
N LEU B 865 5.02 19.36 -23.19
CA LEU B 865 5.36 18.04 -22.65
C LEU B 865 6.86 17.76 -22.60
N PHE B 866 7.60 18.15 -23.65
CA PHE B 866 8.99 17.72 -23.83
C PHE B 866 10.08 18.80 -23.88
N MET B 867 9.68 20.08 -23.79
CA MET B 867 10.63 21.19 -23.69
C MET B 867 10.48 21.90 -22.34
N ALA B 868 11.36 21.57 -21.39
CA ALA B 868 11.28 22.04 -19.99
C ALA B 868 11.28 23.57 -19.83
N GLU B 887 7.09 10.54 -11.10
CA GLU B 887 6.70 9.47 -12.01
C GLU B 887 6.52 9.96 -13.45
N PRO B 888 5.85 11.12 -13.68
CA PRO B 888 5.80 11.72 -15.02
C PRO B 888 7.19 12.03 -15.58
N GLU B 889 8.13 12.42 -14.71
CA GLU B 889 9.46 12.89 -15.09
C GLU B 889 10.32 11.82 -15.76
N LEU B 890 10.34 10.62 -15.17
CA LEU B 890 11.11 9.47 -15.70
C LEU B 890 10.65 9.12 -17.12
N ARG B 891 9.34 9.24 -17.35
CA ARG B 891 8.66 8.90 -18.64
C ARG B 891 9.06 9.90 -19.72
N VAL B 892 9.10 11.20 -19.40
CA VAL B 892 9.55 12.25 -20.32
C VAL B 892 11.02 12.06 -20.71
N ALA B 893 11.85 11.72 -19.71
CA ALA B 893 13.28 11.45 -19.92
C ALA B 893 13.49 10.27 -20.87
N ARG B 894 12.71 9.21 -20.69
CA ARG B 894 12.74 8.01 -21.56
C ARG B 894 12.46 8.43 -23.00
N THR B 895 11.36 9.18 -23.22
CA THR B 895 10.97 9.64 -24.54
C THR B 895 12.08 10.46 -25.23
N LEU B 896 12.65 11.42 -24.49
CA LEU B 896 13.72 12.28 -25.00
C LEU B 896 14.96 11.49 -25.42
N ARG B 897 15.33 10.47 -24.62
CA ARG B 897 16.45 9.53 -24.92
C ARG B 897 16.12 8.76 -26.21
N GLY B 898 14.85 8.36 -26.39
CA GLY B 898 14.38 7.74 -27.62
C GLY B 898 14.58 8.64 -28.83
N LEU B 899 14.12 9.90 -28.71
CA LEU B 899 14.23 10.88 -29.78
C LEU B 899 15.70 11.19 -30.10
N ARG B 900 16.52 11.28 -29.05
CA ARG B 900 18.00 11.46 -29.14
C ARG B 900 18.57 10.40 -30.11
N GLN B 901 18.22 9.12 -29.92
CA GLN B 901 18.76 8.04 -30.79
C GLN B 901 18.41 8.33 -32.25
N ILE B 902 17.16 8.68 -32.54
CA ILE B 902 16.74 8.99 -33.94
C ILE B 902 17.55 10.19 -34.46
N ALA B 903 17.74 11.22 -33.62
CA ALA B 903 18.57 12.40 -34.00
C ALA B 903 20.02 11.97 -34.23
N ARG B 904 20.52 11.02 -33.43
CA ARG B 904 21.92 10.56 -33.55
C ARG B 904 22.14 9.96 -34.95
N TYR B 905 21.15 9.27 -35.49
CA TYR B 905 21.26 8.69 -36.86
C TYR B 905 20.68 9.65 -37.90
N ASN B 906 20.13 10.79 -37.49
CA ASN B 906 19.46 11.72 -38.44
C ASN B 906 18.36 10.97 -39.19
N HIS B 907 17.55 10.18 -38.47
CA HIS B 907 16.50 9.34 -39.12
C HIS B 907 15.13 10.04 -39.10
N MET B 908 15.08 11.30 -38.67
CA MET B 908 13.79 12.02 -38.57
C MET B 908 13.16 12.13 -39.97
N ALA B 909 13.98 12.40 -40.99
CA ALA B 909 13.47 12.55 -42.37
C ALA B 909 12.87 11.24 -42.91
N VAL B 910 13.52 10.10 -42.67
CA VAL B 910 13.02 8.82 -43.25
C VAL B 910 11.65 8.48 -42.67
N LEU B 911 11.44 8.76 -41.38
CA LEU B 911 10.16 8.39 -40.73
C LEU B 911 9.20 9.58 -40.64
N SER B 912 9.56 10.74 -41.19
CA SER B 912 8.71 11.95 -41.03
C SER B 912 7.34 11.74 -41.67
N ASP B 913 7.29 11.16 -42.86
CA ASP B 913 6.00 10.98 -43.58
C ASP B 913 5.07 10.10 -42.72
N LEU B 914 5.54 8.93 -42.29
CA LEU B 914 4.70 7.99 -41.51
C LEU B 914 4.31 8.67 -40.20
N PHE B 915 5.31 9.17 -39.46
CA PHE B 915 5.06 9.78 -38.15
C PHE B 915 4.01 10.89 -38.24
N ALA B 916 4.12 11.75 -39.25
CA ALA B 916 3.17 12.84 -39.48
C ALA B 916 1.78 12.34 -39.87
N LYS B 917 1.74 11.16 -40.51
CA LYS B 917 0.47 10.49 -40.81
C LYS B 917 -0.26 10.09 -39.52
N HIS B 918 0.53 9.73 -38.50
CA HIS B 918 0.01 9.31 -37.20
C HIS B 918 0.23 10.36 -36.09
N LYS B 919 -0.06 11.63 -36.41
CA LYS B 919 0.08 12.75 -35.46
C LYS B 919 -0.68 12.52 -34.17
N VAL B 920 -0.06 12.88 -33.04
CA VAL B 920 -0.71 12.82 -31.72
C VAL B 920 -1.58 14.06 -31.54
N ARG B 921 -2.85 13.83 -31.16
CA ARG B 921 -3.88 14.90 -30.98
C ARG B 921 -4.02 15.26 -29.50
N ASP B 922 -4.49 16.49 -29.24
CA ASP B 922 -4.66 17.03 -27.89
C ASP B 922 -5.68 16.25 -27.05
N GLU B 923 -6.72 15.71 -27.72
CA GLU B 923 -7.74 14.92 -27.03
C GLU B 923 -7.14 13.67 -26.40
N GLU B 924 -6.15 13.08 -27.09
CA GLU B 924 -5.43 11.91 -26.60
C GLU B 924 -4.62 12.26 -25.35
N VAL B 925 -4.00 13.44 -25.36
CA VAL B 925 -3.24 13.94 -24.22
C VAL B 925 -4.18 14.16 -23.04
N ALA B 926 -5.31 14.82 -23.29
CA ALA B 926 -6.30 15.12 -22.27
C ALA B 926 -6.88 13.85 -21.65
N ARG B 927 -7.26 12.91 -22.52
CA ARG B 927 -7.82 11.58 -22.14
C ARG B 927 -6.85 10.87 -21.20
N LEU B 928 -5.55 10.85 -21.56
CA LEU B 928 -4.53 10.20 -20.76
C LEU B 928 -4.46 10.82 -19.36
N ALA B 929 -4.56 12.15 -19.31
CA ALA B 929 -4.48 12.91 -18.06
C ALA B 929 -5.60 12.51 -17.10
N GLU B 930 -6.84 12.46 -17.62
CA GLU B 930 -7.99 12.16 -16.79
C GLU B 930 -8.02 10.69 -16.32
N ILE B 931 -7.44 9.80 -17.12
CA ILE B 931 -7.29 8.40 -16.76
C ILE B 931 -6.29 8.25 -15.61
N GLU B 932 -5.24 9.07 -15.62
CA GLU B 932 -4.18 9.03 -14.61
C GLU B 932 -4.39 10.01 -13.45
N ASP B 933 -5.42 10.86 -13.56
CA ASP B 933 -5.75 11.85 -12.54
C ASP B 933 -5.98 11.17 -11.18
N GLU B 934 -5.03 11.38 -10.25
CA GLU B 934 -5.11 10.84 -8.89
C GLU B 934 -5.61 11.90 -7.91
N LYS B 938 -7.17 5.45 -6.71
CA LYS B 938 -8.17 6.49 -6.94
C LYS B 938 -8.38 6.74 -8.43
N SER B 939 -7.29 6.89 -9.18
CA SER B 939 -7.35 7.14 -10.63
C SER B 939 -7.94 5.95 -11.37
N GLN B 940 -8.49 6.24 -12.55
CA GLN B 940 -9.14 5.23 -13.38
C GLN B 940 -8.24 4.04 -13.65
N ILE B 941 -6.98 4.31 -14.03
CA ILE B 941 -6.04 3.26 -14.37
C ILE B 941 -5.65 2.40 -13.17
N VAL B 942 -5.38 3.04 -12.03
CA VAL B 942 -4.98 2.31 -10.82
C VAL B 942 -6.12 1.40 -10.36
N ALA B 943 -7.36 1.90 -10.40
CA ALA B 943 -8.55 1.13 -10.06
C ALA B 943 -8.71 -0.08 -10.96
N ALA B 944 -8.47 0.12 -12.26
CA ALA B 944 -8.55 -0.94 -13.27
C ALA B 944 -7.49 -2.02 -13.02
N GLN B 945 -6.25 -1.59 -12.78
CA GLN B 945 -5.12 -2.51 -12.57
C GLN B 945 -5.35 -3.37 -11.35
N GLU B 946 -5.82 -2.75 -10.27
CA GLU B 946 -6.03 -3.42 -8.99
C GLU B 946 -7.24 -4.34 -9.00
N LEU B 947 -8.30 -3.96 -9.73
CA LEU B 947 -9.46 -4.83 -9.94
C LEU B 947 -9.06 -6.10 -10.71
N ARG B 948 -8.22 -5.93 -11.73
CA ARG B 948 -7.73 -7.02 -12.62
C ARG B 948 -6.91 -8.03 -11.81
N THR B 949 -5.96 -7.54 -11.00
CA THR B 949 -5.14 -8.40 -10.13
C THR B 949 -5.99 -9.05 -9.05
N ASP B 950 -6.89 -8.27 -8.44
CA ASP B 950 -7.83 -8.77 -7.43
C ASP B 950 -8.60 -9.99 -7.92
N LEU B 951 -9.24 -9.84 -9.09
CA LEU B 951 -10.03 -10.90 -9.70
C LEU B 951 -9.17 -12.10 -10.09
N HIS B 952 -8.02 -11.83 -10.70
CA HIS B 952 -7.13 -12.89 -11.17
C HIS B 952 -6.72 -13.81 -10.01
N ASP B 953 -6.35 -13.23 -8.88
CA ASP B 953 -5.96 -13.99 -7.70
C ASP B 953 -7.13 -14.70 -7.02
N LYS B 954 -8.30 -14.05 -7.00
CA LYS B 954 -9.53 -14.64 -6.47
C LYS B 954 -9.87 -15.93 -7.22
N VAL B 955 -9.77 -15.88 -8.56
CA VAL B 955 -9.98 -17.03 -9.41
C VAL B 955 -8.88 -18.06 -9.12
N MET B 956 -7.62 -17.66 -9.31
CA MET B 956 -6.48 -18.57 -9.21
C MET B 956 -6.22 -19.15 -7.82
N LYS B 957 -6.74 -18.50 -6.78
CA LYS B 957 -6.62 -18.99 -5.41
C LYS B 957 -7.80 -19.86 -5.00
N CYS B 958 -9.02 -19.32 -5.17
CA CYS B 958 -10.25 -19.96 -4.67
C CYS B 958 -10.86 -21.00 -5.62
N HIS B 959 -10.80 -20.74 -6.93
CA HIS B 959 -11.34 -21.66 -7.94
C HIS B 959 -10.69 -21.45 -9.31
N PRO B 960 -9.47 -22.01 -9.56
CA PRO B 960 -8.71 -21.70 -10.78
C PRO B 960 -9.34 -22.19 -12.09
N LYS B 961 -10.34 -23.08 -12.02
CA LYS B 961 -11.02 -23.61 -13.20
C LYS B 961 -12.26 -22.82 -13.62
N THR B 962 -12.77 -21.97 -12.71
CA THR B 962 -14.07 -21.32 -12.89
C THR B 962 -14.09 -19.81 -12.64
N ILE B 963 -15.08 -19.14 -13.22
CA ILE B 963 -15.36 -17.73 -13.00
C ILE B 963 -16.80 -17.42 -13.42
N SER B 964 -17.49 -16.55 -12.67
CA SER B 964 -18.87 -16.18 -12.96
C SER B 964 -18.91 -15.17 -14.11
N PRO B 965 -20.04 -15.06 -14.86
CA PRO B 965 -20.15 -14.09 -15.94
C PRO B 965 -19.92 -12.64 -15.48
N GLU B 966 -20.39 -12.30 -14.27
CA GLU B 966 -20.23 -10.94 -13.73
C GLU B 966 -18.78 -10.65 -13.38
N GLU B 967 -18.12 -11.59 -12.67
CA GLU B 967 -16.68 -11.53 -12.40
C GLU B 967 -15.88 -11.34 -13.71
N ARG B 968 -16.28 -12.08 -14.75
CA ARG B 968 -15.64 -12.08 -16.08
C ARG B 968 -15.87 -10.73 -16.78
N GLN B 969 -17.08 -10.16 -16.65
CA GLN B 969 -17.42 -8.89 -17.28
C GLN B 969 -16.58 -7.73 -16.72
N SER B 970 -16.44 -7.69 -15.38
CA SER B 970 -15.63 -6.68 -14.71
C SER B 970 -14.17 -6.82 -15.09
N TYR B 971 -13.70 -8.08 -15.22
CA TYR B 971 -12.33 -8.41 -15.67
C TYR B 971 -12.09 -7.82 -17.07
N ALA B 972 -13.00 -8.12 -18.02
CA ALA B 972 -12.92 -7.61 -19.38
C ALA B 972 -12.93 -6.07 -19.40
N ALA B 973 -13.84 -5.47 -18.63
CA ALA B 973 -13.95 -4.01 -18.53
C ALA B 973 -12.66 -3.36 -18.01
N ALA B 974 -12.00 -4.03 -17.05
CA ALA B 974 -10.72 -3.60 -16.51
C ALA B 974 -9.63 -3.63 -17.57
N ILE B 975 -9.58 -4.74 -18.32
CA ILE B 975 -8.64 -4.93 -19.42
C ILE B 975 -8.81 -3.82 -20.46
N LYS B 976 -10.07 -3.47 -20.79
CA LYS B 976 -10.35 -2.43 -21.81
C LYS B 976 -9.76 -1.07 -21.43
N THR B 977 -9.97 -0.65 -20.17
CA THR B 977 -9.40 0.58 -19.64
C THR B 977 -7.88 0.49 -19.62
N ILE B 978 -7.34 -0.66 -19.20
CA ILE B 978 -5.90 -0.92 -19.20
C ILE B 978 -5.31 -0.82 -20.62
N GLU B 979 -5.99 -1.40 -21.61
CA GLU B 979 -5.58 -1.30 -23.00
C GLU B 979 -5.55 0.15 -23.46
N GLU B 980 -6.64 0.88 -23.20
CA GLU B 980 -6.76 2.28 -23.62
C GLU B 980 -5.64 3.15 -23.05
N HIS B 981 -5.25 2.87 -21.80
CA HIS B 981 -4.14 3.54 -21.13
C HIS B 981 -2.82 3.25 -21.85
N ARG B 982 -2.56 1.96 -22.10
CA ARG B 982 -1.34 1.48 -22.82
C ARG B 982 -1.25 2.16 -24.19
N PHE B 983 -2.38 2.24 -24.91
CA PHE B 983 -2.39 2.81 -26.27
C PHE B 983 -2.14 4.32 -26.27
N LEU B 984 -2.73 5.03 -25.29
CA LEU B 984 -2.56 6.48 -25.17
C LEU B 984 -1.14 6.85 -24.77
N VAL B 985 -0.57 6.10 -23.80
CA VAL B 985 0.82 6.26 -23.38
C VAL B 985 1.75 6.03 -24.57
N GLY B 986 1.49 4.96 -25.33
CA GLY B 986 2.20 4.62 -26.54
C GLY B 986 2.23 5.70 -27.61
N ARG B 987 1.22 6.57 -27.61
CA ARG B 987 1.07 7.68 -28.59
C ARG B 987 1.56 9.00 -27.99
N VAL B 988 1.01 9.41 -26.84
CA VAL B 988 1.34 10.68 -26.21
C VAL B 988 2.84 10.82 -25.91
N TYR B 989 3.45 9.75 -25.37
CA TYR B 989 4.89 9.72 -24.99
C TYR B 989 5.71 9.04 -26.10
N LEU B 990 5.10 8.88 -27.28
CA LEU B 990 5.78 8.51 -28.52
C LEU B 990 6.42 7.12 -28.49
N GLY B 991 5.89 6.24 -27.64
CA GLY B 991 6.34 4.86 -27.56
C GLY B 991 6.23 4.14 -28.89
N ASP B 992 5.07 4.27 -29.55
CA ASP B 992 4.80 3.69 -30.85
C ASP B 992 5.85 4.12 -31.88
N HIS B 993 6.16 5.42 -31.86
CA HIS B 993 7.08 6.02 -32.82
C HIS B 993 8.48 5.43 -32.62
N LEU B 994 8.92 5.38 -31.36
CA LEU B 994 10.23 4.87 -30.99
C LEU B 994 10.37 3.37 -31.22
N ARG B 995 9.29 2.61 -30.98
CA ARG B 995 9.24 1.13 -31.21
C ARG B 995 9.33 0.85 -32.71
N LEU B 996 8.64 1.66 -33.53
CA LEU B 996 8.67 1.50 -34.98
C LEU B 996 10.06 1.74 -35.51
N HIS B 997 10.70 2.80 -35.03
CA HIS B 997 12.08 3.10 -35.40
C HIS B 997 13.00 1.94 -35.03
N ARG B 998 12.87 1.43 -33.79
CA ARG B 998 13.68 0.31 -33.27
C ARG B 998 13.44 -0.94 -34.13
N LEU B 999 12.18 -1.26 -34.41
CA LEU B 999 11.82 -2.42 -35.22
C LEU B 999 12.52 -2.34 -36.57
N MET B 1000 12.36 -1.18 -37.23
CA MET B 1000 13.00 -0.92 -38.51
C MET B 1000 14.50 -1.20 -38.45
N MET B 1001 15.18 -0.62 -37.45
CA MET B 1001 16.62 -0.79 -37.25
C MET B 1001 17.01 -2.26 -36.99
N ASP B 1002 16.21 -2.96 -36.20
CA ASP B 1002 16.46 -4.38 -35.92
C ASP B 1002 16.40 -5.23 -37.19
N VAL B 1003 15.35 -5.03 -37.98
CA VAL B 1003 15.16 -5.74 -39.24
C VAL B 1003 16.34 -5.49 -40.17
N ILE B 1004 16.64 -4.21 -40.42
CA ILE B 1004 17.76 -3.86 -41.29
C ILE B 1004 19.06 -4.41 -40.72
N GLY B 1005 19.23 -4.31 -39.39
CA GLY B 1005 20.38 -4.87 -38.70
C GLY B 1005 20.58 -6.37 -38.95
N ARG B 1006 19.49 -7.13 -38.90
CA ARG B 1006 19.51 -8.59 -39.18
C ARG B 1006 19.96 -8.83 -40.63
N LEU B 1007 19.50 -8.01 -41.57
CA LEU B 1007 19.93 -8.12 -42.96
C LEU B 1007 21.41 -7.73 -43.14
N ILE B 1008 21.86 -6.71 -42.39
CA ILE B 1008 23.26 -6.31 -42.37
C ILE B 1008 24.14 -7.47 -41.90
N ASP B 1009 23.66 -8.21 -40.88
CA ASP B 1009 24.34 -9.41 -40.41
C ASP B 1009 24.53 -10.46 -41.52
N TYR B 1010 23.50 -10.67 -42.33
CA TYR B 1010 23.56 -11.57 -43.51
C TYR B 1010 24.58 -11.01 -44.51
N ALA B 1011 24.58 -9.69 -44.70
CA ALA B 1011 25.50 -9.01 -45.62
C ALA B 1011 26.97 -9.24 -45.23
N GLY B 1012 27.26 -9.22 -43.92
CA GLY B 1012 28.57 -9.55 -43.40
C GLY B 1012 28.99 -10.97 -43.73
N ALA B 1013 28.03 -11.90 -43.72
CA ALA B 1013 28.30 -13.28 -44.07
C ALA B 1013 28.65 -13.43 -45.56
N TYR B 1014 27.89 -12.75 -46.43
CA TYR B 1014 28.18 -12.64 -47.89
C TYR B 1014 29.61 -12.14 -48.09
N GLU B 1015 29.93 -10.96 -47.53
CA GLU B 1015 31.25 -10.34 -47.70
C GLU B 1015 32.35 -11.31 -47.31
N ARG B 1016 32.17 -11.99 -46.17
CA ARG B 1016 33.19 -12.79 -45.48
C ARG B 1016 33.34 -14.16 -46.17
N ASP B 1017 32.22 -14.83 -46.46
CA ASP B 1017 32.23 -16.09 -47.21
C ASP B 1017 32.89 -15.92 -48.58
N THR B 1018 32.47 -14.87 -49.31
CA THR B 1018 32.89 -14.67 -50.71
C THR B 1018 34.22 -13.94 -50.82
N GLY B 1019 34.41 -12.89 -50.01
CA GLY B 1019 35.60 -12.08 -50.04
C GLY B 1019 36.82 -12.69 -49.38
N THR B 1020 36.61 -13.69 -48.51
CA THR B 1020 37.68 -14.31 -47.75
C THR B 1020 37.74 -15.84 -47.87
N PHE B 1021 36.74 -16.54 -47.32
CA PHE B 1021 36.79 -18.00 -47.24
C PHE B 1021 36.88 -18.68 -48.61
N LEU B 1022 36.01 -18.26 -49.54
CA LEU B 1022 35.98 -18.85 -50.88
C LEU B 1022 37.26 -18.55 -51.67
N ILE B 1023 37.79 -17.33 -51.52
CA ILE B 1023 39.05 -16.94 -52.14
C ILE B 1023 40.16 -17.86 -51.63
N ASN B 1024 40.25 -18.01 -50.30
CA ASN B 1024 41.16 -18.94 -49.66
C ASN B 1024 41.02 -20.37 -50.21
N ALA B 1025 39.78 -20.86 -50.27
CA ALA B 1025 39.46 -22.20 -50.79
C ALA B 1025 39.96 -22.38 -52.21
N SER B 1026 39.58 -21.45 -53.10
CA SER B 1026 39.98 -21.48 -54.51
C SER B 1026 41.50 -21.58 -54.68
N LYS B 1027 42.25 -20.90 -53.82
CA LYS B 1027 43.72 -20.92 -53.86
C LYS B 1027 44.33 -22.25 -53.44
N GLN B 1028 43.67 -22.95 -52.52
CA GLN B 1028 44.16 -24.29 -52.12
C GLN B 1028 44.03 -25.24 -53.31
N LEU B 1029 42.97 -25.07 -54.11
CA LEU B 1029 42.71 -25.95 -55.28
C LEU B 1029 43.80 -25.76 -56.33
N GLY B 1030 44.28 -24.52 -56.52
CA GLY B 1030 45.25 -24.25 -57.59
C GLY B 1030 44.63 -24.47 -58.97
N ALA B 1031 45.27 -25.29 -59.81
CA ALA B 1031 44.73 -25.59 -61.16
C ALA B 1031 43.96 -26.92 -61.15
N GLY B 1032 43.93 -27.62 -60.01
CA GLY B 1032 43.28 -28.95 -59.94
C GLY B 1032 41.78 -28.95 -60.19
N ALA B 1033 41.05 -27.96 -59.65
CA ALA B 1033 39.56 -28.00 -59.76
C ALA B 1033 39.02 -26.66 -60.26
N ASP B 1034 39.19 -26.38 -61.56
CA ASP B 1034 38.70 -25.10 -62.14
C ASP B 1034 37.18 -25.03 -62.02
N TRP B 1035 36.50 -26.18 -62.15
CA TRP B 1035 35.02 -26.22 -62.08
C TRP B 1035 34.55 -25.70 -60.73
N ALA B 1036 35.22 -26.09 -59.64
CA ALA B 1036 34.86 -25.62 -58.28
C ALA B 1036 35.10 -24.11 -58.19
N VAL B 1037 36.20 -23.62 -58.75
CA VAL B 1037 36.54 -22.17 -58.67
C VAL B 1037 35.47 -21.35 -59.39
N THR B 1038 34.99 -21.82 -60.54
CA THR B 1038 33.92 -21.10 -61.29
C THR B 1038 32.63 -21.12 -60.48
N ILE B 1039 32.38 -22.21 -59.74
CA ILE B 1039 31.21 -22.32 -58.88
C ILE B 1039 31.31 -21.40 -57.66
N ALA B 1040 32.50 -21.38 -57.03
CA ALA B 1040 32.81 -20.43 -55.97
C ALA B 1040 32.56 -18.99 -56.46
N GLY B 1041 33.14 -18.66 -57.62
CA GLY B 1041 33.02 -17.37 -58.27
C GLY B 1041 31.59 -16.93 -58.58
N ALA B 1042 30.70 -17.91 -58.80
CA ALA B 1042 29.29 -17.64 -59.05
C ALA B 1042 28.55 -17.05 -57.84
N ALA B 1043 29.12 -17.20 -56.63
CA ALA B 1043 28.58 -16.61 -55.41
C ALA B 1043 28.36 -15.09 -55.53
N ASN B 1044 29.24 -14.42 -56.27
CA ASN B 1044 29.19 -12.97 -56.47
C ASN B 1044 28.48 -12.53 -57.74
N THR B 1045 27.69 -11.46 -57.62
CA THR B 1045 27.22 -10.67 -58.74
C THR B 1045 27.26 -9.20 -58.32
N ASP B 1046 27.22 -8.30 -59.30
CA ASP B 1046 27.17 -6.86 -59.06
C ASP B 1046 25.98 -6.47 -58.17
N ALA B 1047 24.81 -7.05 -58.44
CA ALA B 1047 23.57 -6.74 -57.70
C ALA B 1047 23.64 -7.17 -56.23
N ARG B 1048 24.25 -8.34 -55.99
CA ARG B 1048 24.40 -8.92 -54.63
C ARG B 1048 25.38 -8.07 -53.81
N THR B 1049 26.52 -7.69 -54.42
CA THR B 1049 27.51 -6.85 -53.76
C THR B 1049 26.96 -5.46 -53.49
N GLN B 1050 26.12 -4.95 -54.41
CA GLN B 1050 25.45 -3.67 -54.26
C GLN B 1050 24.49 -3.70 -53.08
N THR B 1051 23.73 -4.80 -52.95
CA THR B 1051 22.83 -5.02 -51.83
C THR B 1051 23.61 -5.05 -50.50
N ARG B 1052 24.80 -5.67 -50.52
CA ARG B 1052 25.72 -5.73 -49.35
C ARG B 1052 26.11 -4.29 -48.96
N LYS B 1053 26.49 -3.46 -49.94
CA LYS B 1053 26.90 -2.09 -49.69
C LYS B 1053 25.72 -1.23 -49.23
N ASP B 1054 24.59 -1.32 -49.94
CA ASP B 1054 23.38 -0.58 -49.60
C ASP B 1054 22.88 -0.85 -48.18
N LEU B 1055 23.05 -2.10 -47.72
CA LEU B 1055 22.71 -2.49 -46.36
C LEU B 1055 23.73 -1.94 -45.35
N ALA B 1056 25.02 -2.20 -45.62
CA ALA B 1056 26.12 -1.77 -44.78
C ALA B 1056 26.05 -0.28 -44.43
N HIS B 1057 25.83 0.55 -45.45
CA HIS B 1057 25.86 2.00 -45.32
C HIS B 1057 24.47 2.64 -45.18
N PHE B 1058 23.49 1.82 -44.79
CA PHE B 1058 22.09 2.24 -44.62
C PHE B 1058 21.58 3.08 -45.79
N ASN B 1059 22.12 2.79 -46.99
CA ASN B 1059 21.75 3.47 -48.23
C ASN B 1059 20.29 3.18 -48.58
N VAL B 1060 19.77 2.08 -48.04
CA VAL B 1060 18.37 1.70 -48.18
C VAL B 1060 17.41 2.65 -47.44
N LEU B 1061 17.93 3.42 -46.48
CA LEU B 1061 17.16 4.44 -45.78
C LEU B 1061 17.22 5.80 -46.50
N ASP B 1062 18.39 6.12 -47.06
CA ASP B 1062 18.61 7.37 -47.78
C ASP B 1062 17.81 7.38 -49.08
N ARG B 1063 17.97 6.34 -49.90
CA ARG B 1063 17.34 6.35 -51.26
C ARG B 1063 15.87 5.93 -51.22
N ALA B 1064 15.42 5.26 -50.16
CA ALA B 1064 13.98 4.93 -50.09
C ALA B 1064 13.17 6.23 -50.17
N ASP B 1065 12.10 6.23 -50.98
CA ASP B 1065 11.21 7.41 -51.04
C ASP B 1065 10.20 7.31 -49.91
N GLY B 1066 10.11 8.35 -49.07
CA GLY B 1066 9.21 8.29 -47.90
C GLY B 1066 9.55 7.12 -47.00
N THR B 1067 8.55 6.33 -46.61
CA THR B 1067 8.78 5.16 -45.73
C THR B 1067 9.57 4.08 -46.48
N PRO B 1068 10.52 3.38 -45.83
CA PRO B 1068 11.25 2.27 -46.47
C PRO B 1068 10.41 1.01 -46.69
N ASP B 1069 10.76 0.21 -47.70
CA ASP B 1069 10.04 -1.06 -47.96
C ASP B 1069 10.91 -2.23 -47.47
N LEU B 1070 10.57 -2.77 -46.30
CA LEU B 1070 11.37 -3.84 -45.73
C LEU B 1070 11.18 -5.19 -46.42
N THR B 1071 10.02 -5.37 -47.08
CA THR B 1071 9.74 -6.58 -47.84
C THR B 1071 10.69 -6.67 -49.03
N ALA B 1072 10.84 -5.56 -49.77
CA ALA B 1072 11.75 -5.48 -50.89
C ALA B 1072 13.22 -5.70 -50.44
N LEU B 1073 13.57 -5.15 -49.27
CA LEU B 1073 14.88 -5.36 -48.68
C LEU B 1073 15.17 -6.82 -48.38
N VAL B 1074 14.17 -7.51 -47.82
CA VAL B 1074 14.29 -8.92 -47.52
C VAL B 1074 14.53 -9.71 -48.81
N ASN B 1075 13.80 -9.35 -49.87
CA ASN B 1075 13.96 -9.98 -51.19
C ASN B 1075 15.35 -9.81 -51.77
N ARG B 1076 15.87 -8.58 -51.71
CA ARG B 1076 17.27 -8.25 -52.11
C ARG B 1076 18.24 -9.08 -51.28
N ALA B 1077 17.97 -9.22 -49.97
CA ALA B 1077 18.84 -9.97 -49.06
C ALA B 1077 18.85 -11.45 -49.38
N ARG B 1078 17.66 -12.01 -49.68
CA ARG B 1078 17.50 -13.41 -50.11
C ARG B 1078 18.41 -13.67 -51.32
N GLU B 1079 18.31 -12.84 -52.35
CA GLU B 1079 19.16 -12.92 -53.53
C GLU B 1079 20.65 -12.83 -53.18
N MET B 1080 20.98 -11.96 -52.22
CA MET B 1080 22.36 -11.78 -51.77
C MET B 1080 22.92 -13.09 -51.23
N MET B 1081 22.10 -13.81 -50.47
CA MET B 1081 22.50 -15.06 -49.81
C MET B 1081 22.23 -16.34 -50.63
N ALA B 1082 21.99 -16.19 -51.94
CA ALA B 1082 21.63 -17.32 -52.81
C ALA B 1082 22.76 -18.35 -52.94
N TYR B 1083 24.00 -17.89 -52.80
CA TYR B 1083 25.24 -18.71 -52.86
C TYR B 1083 25.22 -19.80 -51.78
N ASP B 1084 24.36 -19.66 -50.75
CA ASP B 1084 24.29 -20.60 -49.64
C ASP B 1084 22.84 -20.79 -49.18
N ARG B 1085 22.24 -21.91 -49.61
CA ARG B 1085 20.78 -22.16 -49.56
C ARG B 1085 20.26 -22.06 -48.13
N LYS B 1086 21.00 -22.63 -47.16
CA LYS B 1086 20.60 -22.62 -45.76
C LYS B 1086 20.46 -21.20 -45.21
N ARG B 1087 21.20 -20.24 -45.77
CA ARG B 1087 21.12 -18.81 -45.41
C ARG B 1087 19.96 -18.17 -46.18
N LYS B 1088 19.96 -18.30 -47.51
CA LYS B 1088 18.87 -17.77 -48.33
C LYS B 1088 17.49 -18.13 -47.78
N ASN B 1089 17.31 -19.42 -47.41
CA ASN B 1089 16.05 -19.90 -46.88
C ASN B 1089 15.70 -19.32 -45.50
N ALA B 1090 16.74 -19.04 -44.70
CA ALA B 1090 16.55 -18.58 -43.34
C ALA B 1090 16.25 -17.07 -43.26
N VAL B 1091 16.64 -16.31 -44.28
CA VAL B 1091 16.44 -14.86 -44.29
C VAL B 1091 15.01 -14.47 -43.90
N PRO B 1092 13.96 -14.96 -44.59
CA PRO B 1092 12.59 -14.59 -44.25
C PRO B 1092 12.17 -15.09 -42.85
N ARG B 1093 12.69 -16.24 -42.44
CA ARG B 1093 12.35 -16.87 -41.13
C ARG B 1093 12.90 -15.99 -40.01
N SER B 1094 14.12 -15.49 -40.16
CA SER B 1094 14.71 -14.54 -39.22
C SER B 1094 13.78 -13.40 -38.91
N ILE B 1095 13.22 -12.78 -39.95
CA ILE B 1095 12.39 -11.59 -39.80
C ILE B 1095 11.03 -11.94 -39.19
N LEU B 1096 10.41 -13.02 -39.69
CA LEU B 1096 9.18 -13.54 -39.12
C LEU B 1096 9.33 -13.82 -37.62
N ASP B 1097 10.40 -14.54 -37.26
CA ASP B 1097 10.65 -14.91 -35.87
C ASP B 1097 10.94 -13.71 -34.97
N MET B 1098 11.66 -12.73 -35.52
CA MET B 1098 11.95 -11.47 -34.83
C MET B 1098 10.65 -10.78 -34.42
N LEU B 1099 9.77 -10.56 -35.39
CA LEU B 1099 8.44 -9.99 -35.13
C LEU B 1099 7.61 -10.83 -34.16
N ALA B 1100 7.63 -12.16 -34.33
CA ALA B 1100 6.88 -13.07 -33.47
C ALA B 1100 7.28 -12.95 -32.00
N ARG B 1101 8.58 -12.86 -31.74
CA ARG B 1101 9.15 -12.70 -30.38
C ARG B 1101 8.49 -11.49 -29.70
N LEU B 1102 8.26 -10.41 -30.46
CA LEU B 1102 7.63 -9.17 -29.98
C LEU B 1102 6.10 -9.24 -29.89
N GLY B 1103 5.51 -10.34 -30.37
CA GLY B 1103 4.08 -10.50 -30.43
C GLY B 1103 3.44 -9.96 -31.70
N LEU B 1104 4.27 -9.59 -32.68
CA LEU B 1104 3.80 -9.20 -34.00
C LEU B 1104 3.75 -10.42 -34.93
N THR B 1105 2.65 -10.56 -35.67
CA THR B 1105 2.45 -11.65 -36.60
C THR B 1105 2.53 -11.10 -38.02
N LEU B 1106 3.63 -11.40 -38.71
CA LEU B 1106 3.84 -11.05 -40.11
C LEU B 1106 3.62 -12.30 -40.95
N LYS B 1107 3.05 -12.12 -42.15
CA LYS B 1107 2.93 -13.17 -43.15
C LYS B 1107 3.17 -12.59 -44.54
N TRP B 1108 3.92 -13.32 -45.37
CA TRP B 1108 4.13 -12.98 -46.77
C TRP B 1108 3.55 -14.07 -47.65
N GLN B 1109 3.33 -13.72 -48.93
CA GLN B 1109 3.07 -14.68 -49.99
C GLN B 1109 4.23 -14.62 -50.97
N MET B 1110 4.61 -15.79 -51.49
CA MET B 1110 5.71 -15.93 -52.43
C MET B 1110 5.13 -16.13 -53.84
N LYS B 1111 5.46 -15.20 -54.74
CA LYS B 1111 5.09 -15.26 -56.15
C LYS B 1111 6.29 -14.85 -56.99
N ASP B 1112 6.57 -15.63 -58.04
CA ASP B 1112 7.71 -15.41 -58.92
C ASP B 1112 9.00 -15.20 -58.12
N HIS B 1113 9.18 -16.04 -57.09
CA HIS B 1113 10.35 -16.01 -56.21
C HIS B 1113 10.54 -14.71 -55.40
N LEU B 1114 9.45 -13.96 -55.20
CA LEU B 1114 9.46 -12.69 -54.47
C LEU B 1114 8.37 -12.63 -53.41
N LEU B 1115 8.75 -12.29 -52.19
CA LEU B 1115 7.83 -12.03 -51.08
C LEU B 1115 7.00 -10.80 -51.39
N GLN B 1116 5.71 -10.85 -51.05
CA GLN B 1116 4.77 -9.75 -51.26
C GLN B 1116 3.50 -9.96 -50.45
N ASP B 1117 2.61 -8.96 -50.51
CA ASP B 1117 1.33 -8.97 -49.79
C ASP B 1117 1.53 -9.20 -48.31
N ALA B 1118 2.48 -8.46 -47.74
CA ALA B 1118 2.77 -8.50 -46.33
C ALA B 1118 1.51 -8.13 -45.57
N THR B 1119 1.14 -8.98 -44.60
CA THR B 1119 0.05 -8.70 -43.68
C THR B 1119 0.59 -8.69 -42.25
N ILE B 1120 -0.07 -7.88 -41.41
CA ILE B 1120 0.30 -7.70 -40.01
C ILE B 1120 -0.93 -7.86 -39.12
N THR B 1121 -0.77 -8.67 -38.07
CA THR B 1121 -1.66 -8.64 -36.92
C THR B 1121 -0.80 -8.87 -35.69
N GLN B 1122 -1.43 -9.15 -34.54
CA GLN B 1122 -0.73 -9.45 -33.30
C GLN B 1122 -1.27 -10.70 -32.64
N ALA B 1123 -0.42 -11.33 -31.83
CA ALA B 1123 -0.78 -12.47 -31.01
C ALA B 1123 -1.30 -11.89 -29.69
N ALA B 1124 -2.59 -12.10 -29.44
CA ALA B 1124 -3.24 -11.58 -28.25
C ALA B 1124 -2.74 -12.35 -27.05
N ILE B 1125 -2.68 -11.65 -25.90
CA ILE B 1125 -2.35 -12.25 -24.62
C ILE B 1125 -3.64 -12.80 -24.06
N LYS B 1126 -3.63 -14.13 -23.82
CA LYS B 1126 -4.82 -14.84 -23.38
C LYS B 1126 -4.86 -14.90 -21.86
N HIS B 1127 -5.83 -14.19 -21.28
CA HIS B 1127 -6.12 -14.26 -19.85
C HIS B 1127 -7.15 -15.34 -19.62
N LEU B 1128 -7.06 -16.00 -18.45
CA LEU B 1128 -8.02 -17.00 -18.01
C LEU B 1128 -8.12 -18.12 -19.04
N ASP B 1129 -6.96 -18.72 -19.36
CA ASP B 1129 -6.79 -19.67 -20.45
C ASP B 1129 -7.68 -20.91 -20.32
N LYS B 1130 -7.51 -21.65 -19.22
CA LYS B 1130 -8.25 -22.90 -18.99
C LYS B 1130 -9.41 -22.72 -18.01
N VAL B 1131 -9.85 -21.47 -17.84
CA VAL B 1131 -10.92 -21.10 -16.93
C VAL B 1131 -12.23 -21.08 -17.71
N ARG B 1132 -13.25 -21.73 -17.15
CA ARG B 1132 -14.60 -21.84 -17.76
C ARG B 1132 -15.57 -20.95 -16.99
N LEU B 1133 -16.56 -20.36 -17.68
CA LEU B 1133 -17.66 -19.66 -17.06
C LEU B 1133 -18.46 -20.66 -16.24
N THR B 1134 -19.04 -20.18 -15.12
CA THR B 1134 -19.90 -20.99 -14.27
C THR B 1134 -21.17 -21.42 -15.02
N VAL B 1135 -21.60 -20.58 -15.97
CA VAL B 1135 -22.78 -20.84 -16.80
C VAL B 1135 -22.46 -21.69 -18.04
N GLY B 1136 -21.18 -22.00 -18.24
CA GLY B 1136 -20.72 -22.72 -19.42
C GLY B 1136 -20.04 -21.78 -20.41
N GLY B 1137 -19.10 -22.32 -21.19
CA GLY B 1137 -18.39 -21.56 -22.21
C GLY B 1137 -16.98 -21.18 -21.77
N PRO B 1138 -16.04 -20.96 -22.72
CA PRO B 1138 -14.64 -20.67 -22.41
C PRO B 1138 -14.26 -19.66 -21.31
N ALA B 1139 -14.79 -18.43 -21.35
CA ALA B 1139 -14.46 -17.36 -20.38
C ALA B 1139 -13.25 -16.53 -20.71
N ALA B 1140 -12.48 -16.93 -21.73
CA ALA B 1140 -11.19 -16.29 -22.01
C ALA B 1140 -11.39 -14.83 -22.43
N VAL B 1141 -10.55 -13.95 -21.88
CA VAL B 1141 -10.47 -12.57 -22.32
C VAL B 1141 -9.11 -12.40 -22.95
N THR B 1142 -9.05 -11.65 -24.05
CA THR B 1142 -7.82 -11.39 -24.77
C THR B 1142 -7.45 -9.92 -24.60
N GLU B 1143 -6.14 -9.66 -24.47
CA GLU B 1143 -5.59 -8.32 -24.34
C GLU B 1143 -4.66 -8.09 -25.50
N ALA B 1144 -4.80 -6.93 -26.14
CA ALA B 1144 -3.89 -6.48 -27.19
C ALA B 1144 -2.69 -5.79 -26.58
N ARG B 1145 -1.49 -6.17 -27.04
CA ARG B 1145 -0.20 -5.53 -26.69
C ARG B 1145 -0.13 -4.15 -27.36
N PHE B 1146 -0.63 -4.07 -28.60
CA PHE B 1146 -0.39 -2.93 -29.48
C PHE B 1146 -1.69 -2.27 -29.92
N SER B 1147 -1.61 -0.97 -30.17
CA SER B 1147 -2.69 -0.18 -30.75
C SER B 1147 -2.75 -0.46 -32.24
N GLN B 1148 -3.90 -0.16 -32.83
CA GLN B 1148 -4.06 -0.26 -34.29
C GLN B 1148 -3.18 0.76 -35.01
N ASP B 1149 -2.94 1.91 -34.36
CA ASP B 1149 -2.01 2.92 -34.86
C ASP B 1149 -0.63 2.33 -35.15
N TYR B 1150 -0.09 1.57 -34.19
CA TYR B 1150 1.25 0.94 -34.29
C TYR B 1150 1.24 -0.17 -35.35
N LEU B 1151 0.23 -1.05 -35.33
CA LEU B 1151 0.11 -2.12 -36.33
C LEU B 1151 0.12 -1.54 -37.75
N GLN B 1152 -0.59 -0.43 -37.94
CA GLN B 1152 -0.64 0.28 -39.23
C GLN B 1152 0.74 0.77 -39.66
N MET B 1153 1.50 1.32 -38.70
CA MET B 1153 2.87 1.77 -38.96
C MET B 1153 3.78 0.61 -39.39
N VAL B 1154 3.67 -0.52 -38.66
CA VAL B 1154 4.45 -1.73 -38.96
C VAL B 1154 4.13 -2.22 -40.37
N ALA B 1155 2.83 -2.29 -40.69
CA ALA B 1155 2.38 -2.71 -42.01
C ALA B 1155 2.99 -1.85 -43.10
N ALA B 1156 2.98 -0.53 -42.87
CA ALA B 1156 3.51 0.45 -43.83
C ALA B 1156 5.00 0.26 -44.18
N VAL B 1157 5.83 -0.07 -43.18
CA VAL B 1157 7.26 -0.29 -43.40
C VAL B 1157 7.56 -1.65 -44.05
N PHE B 1158 6.56 -2.55 -44.05
CA PHE B 1158 6.64 -3.80 -44.81
C PHE B 1158 5.83 -3.72 -46.11
N ASN B 1159 5.41 -2.50 -46.48
CA ASN B 1159 4.57 -2.26 -47.66
C ASN B 1159 3.38 -3.22 -47.71
N GLY B 1160 2.73 -3.37 -46.56
CA GLY B 1160 1.65 -4.32 -46.37
C GLY B 1160 0.43 -3.66 -45.76
N SER B 1161 -0.40 -4.46 -45.09
CA SER B 1161 -1.64 -3.99 -44.47
C SER B 1161 -1.94 -4.81 -43.22
N VAL B 1162 -2.80 -4.25 -42.36
CA VAL B 1162 -3.26 -4.93 -41.16
C VAL B 1162 -4.43 -5.83 -41.50
N GLN B 1163 -4.38 -7.07 -41.00
CA GLN B 1163 -5.44 -8.07 -41.19
C GLN B 1163 -5.66 -8.82 -39.87
N ASN B 1164 -6.53 -8.27 -39.01
CA ASN B 1164 -6.84 -8.86 -37.71
C ASN B 1164 -7.89 -9.97 -37.83
N PRO B 1165 -7.67 -11.17 -37.24
CA PRO B 1165 -8.64 -12.26 -37.35
C PRO B 1165 -9.95 -12.00 -36.59
N LYS B 1166 -11.05 -12.61 -37.05
CA LYS B 1166 -12.34 -12.61 -36.36
C LYS B 1166 -13.02 -13.95 -36.61
#